data_8WOR
#
_entry.id   8WOR
#
_cell.length_a   1.00
_cell.length_b   1.00
_cell.length_c   1.00
_cell.angle_alpha   90.00
_cell.angle_beta   90.00
_cell.angle_gamma   90.00
#
_symmetry.space_group_name_H-M   'P 1'
#
loop_
_entity.id
_entity.type
_entity.pdbx_description
1 polymer 'SID1 transmembrane family member 1'
2 branched 2-acetamido-2-deoxy-beta-D-glucopyranose-(1-4)-2-acetamido-2-deoxy-beta-D-glucopyranose
3 non-polymer 'ZINC ION'
4 non-polymer 'CALCIUM ION'
5 non-polymer 2-acetamido-2-deoxy-beta-D-glucopyranose
6 non-polymer CHOLESTEROL
7 non-polymer 'OLEIC ACID'
8 non-polymer 'OCTANOIC ACID (2-HYDROXY-1-HYDROXYMETHYL-HEPTADEC-3-ENYL)-AMIDE'
9 water water
#
_entity_poly.entity_id   1
_entity_poly.type   'polypeptide(L)'
_entity_poly.pdbx_seq_one_letter_code
;MRGCLRLALLCALPWLLLAASPGHPAKSPRQPPAPRRDPFDAARGADFDHVYSGVVNLSTENIYSFNYTSQPDQVTAVRV
YVNSSSENLNYPVLVVVRQQKEVLSWQVPLLFQGLYQRSYNYQEVSRTLCPSEATNETGPLQQLIFVDVASMAPLGAQYK
LLVTKLKHFQLRTNVAFHFTASPSQPQYFLYKFPKDVDSVIIKVVSEMAYPCSVVSVQNIMCPVYDLDHNVEFNGVYQSM
TKKAAITLQKKDFPGEQFFVVFVIKPEDYACGGSFFIQEKENQTWNLQRKKNLEVTIVPSIKESVYVKSSLFSVFIFLSF
YLGCLLVGFVHYLRFQRKSIDGSFGSNDGSGNMVASHPIAASTPEGSNYGTIDESSSSPGRQMSSSDGGPPGQSDTDSSV
EESDFDTMPDIESDKNIIRTKMFLYLSDLSRKDRRIVSKKYKIYFWNIITIAVFYALPVIQLVITYQTVVNVTGNQDICY
YNFLCAHPLGVLSAFNNILSNLGHVLLGFLFLLIVLRRDILHRRALEAKDIFAVEYGIPKHFGLFYAMGIALMMEGVLSA
CYHVCPNYSNFQFDTSFMYMIAGLCMLKLYQTRHPDINASAYSAYASFAVVIMVTVLGVVFGKNDVWFWVIFSAIHVLAS
LALSTQIYYMGRFKIDVSDTDLGIFRRAAMVFYTDCIQQCSRPLYMDRMVLLVVGNLVNWSFALFGLIYRPRDFASYMLG
IFICNLLLYLAFYIIMKLRSSEKVLPVPLFCIVATAVMWAAALYFFFQNLSSWEGTPAESREKNRECILLDFFDDHDIWH
FLSATALFFSFLVLLTLDDDLDVVRRDQIPVFSRENLYFQGSGWSHPQFEKGGGSGGGSGGSAWSHPQFEKGSDYKDDDD
K
;
_entity_poly.pdbx_strand_id   A,B
#
loop_
_chem_comp.id
_chem_comp.type
_chem_comp.name
_chem_comp.formula
CA non-polymer 'CALCIUM ION' 'Ca 2'
CLR non-polymer CHOLESTEROL 'C27 H46 O'
NAG D-saccharide, beta linking 2-acetamido-2-deoxy-beta-D-glucopyranose 'C8 H15 N O6'
OLA non-polymer 'OLEIC ACID' 'C18 H34 O2'
SPL non-polymer 'OCTANOIC ACID (2-HYDROXY-1-HYDROXYMETHYL-HEPTADEC-3-ENYL)-AMIDE' 'C26 H51 N O3'
ZN non-polymer 'ZINC ION' 'Zn 2'
#
# COMPACT_ATOMS: atom_id res chain seq x y z
N PRO A 35 -30.84 -23.84 41.37
CA PRO A 35 -30.25 -22.90 42.33
C PRO A 35 -31.02 -21.59 42.43
N ARG A 36 -31.96 -21.52 43.37
CA ARG A 36 -32.79 -20.33 43.54
C ARG A 36 -32.04 -19.30 44.38
N ARG A 37 -31.71 -18.16 43.78
CA ARG A 37 -31.05 -17.07 44.47
C ARG A 37 -31.80 -15.78 44.20
N ASP A 38 -31.98 -14.98 45.25
CA ASP A 38 -32.70 -13.72 45.15
C ASP A 38 -31.72 -12.57 45.20
N PRO A 39 -31.50 -11.85 44.09
CA PRO A 39 -30.54 -10.72 44.15
C PRO A 39 -30.95 -9.64 45.13
N PHE A 40 -32.25 -9.39 45.30
CA PHE A 40 -32.70 -8.32 46.18
C PHE A 40 -32.48 -8.65 47.65
N ASP A 41 -32.25 -9.92 48.00
CA ASP A 41 -32.06 -10.28 49.39
C ASP A 41 -30.84 -9.59 49.97
N ALA A 42 -29.73 -9.57 49.23
CA ALA A 42 -28.50 -8.93 49.66
C ALA A 42 -28.14 -7.71 48.83
N ALA A 43 -28.97 -7.32 47.87
CA ALA A 43 -28.70 -6.17 47.02
C ALA A 43 -28.90 -4.90 47.83
N ARG A 44 -27.83 -4.40 48.43
CA ARG A 44 -27.91 -3.16 49.19
C ARG A 44 -28.21 -2.00 48.28
N GLY A 45 -29.39 -1.41 48.41
CA GLY A 45 -29.73 -0.23 47.63
C GLY A 45 -28.71 0.86 47.86
N ALA A 46 -27.87 1.12 46.86
CA ALA A 46 -26.73 2.01 47.01
C ALA A 46 -27.06 3.40 46.50
N ASP A 47 -26.17 4.34 46.82
CA ASP A 47 -26.34 5.74 46.45
C ASP A 47 -25.20 6.18 45.54
N PHE A 48 -25.52 7.09 44.64
CA PHE A 48 -24.52 7.63 43.73
C PHE A 48 -23.55 8.54 44.48
N ASP A 49 -22.36 8.69 43.91
CA ASP A 49 -21.34 9.59 44.47
C ASP A 49 -20.99 9.23 45.91
N HIS A 50 -20.97 7.94 46.21
CA HIS A 50 -20.61 7.44 47.53
C HIS A 50 -19.59 6.33 47.38
N VAL A 51 -18.57 6.36 48.23
CA VAL A 51 -17.49 5.37 48.17
C VAL A 51 -17.83 4.23 49.12
N TYR A 52 -17.81 3.00 48.59
CA TYR A 52 -18.09 1.81 49.36
C TYR A 52 -16.82 0.98 49.46
N SER A 53 -16.39 0.67 50.68
CA SER A 53 -15.26 -0.21 50.90
C SER A 53 -15.78 -1.60 51.23
N GLY A 54 -14.97 -2.61 50.91
CA GLY A 54 -15.43 -3.97 51.17
C GLY A 54 -14.30 -4.97 51.09
N VAL A 55 -14.60 -6.17 51.60
CA VAL A 55 -13.70 -7.31 51.54
C VAL A 55 -14.49 -8.52 51.08
N VAL A 56 -13.96 -9.26 50.11
CA VAL A 56 -14.63 -10.42 49.56
C VAL A 56 -13.63 -11.55 49.39
N ASN A 57 -14.12 -12.78 49.55
CA ASN A 57 -13.29 -13.95 49.31
C ASN A 57 -14.19 -15.08 48.81
N LEU A 58 -13.67 -16.31 48.84
CA LEU A 58 -14.30 -17.43 48.13
C LEU A 58 -15.75 -17.64 48.57
N SER A 59 -16.07 -17.38 49.83
CA SER A 59 -17.40 -17.64 50.37
C SER A 59 -18.26 -16.39 50.47
N THR A 60 -17.82 -15.28 49.88
CA THR A 60 -18.56 -14.03 49.96
C THR A 60 -18.61 -13.35 48.61
N GLU A 61 -19.73 -12.71 48.31
CA GLU A 61 -19.92 -11.92 47.11
C GLU A 61 -20.76 -10.70 47.46
N ASN A 62 -20.42 -9.55 46.90
CA ASN A 62 -21.10 -8.31 47.24
C ASN A 62 -21.90 -7.82 46.05
N ILE A 63 -23.15 -7.42 46.29
CA ILE A 63 -24.05 -6.95 45.25
C ILE A 63 -24.60 -5.60 45.64
N TYR A 64 -24.55 -4.64 44.72
CA TYR A 64 -25.11 -3.32 44.90
C TYR A 64 -26.12 -3.04 43.80
N SER A 65 -27.24 -2.43 44.17
CA SER A 65 -28.31 -2.11 43.23
C SER A 65 -28.46 -0.60 43.14
N PHE A 66 -28.16 -0.05 41.97
CA PHE A 66 -28.33 1.37 41.70
C PHE A 66 -29.58 1.59 40.85
N ASN A 67 -30.22 2.74 41.04
CA ASN A 67 -31.54 2.99 40.49
C ASN A 67 -31.63 4.46 40.11
N TYR A 68 -32.15 4.75 38.91
CA TYR A 68 -32.29 6.13 38.49
C TYR A 68 -33.39 6.23 37.44
N THR A 69 -33.60 7.45 36.95
CA THR A 69 -34.62 7.72 35.94
C THR A 69 -34.03 8.62 34.86
N SER A 70 -34.44 8.39 33.63
CA SER A 70 -34.00 9.18 32.48
C SER A 70 -35.19 9.94 31.93
N GLN A 71 -35.06 11.27 31.87
CA GLN A 71 -36.07 12.15 31.30
C GLN A 71 -35.88 12.26 29.79
N PRO A 72 -36.93 12.63 29.07
CA PRO A 72 -36.80 12.81 27.62
C PRO A 72 -35.85 13.95 27.30
N ASP A 73 -35.42 13.97 26.04
CA ASP A 73 -34.50 14.99 25.51
C ASP A 73 -33.37 15.29 26.49
N GLN A 74 -32.80 14.24 27.10
CA GLN A 74 -31.67 14.41 28.01
C GLN A 74 -30.91 13.10 28.07
N VAL A 75 -29.58 13.19 28.00
CA VAL A 75 -28.70 12.02 27.97
C VAL A 75 -27.95 11.95 29.29
N THR A 76 -28.01 10.81 29.95
CA THR A 76 -27.34 10.57 31.22
C THR A 76 -26.40 9.39 31.07
N ALA A 77 -25.14 9.57 31.48
CA ALA A 77 -24.14 8.52 31.42
C ALA A 77 -23.66 8.20 32.83
N VAL A 78 -23.41 6.93 33.09
CA VAL A 78 -22.98 6.44 34.39
C VAL A 78 -21.56 5.93 34.28
N ARG A 79 -20.75 6.24 35.27
CA ARG A 79 -19.35 5.83 35.30
C ARG A 79 -19.06 5.06 36.58
N VAL A 80 -18.33 3.95 36.44
CA VAL A 80 -18.03 3.04 37.52
C VAL A 80 -16.53 3.08 37.77
N TYR A 81 -16.14 3.08 39.05
CA TYR A 81 -14.75 3.17 39.49
CA TYR A 81 -14.76 3.17 39.47
C TYR A 81 -14.49 2.09 40.51
N VAL A 82 -13.36 1.40 40.36
CA VAL A 82 -12.96 0.33 41.28
C VAL A 82 -11.47 0.46 41.58
N ASN A 83 -11.13 0.44 42.86
CA ASN A 83 -9.76 0.37 43.36
C ASN A 83 -9.53 -0.97 44.03
N SER A 84 -8.32 -1.50 43.87
CA SER A 84 -7.89 -2.68 44.59
C SER A 84 -6.38 -2.63 44.75
N SER A 85 -5.89 -3.05 45.90
CA SER A 85 -4.46 -3.03 46.16
C SER A 85 -3.73 -4.01 45.26
N SER A 86 -2.40 -4.02 45.34
CA SER A 86 -1.57 -4.77 44.41
C SER A 86 -1.26 -6.18 44.89
N GLU A 87 -1.38 -6.46 46.19
CA GLU A 87 -1.09 -7.80 46.69
C GLU A 87 -1.98 -8.85 46.03
N ASN A 88 -3.16 -8.46 45.55
CA ASN A 88 -4.06 -9.39 44.85
C ASN A 88 -3.54 -9.56 43.43
N LEU A 89 -2.51 -10.40 43.29
CA LEU A 89 -1.92 -10.72 41.99
C LEU A 89 -2.41 -12.06 41.46
N ASN A 90 -2.34 -13.12 42.27
CA ASN A 90 -2.89 -14.40 41.87
C ASN A 90 -4.39 -14.49 42.10
N TYR A 91 -4.96 -13.59 42.88
CA TYR A 91 -6.38 -13.62 43.23
C TYR A 91 -6.97 -12.22 43.05
N PRO A 92 -7.16 -11.79 41.80
CA PRO A 92 -7.74 -10.47 41.55
C PRO A 92 -9.18 -10.38 42.01
N VAL A 93 -9.77 -9.19 41.88
CA VAL A 93 -11.17 -8.97 42.20
C VAL A 93 -11.95 -8.85 40.89
N LEU A 94 -12.98 -9.66 40.74
CA LEU A 94 -13.78 -9.70 39.52
C LEU A 94 -15.02 -8.83 39.70
N VAL A 95 -15.27 -7.96 38.72
CA VAL A 95 -16.36 -6.99 38.78
C VAL A 95 -17.27 -7.23 37.58
N VAL A 96 -18.57 -7.28 37.84
CA VAL A 96 -19.59 -7.50 36.81
C VAL A 96 -20.65 -6.42 36.95
N VAL A 97 -21.05 -5.83 35.83
CA VAL A 97 -22.09 -4.81 35.78
C VAL A 97 -23.21 -5.30 34.88
N ARG A 98 -24.43 -5.29 35.40
CA ARG A 98 -25.60 -5.80 34.69
C ARG A 98 -26.62 -4.70 34.50
N GLN A 99 -27.03 -4.49 33.26
CA GLN A 99 -28.14 -3.63 32.90
C GLN A 99 -29.22 -4.47 32.22
N GLN A 100 -30.25 -3.81 31.70
CA GLN A 100 -31.37 -4.54 31.11
C GLN A 100 -30.95 -5.34 29.89
N LYS A 101 -30.17 -4.74 29.00
CA LYS A 101 -29.82 -5.38 27.73
C LYS A 101 -28.32 -5.55 27.54
N GLU A 102 -27.52 -5.46 28.60
CA GLU A 102 -26.09 -5.57 28.45
C GLU A 102 -25.46 -6.09 29.74
N VAL A 103 -24.30 -6.71 29.58
CA VAL A 103 -23.50 -7.17 30.70
C VAL A 103 -22.03 -6.85 30.41
N LEU A 104 -21.34 -6.32 31.41
CA LEU A 104 -19.95 -5.93 31.27
C LEU A 104 -19.17 -6.54 32.43
N SER A 105 -17.88 -6.81 32.21
CA SER A 105 -17.11 -7.43 33.26
C SER A 105 -15.64 -7.12 33.08
N TRP A 106 -14.90 -7.20 34.19
CA TRP A 106 -13.45 -7.05 34.13
C TRP A 106 -12.86 -7.46 35.48
N GLN A 107 -11.56 -7.28 35.63
CA GLN A 107 -10.86 -7.68 36.84
C GLN A 107 -9.89 -6.58 37.26
N VAL A 108 -9.60 -6.54 38.55
CA VAL A 108 -8.66 -5.58 39.12
C VAL A 108 -7.65 -6.32 39.98
N PRO A 109 -6.35 -6.08 39.81
CA PRO A 109 -5.71 -5.13 38.89
C PRO A 109 -5.69 -5.59 37.44
N LEU A 110 -5.87 -4.67 36.50
CA LEU A 110 -5.76 -4.99 35.09
C LEU A 110 -4.33 -5.38 34.73
N LEU A 111 -4.20 -6.34 33.82
CA LEU A 111 -2.92 -6.85 33.37
C LEU A 111 -2.72 -6.54 31.88
N PHE A 112 -1.53 -6.07 31.54
CA PHE A 112 -1.17 -5.75 30.16
C PHE A 112 0.12 -6.48 29.81
N GLN A 113 0.16 -7.03 28.59
CA GLN A 113 1.34 -7.71 28.08
C GLN A 113 2.18 -6.74 27.25
N GLY A 114 3.49 -6.80 27.45
CA GLY A 114 4.42 -5.96 26.73
C GLY A 114 4.80 -6.53 25.38
N LEU A 115 5.83 -5.93 24.78
CA LEU A 115 6.32 -6.35 23.48
C LEU A 115 7.52 -7.27 23.55
N TYR A 116 8.32 -7.18 24.60
CA TYR A 116 9.51 -8.02 24.73
C TYR A 116 9.44 -8.85 26.01
N GLN A 117 8.27 -9.44 26.28
CA GLN A 117 8.06 -10.27 27.47
C GLN A 117 8.12 -9.43 28.74
N ARG A 118 7.28 -8.40 28.78
CA ARG A 118 7.09 -7.59 29.97
C ARG A 118 5.60 -7.44 30.25
N SER A 119 5.28 -7.30 31.53
CA SER A 119 3.90 -7.21 31.98
C SER A 119 3.73 -6.01 32.90
N TYR A 120 2.55 -5.38 32.81
CA TYR A 120 2.21 -4.25 33.63
C TYR A 120 0.89 -4.51 34.34
N ASN A 121 0.73 -3.93 35.52
CA ASN A 121 -0.49 -4.10 36.30
C ASN A 121 -0.97 -2.74 36.78
N TYR A 122 -2.28 -2.50 36.64
CA TYR A 122 -2.92 -1.26 37.02
C TYR A 122 -3.94 -1.54 38.11
N GLN A 123 -4.00 -0.68 39.12
CA GLN A 123 -4.81 -0.93 40.31
C GLN A 123 -5.99 0.02 40.45
N GLU A 124 -6.44 0.63 39.35
CA GLU A 124 -7.60 1.50 39.37
C GLU A 124 -8.27 1.45 38.01
N VAL A 125 -9.54 1.09 37.97
CA VAL A 125 -10.24 0.87 36.70
C VAL A 125 -11.54 1.66 36.72
N SER A 126 -11.86 2.26 35.57
CA SER A 126 -13.10 3.01 35.42
C SER A 126 -13.69 2.72 34.05
N ARG A 127 -15.02 2.83 33.96
CA ARG A 127 -15.72 2.55 32.72
C ARG A 127 -17.03 3.32 32.66
N THR A 128 -17.39 3.77 31.46
CA THR A 128 -18.66 4.44 31.21
C THR A 128 -19.62 3.47 30.55
N LEU A 129 -20.83 3.37 31.10
CA LEU A 129 -21.84 2.46 30.58
C LEU A 129 -22.59 3.10 29.44
N CYS A 130 -22.81 2.34 28.37
CA CYS A 130 -23.37 2.88 27.14
C CYS A 130 -24.75 3.47 27.41
N PRO A 131 -24.97 4.75 27.13
CA PRO A 131 -26.27 5.36 27.45
C PRO A 131 -27.36 4.90 26.52
N SER A 132 -28.60 5.14 26.96
CA SER A 132 -29.80 4.82 26.19
C SER A 132 -30.76 6.00 26.31
N GLU A 133 -30.80 6.82 25.26
CA GLU A 133 -31.60 8.04 25.31
C GLU A 133 -33.09 7.72 25.38
N ALA A 134 -33.84 8.63 25.99
CA ALA A 134 -35.28 8.51 26.12
C ALA A 134 -35.96 9.61 25.32
N THR A 135 -36.89 9.23 24.46
CA THR A 135 -37.62 10.16 23.63
C THR A 135 -38.91 10.61 24.31
N ASN A 136 -39.46 11.72 23.83
CA ASN A 136 -40.72 12.21 24.37
C ASN A 136 -41.84 11.20 24.18
N GLU A 137 -41.89 10.56 23.00
CA GLU A 137 -42.89 9.53 22.78
C GLU A 137 -42.70 8.36 23.75
N THR A 138 -41.45 7.95 23.97
CA THR A 138 -41.18 6.88 24.92
C THR A 138 -41.55 7.29 26.35
N GLY A 139 -41.24 8.53 26.73
CA GLY A 139 -41.49 8.99 28.06
C GLY A 139 -40.35 8.67 29.00
N PRO A 140 -40.36 9.26 30.20
CA PRO A 140 -39.29 8.98 31.16
C PRO A 140 -39.20 7.48 31.44
N LEU A 141 -37.97 6.99 31.58
CA LEU A 141 -37.72 5.57 31.74
C LEU A 141 -36.97 5.31 33.04
N GLN A 142 -37.46 4.35 33.82
CA GLN A 142 -36.75 3.92 35.02
C GLN A 142 -35.65 2.94 34.63
N GLN A 143 -34.46 3.12 35.21
CA GLN A 143 -33.31 2.29 34.89
C GLN A 143 -32.74 1.70 36.17
N LEU A 144 -32.44 0.40 36.11
CA LEU A 144 -31.86 -0.35 37.22
C LEU A 144 -30.52 -0.89 36.78
N ILE A 145 -29.57 -0.96 37.72
CA ILE A 145 -28.22 -1.41 37.44
C ILE A 145 -27.74 -2.25 38.61
N PHE A 146 -27.00 -3.32 38.33
CA PHE A 146 -26.46 -4.18 39.36
C PHE A 146 -24.95 -4.27 39.24
N VAL A 147 -24.25 -4.20 40.36
CA VAL A 147 -22.81 -4.33 40.41
C VAL A 147 -22.46 -5.48 41.34
N ASP A 148 -21.71 -6.45 40.84
CA ASP A 148 -21.31 -7.62 41.61
C ASP A 148 -19.79 -7.66 41.71
N VAL A 149 -19.30 -7.82 42.93
CA VAL A 149 -17.87 -7.91 43.21
C VAL A 149 -17.61 -9.26 43.86
N ALA A 150 -16.65 -10.01 43.32
CA ALA A 150 -16.35 -11.34 43.81
C ALA A 150 -14.86 -11.60 43.74
N SER A 151 -14.43 -12.67 44.38
CA SER A 151 -13.02 -13.07 44.34
C SER A 151 -12.90 -14.50 44.85
N MET A 152 -11.81 -15.15 44.48
CA MET A 152 -11.51 -16.50 44.95
C MET A 152 -10.32 -16.51 45.90
N ALA A 153 -10.01 -15.38 46.53
CA ALA A 153 -8.90 -15.33 47.46
C ALA A 153 -9.20 -16.24 48.66
N PRO A 154 -8.20 -16.94 49.17
CA PRO A 154 -8.45 -17.87 50.29
C PRO A 154 -8.67 -17.13 51.60
N LEU A 155 -8.00 -15.99 51.77
CA LEU A 155 -8.10 -15.21 53.01
C LEU A 155 -9.05 -14.03 52.85
N GLY A 156 -8.81 -13.17 51.87
CA GLY A 156 -9.67 -12.03 51.64
C GLY A 156 -9.04 -10.97 50.76
N ALA A 157 -9.85 -10.32 49.94
CA ALA A 157 -9.39 -9.27 49.03
C ALA A 157 -10.17 -8.00 49.30
N GLN A 158 -9.46 -6.88 49.44
CA GLN A 158 -10.07 -5.59 49.73
C GLN A 158 -10.31 -4.82 48.44
N TYR A 159 -11.40 -4.06 48.44
CA TYR A 159 -11.77 -3.29 47.25
C TYR A 159 -12.48 -2.01 47.68
N LYS A 160 -12.45 -1.04 46.79
CA LYS A 160 -13.21 0.20 46.95
C LYS A 160 -13.96 0.48 45.66
N LEU A 161 -15.20 0.94 45.78
CA LEU A 161 -16.07 1.13 44.63
C LEU A 161 -16.74 2.49 44.70
N LEU A 162 -16.99 3.08 43.53
CA LEU A 162 -17.65 4.38 43.47
C LEU A 162 -18.33 4.53 42.11
N VAL A 163 -19.63 4.78 42.12
CA VAL A 163 -20.41 4.93 40.90
C VAL A 163 -21.01 6.33 40.88
N THR A 164 -20.86 7.02 39.74
CA THR A 164 -21.30 8.40 39.62
C THR A 164 -22.00 8.62 38.29
N LYS A 165 -22.66 9.77 38.19
CA LYS A 165 -23.19 10.27 36.93
C LYS A 165 -22.20 11.23 36.30
N LEU A 166 -22.32 11.41 34.99
CA LEU A 166 -21.45 12.31 34.24
C LEU A 166 -22.22 13.60 33.93
N LYS A 167 -21.78 14.70 34.52
CA LYS A 167 -22.41 15.98 34.25
C LYS A 167 -22.04 16.50 32.87
N HIS A 168 -20.78 16.37 32.49
CA HIS A 168 -20.29 16.84 31.20
C HIS A 168 -20.05 15.62 30.31
N PHE A 169 -21.08 15.27 29.53
CA PHE A 169 -21.02 14.17 28.59
C PHE A 169 -21.20 14.64 27.15
N GLN A 170 -22.17 15.51 26.90
CA GLN A 170 -22.38 16.04 25.57
C GLN A 170 -21.41 17.17 25.29
N LEU A 171 -20.90 17.22 24.07
CA LEU A 171 -19.93 18.23 23.66
C LEU A 171 -20.63 19.34 22.88
N ARG A 172 -20.09 20.56 23.01
CA ARG A 172 -20.64 21.74 22.36
C ARG A 172 -19.68 22.23 21.27
N THR A 173 -20.24 23.02 20.35
CA THR A 173 -19.47 23.53 19.23
C THR A 173 -18.59 24.69 19.66
N ASN A 174 -17.31 24.65 19.30
CA ASN A 174 -16.34 25.72 19.51
C ASN A 174 -15.91 25.86 20.97
N VAL A 175 -16.42 25.02 21.85
CA VAL A 175 -16.09 25.10 23.28
C VAL A 175 -15.09 24.00 23.60
N ALA A 176 -13.88 24.39 23.99
CA ALA A 176 -12.86 23.43 24.36
C ALA A 176 -13.23 22.71 25.65
N PHE A 177 -12.86 21.44 25.73
CA PHE A 177 -13.11 20.63 26.92
C PHE A 177 -11.83 19.89 27.30
N HIS A 178 -11.51 19.92 28.59
CA HIS A 178 -10.31 19.27 29.12
C HIS A 178 -10.70 17.99 29.86
N PHE A 179 -9.83 17.00 29.83
CA PHE A 179 -10.04 15.79 30.62
C PHE A 179 -8.73 15.03 30.72
N THR A 180 -8.79 13.89 31.40
CA THR A 180 -7.62 13.04 31.64
C THR A 180 -7.99 11.60 31.35
N ALA A 181 -7.03 10.84 30.82
CA ALA A 181 -7.25 9.45 30.48
C ALA A 181 -6.07 8.61 30.95
N SER A 182 -6.30 7.31 31.07
CA SER A 182 -5.30 6.36 31.53
C SER A 182 -5.41 5.09 30.71
N PRO A 183 -4.38 4.26 30.70
CA PRO A 183 -4.47 3.00 29.96
C PRO A 183 -5.57 2.08 30.46
N SER A 184 -6.01 2.24 31.70
CA SER A 184 -7.09 1.45 32.26
C SER A 184 -8.36 2.26 32.53
N GLN A 185 -8.42 3.50 32.06
CA GLN A 185 -9.58 4.37 32.24
C GLN A 185 -9.87 5.10 30.94
N PRO A 186 -10.32 4.38 29.92
CA PRO A 186 -10.64 5.03 28.64
C PRO A 186 -11.80 5.99 28.80
N GLN A 187 -11.94 6.89 27.83
CA GLN A 187 -12.99 7.90 27.91
C GLN A 187 -13.73 8.00 26.58
N TYR A 188 -14.95 8.52 26.64
CA TYR A 188 -15.65 8.83 25.39
C TYR A 188 -16.84 9.72 25.69
N PHE A 189 -17.20 10.52 24.69
CA PHE A 189 -18.22 11.56 24.82
C PHE A 189 -19.12 11.52 23.59
N LEU A 190 -20.21 12.27 23.68
CA LEU A 190 -21.24 12.31 22.63
C LEU A 190 -21.28 13.70 22.00
N TYR A 191 -21.47 13.74 20.68
CA TYR A 191 -21.67 14.98 19.96
C TYR A 191 -22.88 14.86 19.05
N LYS A 192 -23.66 15.93 18.97
CA LYS A 192 -24.85 15.99 18.13
C LYS A 192 -24.65 17.07 17.07
N PHE A 193 -24.93 16.73 15.82
CA PHE A 193 -24.75 17.69 14.73
C PHE A 193 -25.77 18.82 14.84
N PRO A 194 -25.35 20.07 14.84
CA PRO A 194 -26.31 21.18 14.77
C PRO A 194 -27.10 21.15 13.48
N LYS A 195 -28.26 21.82 13.51
CA LYS A 195 -29.17 21.75 12.36
C LYS A 195 -28.53 22.33 11.10
N ASP A 196 -27.80 23.44 11.24
CA ASP A 196 -27.25 24.13 10.08
C ASP A 196 -25.91 23.57 9.62
N VAL A 197 -25.04 23.18 10.56
CA VAL A 197 -23.71 22.71 10.19
C VAL A 197 -23.81 21.46 9.34
N ASP A 198 -22.89 21.33 8.39
CA ASP A 198 -22.86 20.18 7.50
C ASP A 198 -21.59 19.35 7.60
N SER A 199 -20.53 19.91 8.17
CA SER A 199 -19.28 19.18 8.35
C SER A 199 -18.52 19.80 9.50
N VAL A 200 -17.77 18.98 10.23
CA VAL A 200 -17.07 19.44 11.42
C VAL A 200 -15.66 18.85 11.44
N ILE A 201 -14.83 19.43 12.30
CA ILE A 201 -13.46 18.98 12.52
C ILE A 201 -13.24 18.84 14.01
N ILE A 202 -12.74 17.68 14.43
CA ILE A 202 -12.36 17.42 15.82
C ILE A 202 -10.86 17.63 15.93
N LYS A 203 -10.46 18.56 16.80
CA LYS A 203 -9.06 18.85 17.06
C LYS A 203 -8.75 18.47 18.50
N VAL A 204 -7.78 17.58 18.67
CA VAL A 204 -7.35 17.11 19.98
C VAL A 204 -5.89 17.50 20.17
N VAL A 205 -5.60 18.11 21.32
CA VAL A 205 -4.28 18.64 21.60
C VAL A 205 -3.86 18.23 23.02
N SER A 206 -2.58 17.88 23.15
CA SER A 206 -1.98 17.61 24.44
C SER A 206 -0.67 18.39 24.54
N GLU A 207 -0.23 18.60 25.77
CA GLU A 207 0.98 19.39 26.03
C GLU A 207 2.23 18.54 26.16
N MET A 208 2.14 17.24 25.91
CA MET A 208 3.29 16.36 26.01
C MET A 208 2.92 14.99 25.44
N ALA A 209 3.86 14.39 24.73
CA ALA A 209 3.68 13.03 24.21
C ALA A 209 4.04 12.03 25.30
N TYR A 210 4.06 10.74 24.95
CA TYR A 210 4.58 9.73 25.87
C TYR A 210 3.88 9.84 27.22
N PRO A 211 2.66 9.30 27.35
CA PRO A 211 2.03 8.27 26.52
C PRO A 211 1.39 8.76 25.23
N CYS A 212 1.25 7.84 24.28
CA CYS A 212 0.58 8.09 23.02
C CYS A 212 -0.73 7.30 22.98
N SER A 213 -1.75 7.89 22.38
CA SER A 213 -3.10 7.34 22.47
C SER A 213 -3.72 7.21 21.09
N VAL A 214 -4.98 6.78 21.08
CA VAL A 214 -5.77 6.60 19.87
C VAL A 214 -7.09 7.34 20.06
N VAL A 215 -7.48 8.10 19.04
CA VAL A 215 -8.75 8.82 19.01
C VAL A 215 -9.61 8.19 17.94
N SER A 216 -10.84 7.84 18.29
CA SER A 216 -11.74 7.13 17.39
C SER A 216 -13.09 7.81 17.35
N VAL A 217 -13.75 7.72 16.20
CA VAL A 217 -15.10 8.24 16.01
C VAL A 217 -15.98 7.08 15.57
N GLN A 218 -17.10 6.88 16.27
CA GLN A 218 -18.00 5.78 16.02
C GLN A 218 -19.44 6.27 16.09
N ASN A 219 -20.37 5.40 15.69
CA ASN A 219 -21.78 5.74 15.67
C ASN A 219 -22.40 5.49 17.04
N ILE A 220 -23.71 5.75 17.14
CA ILE A 220 -24.37 5.79 18.44
C ILE A 220 -24.71 4.40 18.96
N MET A 221 -25.00 3.47 18.06
CA MET A 221 -25.49 2.16 18.47
C MET A 221 -24.49 1.47 19.40
N CYS A 222 -24.99 0.96 20.52
CA CYS A 222 -24.14 0.22 21.44
C CYS A 222 -23.87 -1.18 20.90
N PRO A 223 -22.79 -1.82 21.36
CA PRO A 223 -21.83 -1.38 22.37
C PRO A 223 -20.79 -0.44 21.81
N VAL A 224 -20.01 0.21 22.67
CA VAL A 224 -18.93 1.11 22.26
C VAL A 224 -17.61 0.40 22.49
N TYR A 225 -16.78 0.34 21.44
CA TYR A 225 -15.50 -0.33 21.51
C TYR A 225 -14.46 0.65 21.99
N ASP A 226 -14.09 0.56 23.27
CA ASP A 226 -13.17 1.49 23.89
C ASP A 226 -12.03 0.77 24.60
N LEU A 227 -11.62 -0.37 24.06
CA LEU A 227 -10.52 -1.14 24.62
C LEU A 227 -9.38 -1.21 23.62
N ASP A 228 -8.18 -1.53 24.13
CA ASP A 228 -7.00 -1.55 23.29
C ASP A 228 -7.14 -2.50 22.11
N HIS A 229 -7.92 -3.58 22.28
CA HIS A 229 -7.96 -4.65 21.30
C HIS A 229 -9.18 -4.58 20.37
N ASN A 230 -10.06 -3.59 20.54
CA ASN A 230 -11.21 -3.50 19.66
C ASN A 230 -11.55 -2.06 19.26
N VAL A 231 -10.71 -1.09 19.59
CA VAL A 231 -11.02 0.29 19.24
C VAL A 231 -10.94 0.52 17.74
N GLU A 232 -9.97 -0.12 17.08
CA GLU A 232 -9.75 0.07 15.66
C GLU A 232 -10.55 -0.93 14.84
N PHE A 233 -11.85 -0.94 15.05
CA PHE A 233 -12.68 -1.94 14.37
C PHE A 233 -13.85 -1.34 13.60
N ASN A 234 -14.46 -0.27 14.11
CA ASN A 234 -15.71 0.23 13.54
C ASN A 234 -15.57 1.60 12.89
N GLY A 235 -15.11 2.60 13.63
CA GLY A 235 -15.15 3.98 13.19
C GLY A 235 -13.90 4.42 12.47
N VAL A 236 -13.59 5.71 12.59
CA VAL A 236 -12.40 6.29 11.98
C VAL A 236 -11.47 6.72 13.11
N TYR A 237 -10.21 6.31 13.03
CA TYR A 237 -9.30 6.47 14.15
C TYR A 237 -7.96 7.04 13.69
N GLN A 238 -7.29 7.70 14.63
CA GLN A 238 -5.96 8.26 14.43
C GLN A 238 -5.14 8.06 15.69
N SER A 239 -3.89 7.63 15.51
CA SER A 239 -2.94 7.58 16.61
C SER A 239 -2.32 8.95 16.80
N MET A 240 -2.12 9.34 18.06
CA MET A 240 -1.70 10.69 18.38
C MET A 240 -0.76 10.69 19.57
N THR A 241 0.13 11.69 19.57
CA THR A 241 0.97 12.01 20.73
C THR A 241 0.73 13.42 21.23
N LYS A 242 0.65 14.40 20.33
CA LYS A 242 0.41 15.78 20.74
C LYS A 242 -0.76 16.40 19.98
N LYS A 243 -0.96 15.99 18.73
CA LYS A 243 -1.99 16.61 17.90
C LYS A 243 -2.78 15.54 17.16
N ALA A 244 -4.06 15.84 16.96
CA ALA A 244 -4.92 15.01 16.12
C ALA A 244 -6.03 15.86 15.55
N ALA A 245 -6.46 15.54 14.33
CA ALA A 245 -7.51 16.30 13.65
C ALA A 245 -8.25 15.37 12.71
N ILE A 246 -9.57 15.33 12.85
CA ILE A 246 -10.42 14.44 12.06
C ILE A 246 -11.56 15.25 11.46
N THR A 247 -11.79 15.07 10.16
CA THR A 247 -12.86 15.76 9.45
C THR A 247 -14.03 14.81 9.24
N LEU A 248 -15.24 15.27 9.53
CA LEU A 248 -16.43 14.44 9.44
C LEU A 248 -17.54 15.18 8.71
N GLN A 249 -18.33 14.42 7.96
CA GLN A 249 -19.48 14.92 7.23
C GLN A 249 -20.76 14.35 7.82
N LYS A 250 -21.80 15.19 7.88
CA LYS A 250 -23.02 14.81 8.57
C LYS A 250 -23.70 13.63 7.87
N LYS A 251 -23.69 13.60 6.54
CA LYS A 251 -24.50 12.63 5.81
C LYS A 251 -24.08 11.18 6.06
N ASP A 252 -22.90 10.94 6.63
CA ASP A 252 -22.43 9.59 6.89
C ASP A 252 -22.91 9.03 8.22
N PHE A 253 -23.62 9.81 9.02
CA PHE A 253 -24.02 9.40 10.36
C PHE A 253 -25.54 9.43 10.51
N PRO A 254 -26.22 8.28 10.50
CA PRO A 254 -27.65 8.29 10.79
C PRO A 254 -27.90 8.80 12.20
N GLY A 255 -28.94 9.62 12.33
CA GLY A 255 -29.24 10.27 13.59
C GLY A 255 -28.49 11.56 13.85
N GLU A 256 -27.44 11.83 13.08
CA GLU A 256 -26.70 13.09 13.19
C GLU A 256 -26.06 13.24 14.57
N GLN A 257 -25.36 12.19 15.00
CA GLN A 257 -24.62 12.23 16.25
C GLN A 257 -23.58 11.12 16.24
N PHE A 258 -22.58 11.27 17.09
CA PHE A 258 -21.51 10.28 17.13
C PHE A 258 -20.81 10.28 18.49
N PHE A 259 -20.07 9.20 18.73
CA PHE A 259 -19.26 9.02 19.92
C PHE A 259 -17.79 9.25 19.57
N VAL A 260 -17.10 10.00 20.41
CA VAL A 260 -15.67 10.23 20.30
C VAL A 260 -15.00 9.51 21.46
N VAL A 261 -14.07 8.60 21.14
CA VAL A 261 -13.45 7.71 22.11
C VAL A 261 -11.96 7.98 22.17
N PHE A 262 -11.42 8.03 23.38
CA PHE A 262 -10.00 8.25 23.62
C PHE A 262 -9.47 7.08 24.43
N VAL A 263 -8.44 6.41 23.91
CA VAL A 263 -7.86 5.23 24.54
C VAL A 263 -6.35 5.41 24.62
N ILE A 264 -5.79 5.18 25.79
CA ILE A 264 -4.35 5.31 25.96
C ILE A 264 -3.69 3.94 25.84
N LYS A 265 -2.39 3.93 25.49
CA LYS A 265 -1.72 2.68 25.22
C LYS A 265 -0.70 2.35 26.31
N PRO A 266 -0.44 1.05 26.54
CA PRO A 266 0.53 0.67 27.58
C PRO A 266 1.98 0.92 27.22
N GLU A 267 2.29 1.13 25.95
CA GLU A 267 3.67 1.34 25.52
C GLU A 267 3.70 2.32 24.35
N ASP A 268 4.86 2.93 24.15
CA ASP A 268 5.04 3.96 23.13
C ASP A 268 5.74 3.43 21.87
N TYR A 269 5.85 2.11 21.72
CA TYR A 269 6.55 1.57 20.56
C TYR A 269 5.89 1.99 19.25
N ALA A 270 4.56 1.92 19.19
CA ALA A 270 3.87 2.19 17.93
C ALA A 270 4.01 3.65 17.52
N CYS A 271 4.22 4.56 18.46
CA CYS A 271 4.25 5.99 18.19
C CYS A 271 5.66 6.56 18.22
N GLY A 272 6.66 5.75 17.85
CA GLY A 272 8.03 6.22 17.82
C GLY A 272 8.74 6.23 19.16
N GLY A 273 8.13 5.67 20.20
CA GLY A 273 8.70 5.68 21.53
C GLY A 273 9.33 4.35 21.92
N SER A 274 10.23 4.44 22.90
CA SER A 274 10.89 3.28 23.47
C SER A 274 10.08 2.78 24.68
N PHE A 275 10.69 1.94 25.51
CA PHE A 275 10.08 1.51 26.75
C PHE A 275 9.35 2.66 27.42
N PHE A 276 8.16 2.38 27.95
CA PHE A 276 7.32 3.44 28.50
C PHE A 276 8.10 4.27 29.51
N ILE A 277 7.94 5.59 29.42
CA ILE A 277 8.59 6.50 30.34
C ILE A 277 7.85 6.44 31.69
N GLN A 278 8.62 6.36 32.77
CA GLN A 278 8.07 6.32 34.11
C GLN A 278 8.55 7.55 34.88
N GLU A 279 7.60 8.29 35.43
CA GLU A 279 7.95 9.47 36.21
C GLU A 279 8.46 9.06 37.58
N LYS A 280 9.10 10.01 38.27
CA LYS A 280 9.62 9.73 39.61
C LYS A 280 8.49 9.37 40.57
N GLU A 281 7.36 10.07 40.47
CA GLU A 281 6.24 9.79 41.37
C GLU A 281 5.72 8.37 41.17
N ASN A 282 5.60 7.93 39.93
CA ASN A 282 5.12 6.58 39.64
C ASN A 282 6.19 5.74 38.97
N ASN A 286 3.31 1.67 42.41
CA ASN A 286 2.17 2.32 41.79
C ASN A 286 2.48 2.62 40.33
N LEU A 287 1.61 2.15 39.44
CA LEU A 287 1.78 2.35 38.00
C LEU A 287 0.60 3.12 37.44
N GLN A 288 0.89 4.16 36.66
CA GLN A 288 -0.14 4.91 35.96
C GLN A 288 0.48 5.85 34.94
N ARG A 289 -0.07 5.88 33.73
CA ARG A 289 0.36 6.79 32.68
C ARG A 289 -0.82 7.68 32.33
N LYS A 290 -0.97 8.77 33.08
CA LYS A 290 -2.10 9.68 32.88
C LYS A 290 -1.76 10.68 31.79
N LYS A 291 -2.74 10.94 30.93
CA LYS A 291 -2.60 11.83 29.80
C LYS A 291 -3.67 12.91 29.87
N ASN A 292 -3.26 14.17 29.92
CA ASN A 292 -4.19 15.30 29.91
C ASN A 292 -4.44 15.72 28.48
N LEU A 293 -5.71 15.84 28.11
CA LEU A 293 -6.09 16.14 26.74
C LEU A 293 -7.11 17.27 26.71
N GLU A 294 -7.08 18.04 25.63
CA GLU A 294 -8.07 19.06 25.36
C GLU A 294 -8.65 18.81 23.98
N VAL A 295 -9.97 18.93 23.85
CA VAL A 295 -10.66 18.59 22.62
C VAL A 295 -11.59 19.73 22.24
N THR A 296 -11.61 20.07 20.96
CA THR A 296 -12.49 21.08 20.40
C THR A 296 -13.14 20.54 19.14
N ILE A 297 -14.35 21.02 18.86
CA ILE A 297 -15.09 20.65 17.66
C ILE A 297 -15.48 21.94 16.95
N VAL A 298 -15.04 22.09 15.71
CA VAL A 298 -15.22 23.35 14.99
C VAL A 298 -15.90 23.11 13.66
N PRO A 299 -16.87 23.93 13.26
CA PRO A 299 -17.48 23.76 11.94
C PRO A 299 -16.49 24.04 10.83
N SER A 300 -16.74 23.44 9.68
CA SER A 300 -15.84 23.55 8.54
C SER A 300 -16.26 24.69 7.62
N ILE A 301 -15.40 25.01 6.66
CA ILE A 301 -15.59 26.15 5.76
C ILE A 301 -16.74 25.89 4.81
N LYS A 302 -17.18 26.93 4.11
CA LYS A 302 -18.27 26.85 3.15
C LYS A 302 -17.74 26.85 1.73
N GLU A 303 -18.60 26.43 0.79
CA GLU A 303 -18.21 26.27 -0.60
C GLU A 303 -17.77 27.59 -1.25
N SER A 304 -18.23 28.73 -0.73
CA SER A 304 -17.78 30.00 -1.28
C SER A 304 -16.27 30.10 -1.24
N VAL A 305 -15.64 29.54 -0.21
CA VAL A 305 -14.19 29.52 -0.14
C VAL A 305 -13.61 28.69 -1.28
N TYR A 306 -14.24 27.55 -1.56
CA TYR A 306 -13.82 26.74 -2.71
C TYR A 306 -13.84 27.56 -3.98
N VAL A 307 -14.94 28.26 -4.24
CA VAL A 307 -15.08 29.03 -5.48
C VAL A 307 -14.02 30.12 -5.55
N LYS A 308 -13.86 30.87 -4.45
CA LYS A 308 -12.89 31.95 -4.44
C LYS A 308 -11.48 31.43 -4.68
N SER A 309 -11.10 30.35 -4.01
CA SER A 309 -9.76 29.80 -4.17
C SER A 309 -9.52 29.33 -5.59
N SER A 310 -10.49 28.63 -6.18
CA SER A 310 -10.32 28.15 -7.55
C SER A 310 -10.17 29.31 -8.51
N LEU A 311 -11.03 30.33 -8.39
CA LEU A 311 -10.95 31.46 -9.30
C LEU A 311 -9.61 32.20 -9.16
N PHE A 312 -9.17 32.42 -7.92
CA PHE A 312 -7.90 33.09 -7.70
C PHE A 312 -6.75 32.28 -8.31
N SER A 313 -6.75 30.96 -8.08
CA SER A 313 -5.67 30.12 -8.61
C SER A 313 -5.62 30.19 -10.12
N VAL A 314 -6.79 30.14 -10.78
CA VAL A 314 -6.81 30.17 -12.24
C VAL A 314 -6.33 31.53 -12.75
N PHE A 315 -6.84 32.62 -12.17
CA PHE A 315 -6.56 33.93 -12.73
C PHE A 315 -5.12 34.38 -12.47
N ILE A 316 -4.57 34.04 -11.31
CA ILE A 316 -3.22 34.49 -10.99
C ILE A 316 -2.23 34.00 -12.04
N PHE A 317 -2.54 32.87 -12.70
CA PHE A 317 -1.65 32.33 -13.71
C PHE A 317 -2.11 32.61 -15.14
N LEU A 318 -3.40 32.83 -15.36
CA LEU A 318 -3.83 33.35 -16.66
C LEU A 318 -3.32 34.78 -16.88
N SER A 319 -2.97 35.47 -15.80
CA SER A 319 -2.38 36.80 -15.95
C SER A 319 -1.11 36.76 -16.78
N PHE A 320 -0.33 35.68 -16.67
CA PHE A 320 0.89 35.57 -17.47
C PHE A 320 0.58 35.55 -18.95
N TYR A 321 -0.38 34.72 -19.36
CA TYR A 321 -0.80 34.68 -20.76
C TYR A 321 -1.30 36.05 -21.20
N LEU A 322 -2.13 36.69 -20.38
CA LEU A 322 -2.68 37.99 -20.75
C LEU A 322 -1.57 39.01 -20.95
N GLY A 323 -0.59 39.03 -20.04
CA GLY A 323 0.49 40.00 -20.16
C GLY A 323 1.36 39.74 -21.38
N CYS A 324 1.65 38.47 -21.66
CA CYS A 324 2.42 38.16 -22.86
C CYS A 324 1.69 38.61 -24.11
N LEU A 325 0.39 38.34 -24.19
CA LEU A 325 -0.39 38.76 -25.34
C LEU A 325 -0.40 40.28 -25.48
N LEU A 326 -0.58 40.99 -24.36
CA LEU A 326 -0.59 42.44 -24.41
C LEU A 326 0.76 42.99 -24.88
N VAL A 327 1.86 42.43 -24.39
CA VAL A 327 3.17 42.90 -24.81
C VAL A 327 3.38 42.65 -26.29
N GLY A 328 3.00 41.46 -26.77
CA GLY A 328 3.12 41.19 -28.18
C GLY A 328 2.31 42.13 -29.04
N PHE A 329 1.08 42.40 -28.63
CA PHE A 329 0.23 43.34 -29.37
C PHE A 329 0.84 44.73 -29.40
N VAL A 330 1.35 45.19 -28.25
CA VAL A 330 1.96 46.51 -28.20
C VAL A 330 3.18 46.59 -29.13
N HIS A 331 4.03 45.55 -29.09
CA HIS A 331 5.19 45.53 -29.96
C HIS A 331 4.79 45.56 -31.43
N TYR A 332 3.77 44.77 -31.79
CA TYR A 332 3.31 44.76 -33.18
C TYR A 332 2.77 46.12 -33.59
N LEU A 333 2.02 46.78 -32.70
CA LEU A 333 1.44 48.08 -33.05
C LEU A 333 2.49 49.16 -33.17
N ARG A 334 3.51 49.14 -32.31
CA ARG A 334 4.49 50.22 -32.26
C ARG A 334 5.75 49.91 -33.07
N PHE A 335 6.44 48.80 -32.73
CA PHE A 335 7.69 48.49 -33.40
C PHE A 335 7.47 48.16 -34.87
N GLN A 336 6.47 47.33 -35.17
CA GLN A 336 6.22 46.96 -36.56
C GLN A 336 5.83 48.19 -37.40
N ARG A 337 4.98 49.05 -36.86
CA ARG A 337 4.60 50.26 -37.58
C ARG A 337 5.79 51.18 -37.79
N LYS A 338 6.64 51.32 -36.79
CA LYS A 338 7.81 52.18 -36.88
C LYS A 338 9.08 51.42 -36.50
N LYS A 440 13.20 18.11 -37.67
CA LYS A 440 14.47 17.62 -37.14
C LYS A 440 14.35 17.27 -35.67
N TYR A 441 13.66 18.12 -34.91
CA TYR A 441 13.43 17.90 -33.49
C TYR A 441 12.14 17.16 -33.21
N LYS A 442 11.36 16.82 -34.24
CA LYS A 442 10.07 16.17 -34.00
C LYS A 442 10.24 14.83 -33.31
N ILE A 443 11.22 14.03 -33.75
CA ILE A 443 11.46 12.74 -33.12
C ILE A 443 11.90 12.92 -31.67
N TYR A 444 12.77 13.90 -31.43
CA TYR A 444 13.23 14.18 -30.07
C TYR A 444 12.11 14.72 -29.18
N PHE A 445 10.98 15.11 -29.77
CA PHE A 445 9.81 15.53 -29.01
C PHE A 445 8.87 14.36 -28.75
N TRP A 446 8.63 13.54 -29.77
CA TRP A 446 7.72 12.41 -29.60
C TRP A 446 8.31 11.35 -28.69
N ASN A 447 9.63 11.16 -28.70
CA ASN A 447 10.25 10.25 -27.74
C ASN A 447 9.95 10.69 -26.32
N ILE A 448 10.12 11.98 -26.04
CA ILE A 448 9.84 12.50 -24.70
C ILE A 448 8.37 12.33 -24.36
N ILE A 449 7.48 12.59 -25.31
CA ILE A 449 6.05 12.44 -25.05
C ILE A 449 5.73 11.01 -24.66
N THR A 450 6.23 10.04 -25.43
CA THR A 450 5.97 8.64 -25.14
C THR A 450 6.49 8.26 -23.76
N ILE A 451 7.74 8.65 -23.46
CA ILE A 451 8.31 8.31 -22.17
C ILE A 451 7.48 8.89 -21.04
N ALA A 452 7.06 10.16 -21.18
CA ALA A 452 6.29 10.81 -20.14
C ALA A 452 4.97 10.09 -19.90
N VAL A 453 4.24 9.78 -20.97
CA VAL A 453 2.93 9.17 -20.80
C VAL A 453 3.05 7.80 -20.15
N PHE A 454 3.96 6.97 -20.66
CA PHE A 454 4.07 5.60 -20.15
C PHE A 454 4.84 5.51 -18.85
N TYR A 455 5.42 6.62 -18.38
CA TYR A 455 5.87 6.71 -16.99
C TYR A 455 4.77 7.19 -16.07
N ALA A 456 3.88 8.06 -16.55
CA ALA A 456 2.87 8.66 -15.68
C ALA A 456 1.73 7.71 -15.37
N LEU A 457 1.29 6.90 -16.33
CA LEU A 457 0.07 6.13 -16.11
C LEU A 457 0.08 5.26 -14.86
N PRO A 458 1.09 4.41 -14.65
CA PRO A 458 1.05 3.49 -13.49
C PRO A 458 0.97 4.21 -12.15
N VAL A 459 1.65 5.35 -12.01
CA VAL A 459 1.59 6.09 -10.76
C VAL A 459 0.17 6.59 -10.51
N ILE A 460 -0.51 7.02 -11.56
CA ILE A 460 -1.90 7.43 -11.42
C ILE A 460 -2.74 6.28 -10.90
N GLN A 461 -2.58 5.10 -11.49
CA GLN A 461 -3.36 3.95 -11.01
C GLN A 461 -3.05 3.63 -9.55
N LEU A 462 -1.76 3.67 -9.19
CA LEU A 462 -1.37 3.36 -7.82
C LEU A 462 -1.98 4.34 -6.83
N VAL A 463 -1.94 5.63 -7.13
CA VAL A 463 -2.49 6.62 -6.22
C VAL A 463 -4.00 6.47 -6.12
N ILE A 464 -4.68 6.13 -7.24
CA ILE A 464 -6.11 5.88 -7.18
C ILE A 464 -6.41 4.75 -6.21
N THR A 465 -5.63 3.66 -6.29
CA THR A 465 -5.83 2.54 -5.39
C THR A 465 -5.61 2.96 -3.94
N TYR A 466 -4.56 3.74 -3.68
CA TYR A 466 -4.30 4.20 -2.32
C TYR A 466 -5.47 5.00 -1.77
N GLN A 467 -5.98 5.94 -2.57
CA GLN A 467 -7.09 6.78 -2.11
C GLN A 467 -8.33 5.95 -1.84
N THR A 468 -8.64 4.99 -2.71
CA THR A 468 -9.81 4.15 -2.49
C THR A 468 -9.66 3.35 -1.20
N VAL A 469 -8.47 2.78 -0.97
CA VAL A 469 -8.26 2.00 0.25
C VAL A 469 -8.43 2.88 1.48
N VAL A 470 -7.86 4.08 1.47
CA VAL A 470 -7.97 4.96 2.63
C VAL A 470 -9.42 5.34 2.86
N ASN A 471 -10.17 5.59 1.79
CA ASN A 471 -11.58 5.94 1.94
C ASN A 471 -12.38 4.80 2.56
N VAL A 472 -12.12 3.57 2.10
CA VAL A 472 -12.94 2.45 2.54
C VAL A 472 -12.58 2.01 3.96
N THR A 473 -11.30 1.78 4.22
CA THR A 473 -10.90 1.15 5.47
C THR A 473 -11.06 2.06 6.69
N GLY A 474 -10.98 3.38 6.51
CA GLY A 474 -11.06 4.30 7.61
C GLY A 474 -9.79 4.47 8.42
N ASN A 475 -8.71 3.83 8.02
CA ASN A 475 -7.42 3.96 8.69
C ASN A 475 -6.73 5.22 8.16
N GLN A 476 -6.64 6.26 9.00
CA GLN A 476 -6.08 7.53 8.61
C GLN A 476 -4.62 7.68 9.00
N ASP A 477 -3.90 6.56 9.07
CA ASP A 477 -2.46 6.57 9.31
C ASP A 477 -1.67 6.19 8.07
N ILE A 478 -2.32 6.13 6.91
CA ILE A 478 -1.66 5.71 5.68
C ILE A 478 -1.11 6.90 4.91
N CYS A 479 -1.86 8.00 4.85
CA CYS A 479 -1.45 9.18 4.12
C CYS A 479 -0.96 10.25 5.09
N TYR A 480 0.16 10.89 4.76
CA TYR A 480 0.77 11.90 5.61
C TYR A 480 0.33 13.30 5.20
N TYR A 481 -0.98 13.53 5.25
CA TYR A 481 -1.52 14.84 4.94
C TYR A 481 -1.11 15.85 6.01
N ASN A 482 -1.43 17.12 5.74
CA ASN A 482 -1.44 18.17 6.75
C ASN A 482 -2.88 18.30 7.20
N PHE A 483 -3.25 17.51 8.21
CA PHE A 483 -4.65 17.30 8.54
C PHE A 483 -5.37 18.58 8.98
N LEU A 484 -4.63 19.63 9.35
CA LEU A 484 -5.27 20.86 9.79
C LEU A 484 -5.77 21.71 8.63
N CYS A 485 -5.26 21.50 7.42
CA CYS A 485 -5.75 22.20 6.23
C CYS A 485 -5.91 21.22 5.07
N ALA A 486 -6.56 20.09 5.33
CA ALA A 486 -6.93 19.15 4.28
C ALA A 486 -8.42 19.31 4.01
N HIS A 487 -8.75 19.91 2.86
CA HIS A 487 -10.13 20.21 2.52
C HIS A 487 -10.62 19.24 1.47
N PRO A 488 -11.57 18.36 1.79
CA PRO A 488 -11.97 17.33 0.84
C PRO A 488 -12.91 17.86 -0.24
N LEU A 489 -13.02 17.07 -1.31
CA LEU A 489 -13.97 17.34 -2.38
C LEU A 489 -14.22 16.02 -3.11
N GLY A 490 -15.46 15.56 -3.10
CA GLY A 490 -15.75 14.26 -3.70
C GLY A 490 -15.03 13.16 -2.96
N VAL A 491 -14.28 12.35 -3.69
CA VAL A 491 -13.53 11.25 -3.10
C VAL A 491 -12.10 11.69 -2.85
N LEU A 492 -11.85 13.00 -2.93
CA LEU A 492 -10.53 13.55 -2.70
C LEU A 492 -10.41 14.05 -1.27
N SER A 493 -9.34 13.65 -0.58
CA SER A 493 -9.14 14.01 0.81
C SER A 493 -8.53 15.39 0.98
N ALA A 494 -7.53 15.73 0.16
CA ALA A 494 -6.85 17.03 0.22
C ALA A 494 -6.93 17.66 -1.16
N PHE A 495 -8.02 18.38 -1.42
CA PHE A 495 -8.21 18.99 -2.73
C PHE A 495 -7.28 20.17 -2.95
N ASN A 496 -6.99 20.94 -1.91
CA ASN A 496 -6.12 22.10 -2.07
C ASN A 496 -4.71 21.70 -2.49
N ASN A 497 -4.17 20.64 -1.89
CA ASN A 497 -2.81 20.22 -2.17
C ASN A 497 -2.63 19.82 -3.62
N ILE A 498 -3.71 19.52 -4.33
CA ILE A 498 -3.65 19.15 -5.75
C ILE A 498 -3.93 20.35 -6.63
N LEU A 499 -4.92 21.17 -6.28
CA LEU A 499 -5.20 22.37 -7.04
C LEU A 499 -4.06 23.38 -6.97
N SER A 500 -3.18 23.25 -5.99
CA SER A 500 -2.03 24.14 -5.91
C SER A 500 -0.95 23.82 -6.93
N ASN A 501 -1.19 22.89 -7.86
CA ASN A 501 -0.20 22.50 -8.86
C ASN A 501 -0.53 23.00 -10.25
N LEU A 502 -1.51 23.89 -10.39
CA LEU A 502 -1.86 24.42 -11.71
C LEU A 502 -0.73 25.24 -12.30
N GLY A 503 0.09 25.86 -11.45
CA GLY A 503 1.15 26.73 -11.95
C GLY A 503 2.16 25.98 -12.79
N HIS A 504 2.61 24.82 -12.32
CA HIS A 504 3.56 24.04 -13.08
C HIS A 504 3.05 23.77 -14.49
N VAL A 505 1.82 23.25 -14.59
CA VAL A 505 1.28 22.87 -15.89
C VAL A 505 1.16 24.10 -16.78
N LEU A 506 0.55 25.17 -16.27
CA LEU A 506 0.28 26.33 -17.11
C LEU A 506 1.58 26.98 -17.58
N LEU A 507 2.55 27.14 -16.67
CA LEU A 507 3.81 27.77 -17.04
C LEU A 507 4.60 26.90 -18.01
N GLY A 508 4.58 25.58 -17.82
CA GLY A 508 5.23 24.71 -18.78
C GLY A 508 4.62 24.83 -20.17
N PHE A 509 3.29 24.89 -20.24
CA PHE A 509 2.63 25.06 -21.53
C PHE A 509 3.01 26.39 -22.16
N LEU A 510 3.05 27.46 -21.37
CA LEU A 510 3.42 28.76 -21.90
C LEU A 510 4.86 28.76 -22.43
N PHE A 511 5.77 28.12 -21.68
CA PHE A 511 7.16 28.04 -22.13
C PHE A 511 7.26 27.26 -23.43
N LEU A 512 6.52 26.15 -23.54
CA LEU A 512 6.54 25.40 -24.80
C LEU A 512 6.01 26.25 -25.95
N LEU A 513 4.95 27.02 -25.71
CA LEU A 513 4.43 27.90 -26.75
C LEU A 513 5.47 28.92 -27.18
N ILE A 514 6.17 29.53 -26.22
CA ILE A 514 7.18 30.52 -26.55
C ILE A 514 8.29 29.90 -27.39
N VAL A 515 8.76 28.73 -26.98
CA VAL A 515 9.84 28.07 -27.70
C VAL A 515 9.39 27.71 -29.11
N LEU A 516 8.16 27.21 -29.25
CA LEU A 516 7.64 26.88 -30.58
C LEU A 516 7.56 28.12 -31.46
N ARG A 517 7.10 29.24 -30.90
CA ARG A 517 7.04 30.47 -31.68
C ARG A 517 8.43 30.87 -32.16
N ARG A 518 9.41 30.81 -31.26
CA ARG A 518 10.78 31.18 -31.66
C ARG A 518 11.30 30.25 -32.75
N ASP A 519 11.05 28.95 -32.62
CA ASP A 519 11.51 28.01 -33.62
C ASP A 519 10.86 28.27 -34.97
N ILE A 520 9.55 28.54 -34.98
CA ILE A 520 8.86 28.82 -36.23
C ILE A 520 9.42 30.08 -36.88
N LEU A 521 9.64 31.12 -36.08
CA LEU A 521 10.18 32.36 -36.64
C LEU A 521 11.57 32.13 -37.22
N HIS A 522 12.42 31.38 -36.51
CA HIS A 522 13.76 31.11 -37.00
C HIS A 522 13.72 30.33 -38.30
N ARG A 523 12.89 29.29 -38.36
CA ARG A 523 12.79 28.49 -39.58
C ARG A 523 12.29 29.34 -40.76
N ARG A 524 11.27 30.18 -40.52
CA ARG A 524 10.76 31.02 -41.59
C ARG A 524 11.83 32.00 -42.07
N ALA A 525 12.56 32.63 -41.14
CA ALA A 525 13.60 33.56 -41.53
C ALA A 525 14.69 32.87 -42.34
N LEU A 526 15.12 31.68 -41.90
CA LEU A 526 16.15 30.96 -42.63
C LEU A 526 15.68 30.60 -44.03
N GLU A 527 14.44 30.15 -44.18
CA GLU A 527 13.90 29.78 -45.48
C GLU A 527 13.12 30.93 -46.10
N PRO A 539 20.11 29.75 -31.86
CA PRO A 539 18.99 28.85 -32.12
C PRO A 539 19.45 27.47 -32.60
N LYS A 540 19.99 26.67 -31.68
CA LYS A 540 20.49 25.34 -32.02
C LYS A 540 19.84 24.24 -31.18
N HIS A 541 19.63 24.49 -29.89
CA HIS A 541 19.21 23.45 -28.94
C HIS A 541 17.74 23.54 -28.59
N PHE A 542 16.88 23.86 -29.56
CA PHE A 542 15.46 24.00 -29.27
C PHE A 542 14.88 22.70 -28.69
N GLY A 543 15.46 21.56 -29.05
CA GLY A 543 15.04 20.32 -28.41
C GLY A 543 15.27 20.32 -26.92
N LEU A 544 16.37 20.95 -26.49
CA LEU A 544 16.65 21.06 -25.06
C LEU A 544 15.55 21.84 -24.35
N PHE A 545 15.10 22.94 -24.94
CA PHE A 545 14.05 23.73 -24.31
C PHE A 545 12.71 23.03 -24.36
N TYR A 546 12.44 22.29 -25.44
CA TYR A 546 11.25 21.44 -25.46
C TYR A 546 11.26 20.46 -24.31
N ALA A 547 12.41 19.81 -24.09
CA ALA A 547 12.55 18.89 -22.97
C ALA A 547 12.36 19.61 -21.64
N MET A 548 12.88 20.83 -21.53
CA MET A 548 12.72 21.60 -20.30
C MET A 548 11.24 21.83 -19.99
N GLY A 549 10.49 22.31 -20.98
CA GLY A 549 9.07 22.55 -20.76
C GLY A 549 8.31 21.26 -20.43
N ILE A 550 8.61 20.19 -21.15
CA ILE A 550 7.93 18.93 -20.89
C ILE A 550 8.26 18.44 -19.49
N ALA A 551 9.50 18.63 -19.05
CA ALA A 551 9.90 18.23 -17.70
C ALA A 551 9.16 19.05 -16.65
N LEU A 552 8.99 20.35 -16.89
CA LEU A 552 8.23 21.16 -15.95
C LEU A 552 6.80 20.65 -15.82
N MET A 553 6.15 20.41 -16.96
CA MET A 553 4.78 19.92 -16.92
C MET A 553 4.69 18.57 -16.22
N MET A 554 5.62 17.67 -16.52
CA MET A 554 5.60 16.35 -15.90
C MET A 554 5.88 16.42 -14.41
N GLU A 555 6.76 17.33 -13.98
CA GLU A 555 6.96 17.51 -12.54
C GLU A 555 5.68 17.97 -11.86
N GLY A 556 4.97 18.92 -12.48
CA GLY A 556 3.70 19.34 -11.91
C GLY A 556 2.73 18.17 -11.79
N VAL A 557 2.61 17.37 -12.86
CA VAL A 557 1.68 16.26 -12.84
C VAL A 557 2.06 15.23 -11.78
N LEU A 558 3.36 14.92 -11.69
CA LEU A 558 3.81 13.90 -10.74
C LEU A 558 3.65 14.37 -9.31
N SER A 559 3.88 15.65 -9.04
CA SER A 559 3.64 16.17 -7.70
C SER A 559 2.16 16.10 -7.35
N ALA A 560 1.29 16.44 -8.32
CA ALA A 560 -0.15 16.31 -8.08
C ALA A 560 -0.51 14.87 -7.74
N CYS A 561 0.06 13.91 -8.48
CA CYS A 561 -0.20 12.51 -8.19
C CYS A 561 0.31 12.12 -6.81
N TYR A 562 1.50 12.59 -6.45
CA TYR A 562 2.09 12.21 -5.16
C TYR A 562 1.27 12.75 -4.00
N HIS A 563 0.68 13.93 -4.15
CA HIS A 563 -0.04 14.54 -3.05
C HIS A 563 -1.42 13.93 -2.81
N VAL A 564 -1.85 12.97 -3.64
CA VAL A 564 -3.12 12.31 -3.38
C VAL A 564 -3.05 11.53 -2.06
N CYS A 565 -1.95 10.82 -1.83
CA CYS A 565 -1.74 10.12 -0.57
C CYS A 565 -0.24 10.00 -0.34
N PRO A 566 0.36 10.98 0.33
CA PRO A 566 1.81 10.96 0.56
C PRO A 566 2.18 9.99 1.67
N ASN A 567 3.16 9.13 1.39
CA ASN A 567 3.73 8.24 2.39
C ASN A 567 5.12 7.83 1.90
N TYR A 568 5.70 6.84 2.58
CA TYR A 568 7.07 6.41 2.29
C TYR A 568 7.11 5.41 1.13
N SER A 569 6.42 5.72 0.05
CA SER A 569 6.52 4.91 -1.16
C SER A 569 6.41 5.68 -2.46
N ASN A 570 6.31 7.02 -2.44
CA ASN A 570 5.92 7.76 -3.63
C ASN A 570 6.90 8.83 -4.08
N PHE A 571 7.73 9.38 -3.20
CA PHE A 571 8.63 10.45 -3.60
C PHE A 571 9.61 9.98 -4.69
N GLN A 572 9.93 8.68 -4.69
CA GLN A 572 10.96 8.19 -5.60
C GLN A 572 10.58 8.42 -7.05
N PHE A 573 9.29 8.33 -7.40
CA PHE A 573 8.89 8.46 -8.80
C PHE A 573 9.21 9.84 -9.34
N ASP A 574 8.75 10.88 -8.63
CA ASP A 574 9.03 12.24 -9.05
C ASP A 574 10.52 12.55 -8.98
N THR A 575 11.22 12.02 -7.97
CA THR A 575 12.66 12.24 -7.92
C THR A 575 13.37 11.63 -9.12
N SER A 576 12.96 10.43 -9.53
CA SER A 576 13.67 9.68 -10.56
C SER A 576 13.35 10.17 -11.97
N PHE A 577 12.15 10.67 -12.21
CA PHE A 577 11.84 11.15 -13.56
C PHE A 577 12.78 12.28 -13.96
N MET A 578 13.07 13.19 -13.02
CA MET A 578 13.98 14.29 -13.31
C MET A 578 15.39 13.78 -13.61
N TYR A 579 15.84 12.76 -12.87
CA TYR A 579 17.14 12.18 -13.16
C TYR A 579 17.18 11.60 -14.57
N MET A 580 16.13 10.87 -14.96
CA MET A 580 16.06 10.31 -16.30
C MET A 580 16.13 11.41 -17.35
N ILE A 581 15.34 12.46 -17.17
CA ILE A 581 15.32 13.55 -18.15
C ILE A 581 16.68 14.22 -18.24
N ALA A 582 17.30 14.48 -17.09
CA ALA A 582 18.62 15.12 -17.09
C ALA A 582 19.65 14.26 -17.80
N GLY A 583 19.63 12.94 -17.54
CA GLY A 583 20.57 12.06 -18.23
C GLY A 583 20.37 12.06 -19.73
N LEU A 584 19.11 11.97 -20.17
CA LEU A 584 18.85 12.00 -21.61
C LEU A 584 19.32 13.30 -22.22
N CYS A 585 19.04 14.43 -21.56
CA CYS A 585 19.46 15.72 -22.10
C CYS A 585 20.98 15.82 -22.17
N MET A 586 21.67 15.36 -21.13
CA MET A 586 23.13 15.42 -21.13
C MET A 586 23.70 14.56 -22.26
N LEU A 587 23.17 13.35 -22.43
CA LEU A 587 23.65 12.50 -23.52
C LEU A 587 23.42 13.14 -24.87
N LYS A 588 22.23 13.70 -25.10
CA LYS A 588 21.94 14.34 -26.37
C LYS A 588 22.88 15.52 -26.62
N LEU A 589 23.09 16.35 -25.60
CA LEU A 589 23.97 17.51 -25.75
C LEU A 589 25.39 17.08 -26.07
N TYR A 590 25.91 16.08 -25.35
CA TYR A 590 27.28 15.65 -25.59
C TYR A 590 27.42 15.04 -26.98
N GLN A 591 26.44 14.25 -27.42
CA GLN A 591 26.51 13.68 -28.76
C GLN A 591 26.45 14.75 -29.84
N THR A 592 25.53 15.72 -29.69
CA THR A 592 25.42 16.77 -30.68
C THR A 592 26.69 17.61 -30.75
N ARG A 593 27.21 18.01 -29.59
CA ARG A 593 28.45 18.77 -29.58
C ARG A 593 29.63 17.97 -30.12
N HIS A 594 29.56 16.65 -30.04
CA HIS A 594 30.59 15.76 -30.58
C HIS A 594 31.90 15.92 -29.82
N PRO A 595 32.80 14.93 -29.90
CA PRO A 595 34.09 15.07 -29.21
C PRO A 595 34.93 16.22 -29.74
N ASP A 596 35.00 16.40 -31.06
CA ASP A 596 35.84 17.43 -31.65
C ASP A 596 37.25 17.36 -31.07
N ILE A 597 37.50 18.09 -29.97
CA ILE A 597 38.81 18.07 -29.35
C ILE A 597 38.95 16.87 -28.41
N ASN A 598 38.06 16.75 -27.43
CA ASN A 598 38.05 15.59 -26.54
C ASN A 598 36.75 14.81 -26.60
N ALA A 599 35.61 15.45 -26.38
CA ALA A 599 35.44 16.86 -26.02
C ALA A 599 35.49 17.05 -24.51
N SER A 600 36.05 18.19 -24.08
CA SER A 600 36.18 18.53 -22.66
C SER A 600 37.01 17.44 -21.99
N ALA A 601 36.52 16.77 -20.95
CA ALA A 601 37.28 15.70 -20.31
C ALA A 601 36.38 14.52 -19.91
N TYR A 602 35.20 14.42 -20.49
CA TYR A 602 34.26 13.35 -20.15
C TYR A 602 33.92 13.37 -18.67
N SER A 603 33.79 14.57 -18.11
CA SER A 603 33.44 14.70 -16.70
C SER A 603 31.97 14.46 -16.45
N ALA A 604 31.10 14.84 -17.39
CA ALA A 604 29.65 14.71 -17.18
C ALA A 604 29.24 13.25 -17.02
N TYR A 605 29.75 12.36 -17.87
CA TYR A 605 29.35 10.96 -17.78
C TYR A 605 29.84 10.32 -16.48
N ALA A 606 31.06 10.66 -16.06
CA ALA A 606 31.56 10.15 -14.78
C ALA A 606 30.71 10.66 -13.63
N SER A 607 30.34 11.94 -13.67
CA SER A 607 29.48 12.50 -12.63
C SER A 607 28.12 11.79 -12.59
N PHE A 608 27.54 11.54 -13.77
CA PHE A 608 26.25 10.86 -13.79
C PHE A 608 26.36 9.44 -13.26
N ALA A 609 27.43 8.72 -13.60
CA ALA A 609 27.65 7.42 -12.98
C ALA A 609 27.71 7.56 -11.47
N VAL A 610 28.57 8.44 -10.98
CA VAL A 610 28.70 8.67 -9.54
C VAL A 610 27.33 8.85 -8.91
N VAL A 611 26.47 9.64 -9.57
CA VAL A 611 25.10 9.80 -9.11
C VAL A 611 24.38 8.46 -9.08
N ILE A 612 24.61 7.64 -10.11
CA ILE A 612 23.94 6.34 -10.20
C ILE A 612 24.23 5.49 -8.97
N MET A 613 25.50 5.19 -8.74
CA MET A 613 25.74 4.34 -7.56
C MET A 613 25.59 5.09 -6.24
N VAL A 614 25.57 6.42 -6.23
CA VAL A 614 25.21 7.12 -5.00
C VAL A 614 23.77 6.84 -4.64
N THR A 615 22.87 6.94 -5.62
CA THR A 615 21.47 6.59 -5.39
C THR A 615 21.33 5.12 -5.01
N VAL A 616 22.09 4.24 -5.67
CA VAL A 616 22.02 2.82 -5.35
C VAL A 616 22.43 2.58 -3.91
N LEU A 617 23.53 3.19 -3.47
CA LEU A 617 23.98 3.03 -2.08
C LEU A 617 22.96 3.60 -1.10
N GLY A 618 22.38 4.76 -1.43
CA GLY A 618 21.34 5.31 -0.57
C GLY A 618 20.17 4.35 -0.42
N VAL A 619 19.79 3.69 -1.51
CA VAL A 619 18.74 2.69 -1.44
C VAL A 619 19.18 1.50 -0.58
N VAL A 620 20.46 1.13 -0.66
CA VAL A 620 20.95 -0.04 0.06
C VAL A 620 21.08 0.27 1.54
N PHE A 621 21.93 1.22 1.90
CA PHE A 621 22.20 1.56 3.29
C PHE A 621 21.42 2.80 3.67
N GLY A 622 20.56 2.67 4.69
CA GLY A 622 19.83 3.81 5.21
C GLY A 622 20.33 4.25 6.57
N LYS A 623 21.08 5.36 6.60
CA LYS A 623 21.64 5.89 7.84
C LYS A 623 22.42 4.82 8.59
N ASN A 624 23.21 4.04 7.85
CA ASN A 624 23.95 2.92 8.41
C ASN A 624 25.31 3.40 8.90
N ASP A 625 25.50 3.42 10.22
CA ASP A 625 26.77 3.78 10.85
C ASP A 625 27.49 4.91 10.13
N VAL A 626 28.76 4.67 9.76
CA VAL A 626 29.56 5.70 9.11
C VAL A 626 29.34 5.76 7.60
N TRP A 627 28.55 4.84 7.04
CA TRP A 627 28.25 4.90 5.61
C TRP A 627 27.54 6.20 5.25
N PHE A 628 26.66 6.67 6.13
CA PHE A 628 25.96 7.92 5.87
C PHE A 628 26.96 9.06 5.67
N TRP A 629 27.88 9.23 6.62
CA TRP A 629 28.88 10.29 6.51
C TRP A 629 29.78 10.08 5.29
N VAL A 630 30.17 8.83 5.03
CA VAL A 630 31.05 8.55 3.91
C VAL A 630 30.40 8.98 2.61
N ILE A 631 29.14 8.59 2.40
CA ILE A 631 28.46 8.91 1.15
C ILE A 631 28.23 10.42 1.06
N PHE A 632 27.84 11.05 2.16
CA PHE A 632 27.62 12.50 2.15
C PHE A 632 28.89 13.24 1.72
N SER A 633 30.02 12.91 2.36
CA SER A 633 31.28 13.56 2.02
C SER A 633 31.69 13.26 0.58
N ALA A 634 31.51 12.01 0.14
CA ALA A 634 31.90 11.65 -1.21
C ALA A 634 31.09 12.44 -2.23
N ILE A 635 29.78 12.54 -2.03
CA ILE A 635 28.94 13.27 -2.98
C ILE A 635 29.33 14.76 -2.99
N HIS A 636 29.57 15.33 -1.82
CA HIS A 636 29.93 16.75 -1.79
C HIS A 636 31.26 16.99 -2.49
N VAL A 637 32.25 16.12 -2.25
CA VAL A 637 33.55 16.26 -2.90
C VAL A 637 33.41 16.11 -4.41
N LEU A 638 32.59 15.14 -4.84
CA LEU A 638 32.37 14.95 -6.28
C LEU A 638 31.75 16.19 -6.91
N ALA A 639 30.75 16.77 -6.25
CA ALA A 639 30.15 17.99 -6.77
C ALA A 639 31.19 19.11 -6.87
N SER A 640 32.00 19.26 -5.82
CA SER A 640 33.00 20.33 -5.81
C SER A 640 34.00 20.16 -6.96
N LEU A 641 34.55 18.96 -7.11
CA LEU A 641 35.58 18.77 -8.13
C LEU A 641 34.99 18.83 -9.54
N ALA A 642 33.76 18.35 -9.71
CA ALA A 642 33.12 18.47 -11.01
C ALA A 642 32.90 19.94 -11.37
N LEU A 643 32.45 20.75 -10.42
CA LEU A 643 32.28 22.17 -10.69
C LEU A 643 33.60 22.84 -11.00
N SER A 644 34.66 22.47 -10.26
CA SER A 644 35.97 23.04 -10.53
C SER A 644 36.44 22.71 -11.94
N THR A 645 36.29 21.45 -12.35
CA THR A 645 36.71 21.05 -13.69
C THR A 645 35.89 21.79 -14.76
N GLN A 646 34.57 21.87 -14.56
CA GLN A 646 33.73 22.54 -15.54
C GLN A 646 34.10 24.01 -15.69
N ILE A 647 34.34 24.69 -14.56
CA ILE A 647 34.70 26.11 -14.63
C ILE A 647 36.07 26.27 -15.29
N TYR A 648 37.03 25.42 -14.94
CA TYR A 648 38.37 25.54 -15.52
C TYR A 648 38.34 25.32 -17.03
N TYR A 649 37.57 24.33 -17.49
CA TYR A 649 37.56 24.02 -18.92
C TYR A 649 36.86 25.08 -19.76
N MET A 650 36.18 26.04 -19.15
CA MET A 650 35.55 27.12 -19.89
C MET A 650 35.86 28.48 -19.27
N TYR A 685 43.96 36.48 -16.33
CA TYR A 685 42.79 35.62 -16.21
C TYR A 685 42.42 35.38 -14.75
N MET A 686 42.75 36.34 -13.88
CA MET A 686 42.49 36.17 -12.45
C MET A 686 41.02 35.96 -12.16
N ASP A 687 40.13 36.40 -13.07
CA ASP A 687 38.70 36.17 -12.88
C ASP A 687 38.39 34.69 -12.78
N ARG A 688 39.08 33.87 -13.57
CA ARG A 688 38.84 32.43 -13.53
C ARG A 688 39.16 31.84 -12.16
N MET A 689 40.33 32.19 -11.61
CA MET A 689 40.68 31.72 -10.28
C MET A 689 39.71 32.24 -9.22
N VAL A 690 39.31 33.51 -9.34
CA VAL A 690 38.37 34.06 -8.37
C VAL A 690 37.06 33.27 -8.39
N LEU A 691 36.55 33.01 -9.60
CA LEU A 691 35.29 32.28 -9.73
C LEU A 691 35.43 30.85 -9.21
N LEU A 692 36.56 30.19 -9.50
CA LEU A 692 36.78 28.84 -9.02
C LEU A 692 36.81 28.80 -7.49
N VAL A 693 37.49 29.77 -6.87
CA VAL A 693 37.54 29.83 -5.42
C VAL A 693 36.15 30.07 -4.85
N VAL A 694 35.38 30.97 -5.47
CA VAL A 694 34.03 31.24 -5.01
C VAL A 694 33.16 29.99 -5.08
N GLY A 695 33.27 29.26 -6.19
CA GLY A 695 32.49 28.04 -6.33
C GLY A 695 32.86 26.99 -5.31
N ASN A 696 34.16 26.81 -5.06
CA ASN A 696 34.60 25.86 -4.06
C ASN A 696 34.10 26.26 -2.68
N LEU A 697 34.15 27.56 -2.36
CA LEU A 697 33.64 28.02 -1.07
C LEU A 697 32.15 27.77 -0.94
N VAL A 698 31.40 28.00 -2.01
CA VAL A 698 29.96 27.74 -1.97
C VAL A 698 29.67 26.26 -1.77
N ASN A 699 30.44 25.40 -2.44
CA ASN A 699 30.27 23.96 -2.25
C ASN A 699 30.58 23.56 -0.81
N TRP A 700 31.63 24.14 -0.23
CA TRP A 700 31.95 23.86 1.17
C TRP A 700 30.85 24.34 2.10
N SER A 701 30.24 25.49 1.78
CA SER A 701 29.11 25.96 2.57
C SER A 701 27.94 24.99 2.48
N PHE A 702 27.67 24.46 1.28
CA PHE A 702 26.64 23.44 1.14
C PHE A 702 26.97 22.21 2.00
N ALA A 703 28.24 21.80 1.99
CA ALA A 703 28.64 20.65 2.80
C ALA A 703 28.41 20.92 4.29
N LEU A 704 28.76 22.12 4.75
CA LEU A 704 28.54 22.47 6.15
C LEU A 704 27.05 22.47 6.49
N PHE A 705 26.23 23.02 5.61
CA PHE A 705 24.78 23.01 5.86
C PHE A 705 24.25 21.58 5.94
N GLY A 706 24.70 20.72 5.04
CA GLY A 706 24.33 19.31 5.12
C GLY A 706 24.81 18.67 6.40
N LEU A 707 25.98 19.06 6.89
CA LEU A 707 26.47 18.55 8.16
C LEU A 707 25.56 18.96 9.31
N ILE A 708 25.07 20.20 9.29
CA ILE A 708 24.23 20.70 10.37
C ILE A 708 22.98 19.82 10.51
N TYR A 709 22.17 19.76 9.45
CA TYR A 709 20.97 18.95 9.42
C TYR A 709 21.21 17.74 8.54
N ARG A 710 20.95 16.55 9.08
CA ARG A 710 21.14 15.34 8.30
C ARG A 710 20.17 15.32 7.12
N PRO A 711 20.61 14.83 5.96
CA PRO A 711 19.71 14.76 4.79
C PRO A 711 18.85 13.50 4.87
N ARG A 712 17.53 13.69 4.92
CA ARG A 712 16.63 12.54 5.03
C ARG A 712 16.68 11.67 3.78
N ASP A 713 16.72 12.29 2.60
CA ASP A 713 16.68 11.57 1.33
C ASP A 713 17.90 11.96 0.49
N PHE A 714 18.59 10.95 -0.05
CA PHE A 714 19.80 11.21 -0.81
C PHE A 714 19.48 11.80 -2.19
N ALA A 715 18.48 11.24 -2.87
CA ALA A 715 18.20 11.68 -4.24
C ALA A 715 17.77 13.14 -4.28
N SER A 716 16.86 13.54 -3.39
CA SER A 716 16.41 14.93 -3.36
C SER A 716 17.55 15.87 -2.99
N TYR A 717 18.40 15.45 -2.04
CA TYR A 717 19.56 16.25 -1.68
C TYR A 717 20.46 16.48 -2.88
N MET A 718 20.76 15.41 -3.62
CA MET A 718 21.61 15.53 -4.79
C MET A 718 20.97 16.41 -5.86
N LEU A 719 19.65 16.26 -6.07
CA LEU A 719 18.97 17.08 -7.06
C LEU A 719 19.03 18.57 -6.68
N GLY A 720 18.80 18.88 -5.41
CA GLY A 720 18.90 20.26 -4.99
C GLY A 720 20.30 20.83 -5.13
N ILE A 721 21.30 20.03 -4.78
CA ILE A 721 22.69 20.47 -4.94
C ILE A 721 22.98 20.75 -6.40
N PHE A 722 22.54 19.85 -7.28
CA PHE A 722 22.78 20.03 -8.71
C PHE A 722 22.09 21.30 -9.22
N ILE A 723 20.86 21.54 -8.80
CA ILE A 723 20.13 22.71 -9.29
C ILE A 723 20.82 23.99 -8.83
N CYS A 724 21.16 24.06 -7.54
CA CYS A 724 21.81 25.27 -7.05
C CYS A 724 23.16 25.48 -7.71
N ASN A 725 23.92 24.41 -7.95
CA ASN A 725 25.18 24.54 -8.66
C ASN A 725 24.96 25.06 -10.08
N LEU A 726 23.87 24.62 -10.73
CA LEU A 726 23.57 25.11 -12.07
C LEU A 726 23.28 26.61 -12.05
N LEU A 727 22.47 27.08 -11.10
CA LEU A 727 22.23 28.51 -11.01
C LEU A 727 23.51 29.28 -10.72
N LEU A 728 24.38 28.72 -9.88
CA LEU A 728 25.63 29.39 -9.52
C LEU A 728 26.59 29.47 -10.72
N TYR A 729 26.65 28.41 -11.52
CA TYR A 729 27.41 28.45 -12.77
C TYR A 729 26.83 29.49 -13.73
N LEU A 730 25.50 29.53 -13.86
CA LEU A 730 24.88 30.58 -14.65
C LEU A 730 25.27 31.96 -14.11
N ALA A 731 25.45 32.07 -12.80
CA ALA A 731 25.89 33.32 -12.20
C ALA A 731 27.25 33.74 -12.77
N PHE A 732 28.24 32.82 -12.74
CA PHE A 732 29.50 33.20 -13.37
C PHE A 732 29.35 33.50 -14.85
N TYR A 733 28.53 32.72 -15.57
CA TYR A 733 28.42 32.95 -17.01
C TYR A 733 27.91 34.36 -17.28
N ILE A 734 26.85 34.77 -16.58
CA ILE A 734 26.30 36.11 -16.79
C ILE A 734 27.31 37.17 -16.37
N ILE A 735 27.99 36.96 -15.24
CA ILE A 735 28.94 37.98 -14.78
C ILE A 735 30.08 38.15 -15.80
N MET A 736 30.59 37.04 -16.34
CA MET A 736 31.65 37.13 -17.34
C MET A 736 31.14 37.82 -18.60
N LYS A 737 29.94 37.46 -19.06
CA LYS A 737 29.38 38.13 -20.23
C LYS A 737 29.20 39.62 -19.99
N LEU A 738 29.07 40.03 -18.72
CA LEU A 738 28.86 41.43 -18.36
C LEU A 738 30.16 42.16 -18.02
N ARG A 739 31.27 41.77 -18.62
CA ARG A 739 32.55 42.44 -18.42
C ARG A 739 32.87 43.42 -19.54
N SER A 740 31.83 44.06 -20.08
CA SER A 740 31.92 45.01 -21.19
C SER A 740 32.16 44.32 -22.53
N SER A 741 32.36 43.00 -22.54
CA SER A 741 32.55 42.29 -23.80
C SER A 741 31.27 42.34 -24.65
N GLU A 742 30.12 42.17 -24.02
CA GLU A 742 28.84 42.14 -24.72
C GLU A 742 27.83 42.95 -23.92
N LYS A 743 26.57 42.90 -24.35
CA LYS A 743 25.48 43.64 -23.73
C LYS A 743 24.29 42.72 -23.51
N VAL A 744 23.38 43.16 -22.64
CA VAL A 744 22.17 42.40 -22.33
C VAL A 744 20.97 43.30 -22.52
N LEU A 745 19.96 42.80 -23.23
CA LEU A 745 18.74 43.54 -23.49
C LEU A 745 17.86 43.56 -22.24
N PRO A 746 16.85 44.44 -22.21
CA PRO A 746 16.03 44.56 -21.00
C PRO A 746 15.39 43.26 -20.54
N VAL A 747 14.93 42.44 -21.48
CA VAL A 747 14.31 41.17 -21.10
C VAL A 747 15.29 40.28 -20.34
N PRO A 748 16.51 40.04 -20.82
CA PRO A 748 17.48 39.28 -20.01
C PRO A 748 17.52 39.68 -18.55
N LEU A 749 17.91 40.93 -18.24
CA LEU A 749 18.15 41.30 -16.85
C LEU A 749 16.86 41.42 -16.06
N PHE A 750 15.75 41.78 -16.70
CA PHE A 750 14.46 41.67 -16.01
C PHE A 750 14.22 40.24 -15.56
N CYS A 751 14.49 39.28 -16.44
CA CYS A 751 14.31 37.88 -16.08
C CYS A 751 15.27 37.48 -14.96
N ILE A 752 16.51 37.96 -14.99
CA ILE A 752 17.46 37.60 -13.93
C ILE A 752 16.98 38.12 -12.58
N VAL A 753 16.54 39.38 -12.53
CA VAL A 753 16.08 39.94 -11.26
C VAL A 753 14.86 39.18 -10.77
N ALA A 754 13.92 38.89 -11.67
CA ALA A 754 12.73 38.13 -11.28
C ALA A 754 13.12 36.76 -10.73
N THR A 755 14.07 36.09 -11.39
CA THR A 755 14.47 34.77 -10.95
C THR A 755 15.09 34.83 -9.57
N ALA A 756 15.95 35.83 -9.30
CA ALA A 756 16.56 35.93 -7.98
C ALA A 756 15.52 36.17 -6.90
N VAL A 757 14.62 37.14 -7.14
CA VAL A 757 13.63 37.46 -6.12
C VAL A 757 12.71 36.27 -5.85
N MET A 758 12.20 35.66 -6.92
CA MET A 758 11.31 34.51 -6.74
C MET A 758 12.03 33.34 -6.10
N TRP A 759 13.32 33.14 -6.40
CA TRP A 759 14.05 32.05 -5.76
C TRP A 759 14.17 32.29 -4.26
N ALA A 760 14.48 33.52 -3.85
CA ALA A 760 14.54 33.81 -2.42
C ALA A 760 13.17 33.57 -1.77
N ALA A 761 12.11 34.07 -2.39
CA ALA A 761 10.78 33.94 -1.82
C ALA A 761 10.39 32.47 -1.67
N ALA A 762 10.66 31.66 -2.70
CA ALA A 762 10.29 30.26 -2.65
C ALA A 762 11.17 29.49 -1.68
N LEU A 763 12.45 29.86 -1.59
CA LEU A 763 13.34 29.18 -0.66
C LEU A 763 12.93 29.43 0.77
N TYR A 764 12.32 30.58 1.07
CA TYR A 764 11.79 30.76 2.42
C TYR A 764 10.76 29.69 2.75
N PHE A 765 9.76 29.52 1.89
CA PHE A 765 8.71 28.53 2.15
C PHE A 765 9.20 27.10 2.05
N PHE A 766 10.28 26.85 1.31
CA PHE A 766 10.77 25.49 1.16
C PHE A 766 11.14 24.86 2.49
N PHE A 767 11.48 25.67 3.49
CA PHE A 767 11.96 25.16 4.77
C PHE A 767 10.87 25.02 5.82
N GLN A 768 9.62 25.30 5.48
CA GLN A 768 8.50 25.08 6.39
C GLN A 768 7.93 23.70 6.10
N ASN A 769 8.25 22.73 6.95
CA ASN A 769 7.79 21.36 6.79
C ASN A 769 6.63 21.11 7.74
N LEU A 770 5.44 20.85 7.18
CA LEU A 770 4.25 20.57 7.98
C LEU A 770 4.01 19.08 8.17
N SER A 771 4.82 18.23 7.56
CA SER A 771 4.67 16.78 7.70
C SER A 771 5.97 16.13 7.24
N SER A 772 6.09 14.84 7.52
CA SER A 772 7.31 14.11 7.16
C SER A 772 7.06 12.63 7.30
N TRP A 773 7.51 11.85 6.32
CA TRP A 773 7.39 10.40 6.35
C TRP A 773 8.60 9.73 6.99
N GLU A 774 9.58 10.49 7.46
CA GLU A 774 10.73 9.89 8.11
C GLU A 774 10.35 9.14 9.38
N GLY A 775 9.45 9.72 10.18
CA GLY A 775 9.02 9.13 11.42
C GLY A 775 7.63 8.50 11.32
N THR A 776 7.10 8.16 12.49
CA THR A 776 5.78 7.55 12.56
C THR A 776 4.70 8.58 12.28
N PRO A 777 3.49 8.12 11.96
CA PRO A 777 2.40 9.08 11.65
C PRO A 777 2.14 10.09 12.75
N ALA A 778 2.26 9.69 14.01
CA ALA A 778 2.04 10.64 15.11
C ALA A 778 3.10 11.73 15.13
N GLU A 779 4.36 11.36 14.92
CA GLU A 779 5.42 12.35 14.88
C GLU A 779 5.19 13.34 13.74
N SER A 780 4.79 12.84 12.58
CA SER A 780 4.47 13.73 11.47
C SER A 780 3.29 14.64 11.81
N ARG A 781 2.25 14.09 12.42
CA ARG A 781 1.10 14.89 12.81
C ARG A 781 1.46 15.97 13.81
N GLU A 782 2.54 15.76 14.59
CA GLU A 782 2.96 16.78 15.53
C GLU A 782 3.31 18.10 14.85
N LYS A 783 3.64 18.06 13.55
CA LYS A 783 4.10 19.25 12.83
C LYS A 783 3.00 19.97 12.07
N ASN A 784 1.78 19.44 12.05
CA ASN A 784 0.73 20.05 11.26
C ASN A 784 0.51 21.50 11.65
N ARG A 785 -0.13 22.25 10.75
CA ARG A 785 -0.36 23.67 10.93
C ARG A 785 -1.60 24.08 10.17
N GLU A 786 -2.26 25.12 10.67
CA GLU A 786 -3.36 25.72 9.91
C GLU A 786 -2.79 26.51 8.74
N CYS A 787 -3.65 26.76 7.76
CA CYS A 787 -3.24 27.40 6.52
C CYS A 787 -3.70 28.85 6.49
N ILE A 788 -2.92 29.67 5.80
CA ILE A 788 -2.96 31.12 5.96
C ILE A 788 -3.71 31.82 4.82
N LEU A 789 -3.34 31.54 3.58
CA LEU A 789 -3.83 32.32 2.44
C LEU A 789 -5.28 31.94 2.16
N LEU A 790 -6.20 32.88 2.38
CA LEU A 790 -7.60 32.73 2.01
C LEU A 790 -8.26 31.55 2.71
N ASP A 791 -7.68 31.10 3.82
CA ASP A 791 -8.22 29.98 4.59
C ASP A 791 -8.15 28.67 3.82
N PHE A 792 -7.31 28.59 2.78
CA PHE A 792 -7.31 27.42 1.92
C PHE A 792 -5.91 26.85 1.71
N PHE A 793 -4.88 27.69 1.72
CA PHE A 793 -3.54 27.29 1.32
C PHE A 793 -2.58 27.40 2.49
N ASP A 794 -1.80 26.33 2.71
CA ASP A 794 -0.76 26.30 3.72
C ASP A 794 0.57 26.72 3.10
N ASP A 795 1.67 26.47 3.81
CA ASP A 795 2.99 26.84 3.32
C ASP A 795 3.34 26.08 2.05
N HIS A 796 3.02 24.79 1.99
CA HIS A 796 3.45 23.97 0.86
C HIS A 796 2.85 24.43 -0.45
N ASP A 797 1.59 24.87 -0.44
CA ASP A 797 0.98 25.39 -1.65
C ASP A 797 1.71 26.64 -2.14
N ILE A 798 2.05 27.53 -1.22
CA ILE A 798 2.84 28.71 -1.59
C ILE A 798 4.17 28.28 -2.17
N TRP A 799 4.78 27.23 -1.60
CA TRP A 799 6.02 26.72 -2.14
C TRP A 799 5.85 26.23 -3.57
N HIS A 800 4.76 25.52 -3.84
CA HIS A 800 4.48 25.07 -5.20
C HIS A 800 4.41 26.24 -6.16
N PHE A 801 3.61 27.26 -5.81
CA PHE A 801 3.46 28.42 -6.66
C PHE A 801 4.81 29.09 -6.93
N LEU A 802 5.56 29.36 -5.86
CA LEU A 802 6.80 30.10 -5.98
C LEU A 802 7.83 29.32 -6.78
N SER A 803 7.93 28.01 -6.54
CA SER A 803 8.88 27.19 -7.28
C SER A 803 8.54 27.17 -8.76
N ALA A 804 7.24 27.04 -9.09
CA ALA A 804 6.86 27.08 -10.50
C ALA A 804 7.28 28.40 -11.14
N THR A 805 6.98 29.51 -10.49
CA THR A 805 7.33 30.81 -11.06
C THR A 805 8.84 30.97 -11.22
N ALA A 806 9.60 30.57 -10.20
CA ALA A 806 11.05 30.73 -10.25
C ALA A 806 11.66 29.87 -11.35
N LEU A 807 11.20 28.63 -11.48
CA LEU A 807 11.73 27.78 -12.55
C LEU A 807 11.38 28.34 -13.91
N PHE A 808 10.15 28.85 -14.08
CA PHE A 808 9.79 29.45 -15.36
C PHE A 808 10.71 30.61 -15.70
N PHE A 809 10.95 31.51 -14.74
CA PHE A 809 11.79 32.66 -15.05
C PHE A 809 13.25 32.26 -15.27
N SER A 810 13.73 31.24 -14.55
CA SER A 810 15.08 30.76 -14.82
C SER A 810 15.21 30.21 -16.23
N PHE A 811 14.21 29.43 -16.67
CA PHE A 811 14.24 28.93 -18.04
C PHE A 811 14.21 30.06 -19.05
N LEU A 812 13.38 31.09 -18.79
CA LEU A 812 13.35 32.23 -19.69
C LEU A 812 14.69 32.94 -19.74
N VAL A 813 15.36 33.08 -18.60
CA VAL A 813 16.71 33.66 -18.59
C VAL A 813 17.65 32.83 -19.45
N LEU A 814 17.56 31.51 -19.31
CA LEU A 814 18.45 30.63 -20.07
C LEU A 814 18.22 30.77 -21.57
N LEU A 815 16.95 30.87 -21.99
CA LEU A 815 16.65 30.88 -23.42
C LEU A 815 17.11 32.18 -24.08
N THR A 816 16.80 33.33 -23.47
CA THR A 816 17.00 34.63 -24.09
C THR A 816 18.22 35.36 -23.55
N LEU A 817 19.23 34.62 -23.07
CA LEU A 817 20.43 35.27 -22.56
C LEU A 817 21.23 35.93 -23.68
N ASP A 818 21.30 35.29 -24.84
CA ASP A 818 22.14 35.77 -25.95
C ASP A 818 21.22 36.35 -27.03
N ASP A 819 21.00 37.66 -26.96
CA ASP A 819 20.23 38.36 -27.98
C ASP A 819 21.03 39.53 -28.51
N ASP A 820 21.84 40.16 -27.65
CA ASP A 820 22.70 41.25 -28.11
C ASP A 820 23.66 40.76 -29.19
N LEU A 821 24.17 39.53 -29.05
CA LEU A 821 25.06 38.97 -30.04
C LEU A 821 24.42 38.85 -31.41
N ASP A 822 23.09 38.91 -31.49
CA ASP A 822 22.41 38.92 -32.78
C ASP A 822 22.84 40.11 -33.64
N VAL A 823 23.39 41.16 -33.02
CA VAL A 823 23.87 42.29 -33.81
C VAL A 823 24.91 41.83 -34.81
N VAL A 824 25.78 40.92 -34.40
CA VAL A 824 26.75 40.31 -35.33
C VAL A 824 25.98 39.35 -36.24
N ARG A 825 25.83 39.74 -37.50
CA ARG A 825 25.05 38.96 -38.46
C ARG A 825 25.93 37.84 -39.04
N ARG A 826 25.49 37.29 -40.16
CA ARG A 826 26.24 36.25 -40.87
C ARG A 826 26.48 35.03 -39.97
N ASP A 827 25.37 34.40 -39.59
CA ASP A 827 25.39 33.16 -38.82
C ASP A 827 26.00 33.38 -37.44
N GLN A 828 25.27 34.16 -36.64
CA GLN A 828 25.65 34.42 -35.26
C GLN A 828 25.58 33.13 -34.43
N ILE A 829 25.93 33.23 -33.16
CA ILE A 829 26.01 32.02 -32.32
C ILE A 829 24.66 31.32 -32.32
N PRO A 830 24.60 29.98 -32.46
CA PRO A 830 23.36 29.22 -32.44
C PRO A 830 22.92 28.84 -31.02
N PRO B 35 -23.16 -5.89 51.64
CA PRO B 35 -24.00 -6.95 51.08
C PRO B 35 -23.34 -8.32 51.16
N ARG B 36 -23.58 -9.03 52.25
CA ARG B 36 -22.97 -10.35 52.47
C ARG B 36 -23.78 -11.40 51.71
N ARG B 37 -23.18 -11.98 50.68
CA ARG B 37 -23.80 -13.05 49.90
C ARG B 37 -22.85 -14.24 49.84
N ASP B 38 -23.37 -15.43 50.11
CA ASP B 38 -22.56 -16.64 50.10
C ASP B 38 -22.86 -17.43 48.83
N PRO B 39 -21.94 -17.50 47.87
CA PRO B 39 -22.23 -18.26 46.64
C PRO B 39 -22.51 -19.72 46.90
N PHE B 40 -21.83 -20.33 47.88
CA PHE B 40 -22.02 -21.76 48.12
C PHE B 40 -23.40 -22.09 48.68
N ASP B 41 -24.11 -21.11 49.22
CA ASP B 41 -25.43 -21.37 49.77
C ASP B 41 -26.40 -21.86 48.70
N ALA B 42 -26.37 -21.22 47.54
CA ALA B 42 -27.24 -21.60 46.42
C ALA B 42 -26.48 -22.21 45.26
N ALA B 43 -25.15 -22.28 45.32
CA ALA B 43 -24.36 -22.84 44.24
C ALA B 43 -24.56 -24.34 44.20
N ARG B 44 -25.43 -24.80 43.30
CA ARG B 44 -25.69 -26.23 43.16
C ARG B 44 -24.47 -26.90 42.53
N GLY B 45 -23.82 -27.78 43.30
CA GLY B 45 -22.71 -28.53 42.75
C GLY B 45 -23.15 -29.31 41.53
N ALA B 46 -22.72 -28.87 40.36
CA ALA B 46 -23.21 -29.39 39.10
C ALA B 46 -22.27 -30.44 38.53
N ASP B 47 -22.76 -31.16 37.53
CA ASP B 47 -22.03 -32.25 36.90
C ASP B 47 -21.79 -31.92 35.44
N PHE B 48 -20.63 -32.35 34.93
CA PHE B 48 -20.32 -32.16 33.53
C PHE B 48 -21.21 -33.05 32.65
N ASP B 49 -21.37 -32.64 31.39
CA ASP B 49 -22.10 -33.42 30.40
C ASP B 49 -23.56 -33.61 30.79
N HIS B 50 -24.12 -32.68 31.55
CA HIS B 50 -25.51 -32.73 31.97
C HIS B 50 -26.20 -31.44 31.57
N VAL B 51 -27.42 -31.57 31.06
CA VAL B 51 -28.20 -30.43 30.60
C VAL B 51 -29.09 -29.94 31.74
N TYR B 52 -28.99 -28.65 32.05
CA TYR B 52 -29.78 -28.03 33.11
C TYR B 52 -30.74 -27.04 32.48
N SER B 53 -32.03 -27.20 32.76
CA SER B 53 -33.04 -26.26 32.32
C SER B 53 -33.40 -25.34 33.48
N GLY B 54 -33.80 -24.11 33.15
CA GLY B 54 -34.13 -23.17 34.21
C GLY B 54 -34.92 -22.00 33.71
N VAL B 55 -35.48 -21.26 34.67
CA VAL B 55 -36.21 -20.02 34.41
C VAL B 55 -35.73 -18.98 35.41
N VAL B 56 -35.42 -17.78 34.92
CA VAL B 56 -34.91 -16.71 35.77
C VAL B 56 -35.61 -15.41 35.42
N ASN B 57 -35.79 -14.55 36.41
CA ASN B 57 -36.35 -13.22 36.19
C ASN B 57 -35.75 -12.26 37.22
N LEU B 58 -36.37 -11.10 37.36
CA LEU B 58 -35.74 -10.00 38.11
C LEU B 58 -35.38 -10.40 39.54
N SER B 59 -36.19 -11.24 40.17
CA SER B 59 -35.98 -11.61 41.57
C SER B 59 -35.27 -12.94 41.72
N THR B 60 -34.75 -13.52 40.64
CA THR B 60 -34.09 -14.82 40.71
C THR B 60 -32.79 -14.77 39.93
N GLU B 61 -31.83 -15.57 40.40
CA GLU B 61 -30.54 -15.73 39.75
C GLU B 61 -30.06 -17.15 40.03
N ASN B 62 -29.47 -17.79 39.03
CA ASN B 62 -29.06 -19.19 39.16
C ASN B 62 -27.54 -19.28 39.13
N ILE B 63 -26.98 -20.03 40.07
CA ILE B 63 -25.53 -20.19 40.19
C ILE B 63 -25.20 -21.69 40.19
N TYR B 64 -24.26 -22.09 39.35
CA TYR B 64 -23.77 -23.45 39.29
C TYR B 64 -22.27 -23.46 39.55
N SER B 65 -21.83 -24.44 40.33
CA SER B 65 -20.41 -24.59 40.67
C SER B 65 -19.90 -25.88 40.06
N PHE B 66 -18.88 -25.76 39.21
CA PHE B 66 -18.22 -26.91 38.61
C PHE B 66 -16.81 -27.04 39.18
N ASN B 67 -16.36 -28.29 39.30
CA ASN B 67 -15.15 -28.59 40.05
C ASN B 67 -14.42 -29.72 39.34
N TYR B 68 -13.11 -29.56 39.13
CA TYR B 68 -12.34 -30.59 38.45
C TYR B 68 -10.88 -30.49 38.88
N THR B 69 -10.06 -31.36 38.30
CA THR B 69 -8.64 -31.40 38.61
C THR B 69 -7.85 -31.54 37.32
N SER B 70 -6.69 -30.89 37.26
CA SER B 70 -5.80 -30.95 36.12
C SER B 70 -4.51 -31.64 36.53
N GLN B 71 -4.16 -32.70 35.81
CA GLN B 71 -2.95 -33.50 35.99
C GLN B 71 -1.81 -32.93 35.17
N PRO B 72 -0.57 -33.19 35.58
CA PRO B 72 0.58 -32.70 34.81
C PRO B 72 0.61 -33.30 33.42
N ASP B 73 1.41 -32.67 32.56
CA ASP B 73 1.58 -33.09 31.17
C ASP B 73 0.27 -33.48 30.52
N GLN B 74 -0.78 -32.70 30.76
CA GLN B 74 -2.08 -32.94 30.16
C GLN B 74 -2.86 -31.63 30.13
N VAL B 75 -3.52 -31.36 29.02
CA VAL B 75 -4.26 -30.13 28.81
C VAL B 75 -5.74 -30.44 28.74
N THR B 76 -6.53 -29.75 29.55
CA THR B 76 -7.98 -29.94 29.59
C THR B 76 -8.66 -28.61 29.29
N ALA B 77 -9.62 -28.62 28.38
CA ALA B 77 -10.37 -27.44 28.02
C ALA B 77 -11.85 -27.66 28.33
N VAL B 78 -12.52 -26.62 28.79
CA VAL B 78 -13.92 -26.67 29.17
C VAL B 78 -14.71 -25.81 28.19
N ARG B 79 -15.87 -26.30 27.79
CA ARG B 79 -16.73 -25.60 26.85
C ARG B 79 -18.12 -25.43 27.45
N VAL B 80 -18.67 -24.23 27.30
CA VAL B 80 -19.95 -23.85 27.88
C VAL B 80 -20.94 -23.60 26.75
N TYR B 81 -22.17 -24.09 26.93
CA TYR B 81 -23.23 -24.00 25.95
CA TYR B 81 -23.23 -24.00 25.95
C TYR B 81 -24.48 -23.44 26.61
N VAL B 82 -25.14 -22.50 25.94
CA VAL B 82 -26.37 -21.89 26.44
C VAL B 82 -27.37 -21.74 25.30
N ASN B 83 -28.59 -22.21 25.54
CA ASN B 83 -29.73 -22.01 24.65
C ASN B 83 -30.74 -21.09 25.33
N SER B 84 -31.38 -20.24 24.53
CA SER B 84 -32.51 -19.44 24.99
C SER B 84 -33.43 -19.17 23.81
N SER B 85 -34.73 -19.28 24.05
CA SER B 85 -35.70 -19.06 22.98
C SER B 85 -35.69 -17.60 22.55
N SER B 86 -36.29 -17.35 21.38
CA SER B 86 -36.20 -16.04 20.74
C SER B 86 -37.16 -15.00 21.30
N GLU B 87 -38.17 -15.40 22.06
CA GLU B 87 -39.09 -14.42 22.61
C GLU B 87 -38.40 -13.42 23.52
N ASN B 88 -37.26 -13.79 24.11
CA ASN B 88 -36.48 -12.88 24.95
C ASN B 88 -35.65 -11.96 24.04
N LEU B 89 -36.30 -10.92 23.54
CA LEU B 89 -35.64 -9.92 22.70
C LEU B 89 -35.30 -8.66 23.47
N ASN B 90 -36.27 -8.07 24.17
CA ASN B 90 -36.01 -6.92 25.02
C ASN B 90 -35.38 -7.32 26.35
N TYR B 91 -35.50 -8.57 26.75
CA TYR B 91 -35.00 -9.06 28.05
C TYR B 91 -34.18 -10.32 27.84
N PRO B 92 -32.97 -10.19 27.31
CA PRO B 92 -32.13 -11.37 27.10
C PRO B 92 -31.70 -12.01 28.41
N VAL B 93 -30.98 -13.13 28.31
CA VAL B 93 -30.43 -13.82 29.48
C VAL B 93 -28.94 -13.55 29.53
N LEU B 94 -28.47 -13.05 30.66
CA LEU B 94 -27.07 -12.69 30.84
C LEU B 94 -26.33 -13.83 31.54
N VAL B 95 -25.20 -14.21 30.97
CA VAL B 95 -24.40 -15.34 31.44
C VAL B 95 -23.02 -14.84 31.82
N VAL B 96 -22.55 -15.25 32.99
CA VAL B 96 -21.24 -14.87 33.52
C VAL B 96 -20.51 -16.13 33.95
N VAL B 97 -19.24 -16.25 33.58
CA VAL B 97 -18.40 -17.38 33.94
C VAL B 97 -17.19 -16.85 34.70
N ARG B 98 -16.96 -17.39 35.90
CA ARG B 98 -15.90 -16.92 36.78
C ARG B 98 -14.92 -18.06 37.05
N GLN B 99 -13.64 -17.79 36.81
CA GLN B 99 -12.54 -18.66 37.18
C GLN B 99 -11.63 -17.90 38.16
N GLN B 100 -10.50 -18.51 38.49
CA GLN B 100 -9.62 -17.92 39.50
C GLN B 100 -9.07 -16.57 39.04
N LYS B 101 -8.60 -16.50 37.80
CA LYS B 101 -7.93 -15.31 37.29
C LYS B 101 -8.62 -14.69 36.09
N GLU B 102 -9.87 -15.04 35.82
CA GLU B 102 -10.54 -14.50 34.64
C GLU B 102 -12.04 -14.46 34.87
N VAL B 103 -12.70 -13.56 34.14
CA VAL B 103 -14.15 -13.46 34.13
C VAL B 103 -14.60 -13.22 32.70
N LEU B 104 -15.63 -13.95 32.29
CA LEU B 104 -16.17 -13.87 30.94
C LEU B 104 -17.67 -13.66 31.03
N SER B 105 -18.23 -13.01 30.02
CA SER B 105 -19.67 -12.73 30.09
C SER B 105 -20.22 -12.55 28.69
N TRP B 106 -21.53 -12.77 28.56
CA TRP B 106 -22.21 -12.51 27.30
C TRP B 106 -23.72 -12.59 27.54
N GLN B 107 -24.49 -12.49 26.47
CA GLN B 107 -25.95 -12.48 26.55
C GLN B 107 -26.51 -13.37 25.45
N VAL B 108 -27.71 -13.90 25.70
CA VAL B 108 -28.41 -14.74 24.74
C VAL B 108 -29.84 -14.24 24.60
N PRO B 109 -30.33 -14.03 23.37
CA PRO B 109 -29.68 -14.29 22.08
C PRO B 109 -28.63 -13.25 21.70
N LEU B 110 -27.54 -13.69 21.09
CA LEU B 110 -26.53 -12.76 20.58
C LEU B 110 -27.12 -11.91 19.46
N LEU B 111 -26.69 -10.66 19.39
CA LEU B 111 -27.17 -9.71 18.38
C LEU B 111 -26.01 -9.23 17.54
N PHE B 112 -26.21 -9.20 16.23
CA PHE B 112 -25.21 -8.74 15.27
C PHE B 112 -25.80 -7.62 14.43
N GLN B 113 -24.99 -6.60 14.16
CA GLN B 113 -25.39 -5.47 13.34
C GLN B 113 -24.91 -5.68 11.92
N GLY B 114 -25.80 -5.47 10.96
CA GLY B 114 -25.47 -5.64 9.56
C GLY B 114 -24.76 -4.44 8.98
N LEU B 115 -24.58 -4.48 7.66
CA LEU B 115 -23.88 -3.40 6.96
C LEU B 115 -24.83 -2.32 6.45
N TYR B 116 -26.05 -2.69 6.07
CA TYR B 116 -26.99 -1.74 5.50
C TYR B 116 -28.21 -1.57 6.42
N GLN B 117 -27.95 -1.48 7.72
CA GLN B 117 -29.02 -1.35 8.72
C GLN B 117 -29.87 -2.62 8.79
N ARG B 118 -29.18 -3.74 9.01
CA ARG B 118 -29.82 -5.03 9.21
C ARG B 118 -29.29 -5.65 10.49
N SER B 119 -30.16 -6.39 11.18
CA SER B 119 -29.83 -6.98 12.46
C SER B 119 -30.12 -8.48 12.43
N TYR B 120 -29.26 -9.24 13.10
CA TYR B 120 -29.40 -10.69 13.20
C TYR B 120 -29.35 -11.09 14.68
N ASN B 121 -30.05 -12.18 15.00
CA ASN B 121 -30.08 -12.69 16.36
C ASN B 121 -29.87 -14.20 16.34
N TYR B 122 -29.00 -14.67 17.23
CA TYR B 122 -28.67 -16.09 17.36
C TYR B 122 -29.07 -16.56 18.74
N GLN B 123 -29.63 -17.76 18.81
CA GLN B 123 -30.22 -18.28 20.04
C GLN B 123 -29.47 -19.46 20.63
N GLU B 124 -28.20 -19.62 20.31
CA GLU B 124 -27.37 -20.68 20.87
C GLU B 124 -25.93 -20.20 20.89
N VAL B 125 -25.31 -20.19 22.07
CA VAL B 125 -23.98 -19.62 22.24
C VAL B 125 -23.09 -20.62 22.94
N SER B 126 -21.85 -20.75 22.48
CA SER B 126 -20.88 -21.64 23.09
C SER B 126 -19.53 -20.93 23.17
N ARG B 127 -18.73 -21.32 24.16
CA ARG B 127 -17.42 -20.71 24.35
C ARG B 127 -16.48 -21.69 25.05
N THR B 128 -15.20 -21.63 24.67
CA THR B 128 -14.15 -22.43 25.30
C THR B 128 -13.36 -21.55 26.26
N LEU B 129 -13.19 -22.02 27.49
CA LEU B 129 -12.48 -21.27 28.50
C LEU B 129 -10.97 -21.53 28.38
N CYS B 130 -10.19 -20.46 28.49
CA CYS B 130 -8.76 -20.54 28.26
C CYS B 130 -8.12 -21.53 29.22
N PRO B 131 -7.41 -22.55 28.74
CA PRO B 131 -6.85 -23.56 29.63
C PRO B 131 -5.61 -23.04 30.37
N SER B 132 -5.22 -23.80 31.38
CA SER B 132 -4.02 -23.52 32.17
C SER B 132 -3.27 -24.82 32.38
N GLU B 133 -2.15 -24.97 31.67
CA GLU B 133 -1.40 -26.22 31.71
C GLU B 133 -0.81 -26.45 33.10
N ALA B 134 -0.73 -27.72 33.49
CA ALA B 134 -0.16 -28.12 34.78
C ALA B 134 1.16 -28.83 34.55
N THR B 135 2.21 -28.34 35.19
CA THR B 135 3.54 -28.91 35.07
C THR B 135 3.79 -29.92 36.18
N ASN B 136 4.76 -30.81 35.93
CA ASN B 136 5.12 -31.80 36.94
C ASN B 136 5.62 -31.14 38.21
N GLU B 137 6.44 -30.10 38.08
CA GLU B 137 6.91 -29.37 39.25
C GLU B 137 5.74 -28.76 40.01
N THR B 138 4.79 -28.16 39.29
CA THR B 138 3.63 -27.57 39.93
C THR B 138 2.77 -28.63 40.62
N GLY B 139 2.59 -29.78 39.98
CA GLY B 139 1.76 -30.82 40.50
C GLY B 139 0.30 -30.64 40.09
N PRO B 140 -0.50 -31.69 40.25
CA PRO B 140 -1.92 -31.58 39.89
C PRO B 140 -2.59 -30.44 40.65
N LEU B 141 -3.46 -29.72 39.97
CA LEU B 141 -4.10 -28.54 40.54
C LEU B 141 -5.62 -28.69 40.49
N GLN B 142 -6.29 -28.32 41.59
CA GLN B 142 -7.73 -28.31 41.64
C GLN B 142 -8.26 -27.01 41.07
N GLN B 143 -9.28 -27.11 40.22
CA GLN B 143 -9.85 -25.96 39.55
C GLN B 143 -11.34 -25.87 39.85
N LEU B 144 -11.80 -24.65 40.13
CA LEU B 144 -13.18 -24.35 40.42
C LEU B 144 -13.70 -23.34 39.40
N ILE B 145 -14.97 -23.45 39.05
CA ILE B 145 -15.58 -22.59 38.05
C ILE B 145 -17.00 -22.27 38.49
N PHE B 146 -17.44 -21.04 38.26
CA PHE B 146 -18.78 -20.62 38.61
C PHE B 146 -19.50 -20.11 37.37
N VAL B 147 -20.77 -20.48 37.22
CA VAL B 147 -21.61 -20.01 36.13
C VAL B 147 -22.84 -19.35 36.73
N ASP B 148 -23.09 -18.10 36.35
CA ASP B 148 -24.22 -17.33 36.84
C ASP B 148 -25.12 -16.95 35.67
N VAL B 149 -26.40 -17.25 35.80
CA VAL B 149 -27.41 -16.92 34.81
C VAL B 149 -28.41 -15.99 35.46
N ALA B 150 -28.68 -14.85 34.80
CA ALA B 150 -29.58 -13.85 35.34
C ALA B 150 -30.38 -13.24 34.20
N SER B 151 -31.42 -12.50 34.57
CA SER B 151 -32.24 -11.79 33.59
C SER B 151 -33.06 -10.74 34.33
N MET B 152 -33.66 -9.84 33.54
CA MET B 152 -34.52 -8.79 34.08
C MET B 152 -35.93 -8.87 33.49
N ALA B 153 -36.32 -10.03 32.98
CA ALA B 153 -37.64 -10.16 32.39
C ALA B 153 -38.70 -9.99 33.47
N PRO B 154 -39.76 -9.21 33.21
CA PRO B 154 -40.79 -9.02 34.24
C PRO B 154 -41.45 -10.32 34.69
N LEU B 155 -41.68 -11.25 33.75
CA LEU B 155 -42.36 -12.50 34.06
C LEU B 155 -41.38 -13.65 34.25
N GLY B 156 -40.55 -13.92 33.25
CA GLY B 156 -39.58 -15.00 33.34
C GLY B 156 -38.96 -15.36 32.00
N ALA B 157 -37.71 -15.78 32.02
CA ALA B 157 -36.98 -16.16 30.82
C ALA B 157 -36.45 -17.58 30.99
N GLN B 158 -36.68 -18.41 29.99
CA GLN B 158 -36.26 -19.80 30.02
C GLN B 158 -34.86 -19.94 29.39
N TYR B 159 -34.08 -20.87 29.92
CA TYR B 159 -32.74 -21.09 29.43
C TYR B 159 -32.38 -22.56 29.60
N LYS B 160 -31.43 -23.01 28.79
CA LYS B 160 -30.84 -24.34 28.92
C LYS B 160 -29.33 -24.20 28.89
N LEU B 161 -28.65 -24.97 29.75
CA LEU B 161 -27.21 -24.84 29.93
C LEU B 161 -26.56 -26.21 29.89
N LEU B 162 -25.33 -26.26 29.37
CA LEU B 162 -24.60 -27.53 29.31
C LEU B 162 -23.11 -27.23 29.26
N VAL B 163 -22.35 -27.79 30.20
CA VAL B 163 -20.92 -27.57 30.30
C VAL B 163 -20.22 -28.92 30.14
N THR B 164 -19.21 -28.97 29.29
CA THR B 164 -18.53 -30.22 28.98
C THR B 164 -17.02 -30.01 28.92
N LYS B 165 -16.29 -31.12 28.92
CA LYS B 165 -14.86 -31.13 28.63
C LYS B 165 -14.64 -31.42 27.16
N LEU B 166 -13.48 -31.02 26.66
CA LEU B 166 -13.10 -31.25 25.26
C LEU B 166 -12.12 -32.41 25.20
N LYS B 167 -12.55 -33.52 24.61
CA LYS B 167 -11.66 -34.66 24.44
C LYS B 167 -10.61 -34.40 23.38
N HIS B 168 -11.01 -33.81 22.26
CA HIS B 168 -10.11 -33.52 21.15
C HIS B 168 -9.82 -32.02 21.15
N PHE B 169 -8.75 -31.64 21.82
CA PHE B 169 -8.30 -30.25 21.89
C PHE B 169 -6.92 -30.06 21.28
N GLN B 170 -5.98 -30.94 21.57
CA GLN B 170 -4.65 -30.87 20.99
C GLN B 170 -4.66 -31.47 19.59
N LEU B 171 -3.92 -30.84 18.68
CA LEU B 171 -3.84 -31.29 17.30
C LEU B 171 -2.56 -32.07 17.06
N ARG B 172 -2.63 -33.02 16.14
CA ARG B 172 -1.51 -33.90 15.80
C ARG B 172 -1.01 -33.60 14.41
N THR B 173 0.22 -34.01 14.14
CA THR B 173 0.86 -33.76 12.86
C THR B 173 0.33 -34.73 11.80
N ASN B 174 -0.06 -34.20 10.65
CA ASN B 174 -0.48 -34.96 9.47
C ASN B 174 -1.84 -35.61 9.64
N VAL B 175 -2.52 -35.42 10.77
CA VAL B 175 -3.82 -36.04 11.01
C VAL B 175 -4.89 -34.97 10.82
N ALA B 176 -5.75 -35.18 9.82
CA ALA B 176 -6.83 -34.25 9.56
C ALA B 176 -7.86 -34.30 10.68
N PHE B 177 -8.45 -33.14 10.98
CA PHE B 177 -9.48 -33.04 12.00
C PHE B 177 -10.66 -32.25 11.45
N HIS B 178 -11.87 -32.75 11.67
CA HIS B 178 -13.09 -32.12 11.19
C HIS B 178 -13.81 -31.46 12.36
N PHE B 179 -14.51 -30.35 12.08
CA PHE B 179 -15.33 -29.72 13.09
C PHE B 179 -16.32 -28.78 12.41
N THR B 180 -17.13 -28.10 13.24
CA THR B 180 -18.15 -27.19 12.76
C THR B 180 -18.10 -25.91 13.58
N ALA B 181 -18.36 -24.79 12.94
CA ALA B 181 -18.34 -23.49 13.59
C ALA B 181 -19.57 -22.68 13.19
N SER B 182 -19.86 -21.66 13.98
CA SER B 182 -21.00 -20.80 13.78
C SER B 182 -20.61 -19.37 14.13
N PRO B 183 -21.36 -18.39 13.65
CA PRO B 183 -21.05 -16.98 13.99
C PRO B 183 -21.11 -16.71 15.49
N SER B 184 -21.83 -17.51 16.25
CA SER B 184 -21.91 -17.35 17.69
C SER B 184 -21.25 -18.49 18.45
N GLN B 185 -20.52 -19.37 17.78
CA GLN B 185 -19.83 -20.49 18.40
C GLN B 185 -18.43 -20.62 17.81
N PRO B 186 -17.55 -19.67 18.08
CA PRO B 186 -16.19 -19.74 17.56
C PRO B 186 -15.45 -20.94 18.14
N GLN B 187 -14.36 -21.32 17.47
CA GLN B 187 -13.61 -22.50 17.91
C GLN B 187 -12.12 -22.18 17.94
N TYR B 188 -11.38 -22.97 18.72
CA TYR B 188 -9.93 -22.86 18.66
C TYR B 188 -9.30 -24.06 19.36
N PHE B 189 -8.10 -24.41 18.90
CA PHE B 189 -7.40 -25.61 19.32
C PHE B 189 -5.94 -25.28 19.59
N LEU B 190 -5.23 -26.24 20.16
CA LEU B 190 -3.84 -26.07 20.56
C LEU B 190 -2.95 -26.99 19.74
N TYR B 191 -1.76 -26.50 19.37
CA TYR B 191 -0.76 -27.31 18.69
C TYR B 191 0.58 -27.11 19.37
N LYS B 192 1.34 -28.19 19.49
CA LYS B 192 2.67 -28.18 20.08
C LYS B 192 3.69 -28.59 19.04
N PHE B 193 4.79 -27.84 18.94
CA PHE B 193 5.80 -28.13 17.94
C PHE B 193 6.55 -29.41 18.30
N PRO B 194 6.63 -30.38 17.39
CA PRO B 194 7.49 -31.54 17.64
C PRO B 194 8.95 -31.14 17.72
N LYS B 195 9.74 -31.99 18.40
CA LYS B 195 11.14 -31.65 18.65
C LYS B 195 11.92 -31.47 17.34
N ASP B 196 11.73 -32.39 16.39
CA ASP B 196 12.52 -32.34 15.17
C ASP B 196 12.04 -31.26 14.21
N VAL B 197 10.72 -31.07 14.09
CA VAL B 197 10.19 -30.15 13.10
C VAL B 197 10.64 -28.73 13.41
N ASP B 198 10.87 -27.95 12.35
CA ASP B 198 11.27 -26.55 12.49
C ASP B 198 10.29 -25.57 11.87
N SER B 199 9.41 -26.03 10.98
CA SER B 199 8.41 -25.17 10.38
C SER B 199 7.24 -26.03 9.93
N VAL B 200 6.05 -25.45 9.97
CA VAL B 200 4.82 -26.18 9.66
C VAL B 200 3.91 -25.33 8.79
N ILE B 201 2.93 -26.00 8.18
CA ILE B 201 1.92 -25.35 7.38
C ILE B 201 0.55 -25.84 7.84
N ILE B 202 -0.35 -24.89 8.11
CA ILE B 202 -1.72 -25.19 8.47
C ILE B 202 -2.56 -25.04 7.21
N LYS B 203 -3.25 -26.11 6.82
CA LYS B 203 -4.12 -26.12 5.66
C LYS B 203 -5.55 -26.35 6.14
N VAL B 204 -6.44 -25.41 5.82
CA VAL B 204 -7.84 -25.47 6.19
C VAL B 204 -8.66 -25.53 4.92
N VAL B 205 -9.59 -26.47 4.86
CA VAL B 205 -10.39 -26.72 3.67
C VAL B 205 -11.86 -26.88 4.05
N SER B 206 -12.74 -26.31 3.24
CA SER B 206 -14.17 -26.48 3.37
C SER B 206 -14.74 -26.86 2.02
N GLU B 207 -15.92 -27.48 2.04
CA GLU B 207 -16.56 -27.96 0.83
C GLU B 207 -17.55 -26.96 0.24
N MET B 208 -17.65 -25.77 0.81
CA MET B 208 -18.57 -24.76 0.30
C MET B 208 -18.28 -23.44 0.98
N ALA B 209 -18.31 -22.36 0.20
CA ALA B 209 -18.15 -21.01 0.73
C ALA B 209 -19.48 -20.53 1.30
N TYR B 210 -19.53 -19.26 1.72
CA TYR B 210 -20.81 -18.67 2.10
C TYR B 210 -21.52 -19.53 3.14
N PRO B 211 -21.12 -19.45 4.42
CA PRO B 211 -20.38 -18.36 5.07
C PRO B 211 -18.86 -18.37 4.86
N CYS B 212 -18.26 -17.20 5.02
CA CYS B 212 -16.82 -17.03 4.96
C CYS B 212 -16.30 -16.65 6.34
N SER B 213 -15.12 -17.16 6.69
CA SER B 213 -14.61 -17.08 8.05
C SER B 213 -13.20 -16.50 8.06
N VAL B 214 -12.64 -16.46 9.26
CA VAL B 214 -11.28 -15.98 9.51
C VAL B 214 -10.55 -17.03 10.32
N VAL B 215 -9.32 -17.34 9.90
CA VAL B 215 -8.44 -18.27 10.60
C VAL B 215 -7.27 -17.48 11.15
N SER B 216 -7.00 -17.64 12.44
CA SER B 216 -5.98 -16.86 13.12
C SER B 216 -5.05 -17.78 13.90
N VAL B 217 -3.80 -17.37 14.02
CA VAL B 217 -2.80 -18.08 14.81
C VAL B 217 -2.26 -17.11 15.87
N GLN B 218 -2.31 -17.53 17.13
CA GLN B 218 -1.89 -16.71 18.25
C GLN B 218 -1.07 -17.54 19.23
N ASN B 219 -0.51 -16.86 20.23
CA ASN B 219 0.36 -17.50 21.20
C ASN B 219 -0.47 -18.03 22.38
N ILE B 220 0.22 -18.74 23.28
CA ILE B 220 -0.48 -19.48 24.34
C ILE B 220 -1.09 -18.53 25.36
N MET B 221 -0.39 -17.45 25.70
CA MET B 221 -0.81 -16.62 26.83
C MET B 221 -2.25 -16.16 26.66
N CYS B 222 -3.04 -16.33 27.72
CA CYS B 222 -4.42 -15.87 27.71
C CYS B 222 -4.48 -14.36 27.93
N PRO B 223 -5.59 -13.73 27.56
CA PRO B 223 -6.80 -14.29 26.98
C PRO B 223 -6.67 -14.61 25.50
N VAL B 224 -7.62 -15.33 24.93
CA VAL B 224 -7.63 -15.66 23.51
C VAL B 224 -8.70 -14.82 22.83
N TYR B 225 -8.31 -14.11 21.78
CA TYR B 225 -9.22 -13.22 21.07
C TYR B 225 -9.91 -14.03 19.98
N ASP B 226 -11.16 -14.41 20.22
CA ASP B 226 -11.92 -15.26 19.32
C ASP B 226 -13.27 -14.66 18.99
N LEU B 227 -13.36 -13.34 18.95
CA LEU B 227 -14.59 -12.63 18.62
C LEU B 227 -14.39 -11.83 17.34
N ASP B 228 -15.52 -11.48 16.72
CA ASP B 228 -15.48 -10.80 15.44
C ASP B 228 -14.71 -9.49 15.51
N HIS B 229 -14.70 -8.84 16.67
CA HIS B 229 -14.15 -7.49 16.80
C HIS B 229 -12.75 -7.46 17.39
N ASN B 230 -12.16 -8.61 17.73
CA ASN B 230 -10.81 -8.59 18.28
C ASN B 230 -9.94 -9.74 17.76
N VAL B 231 -10.40 -10.51 16.78
CA VAL B 231 -9.61 -11.62 16.29
C VAL B 231 -8.38 -11.13 15.54
N GLU B 232 -8.53 -10.04 14.78
CA GLU B 232 -7.44 -9.53 13.95
C GLU B 232 -6.61 -8.50 14.72
N PHE B 233 -6.09 -8.93 15.86
CA PHE B 233 -5.36 -7.98 16.70
C PHE B 233 -3.97 -8.45 17.09
N ASN B 234 -3.78 -9.75 17.30
CA ASN B 234 -2.53 -10.25 17.87
C ASN B 234 -1.73 -11.12 16.91
N GLY B 235 -2.32 -12.18 16.39
CA GLY B 235 -1.58 -13.18 15.63
C GLY B 235 -1.55 -12.91 14.14
N VAL B 236 -1.47 -13.99 13.38
CA VAL B 236 -1.46 -13.93 11.91
C VAL B 236 -2.76 -14.56 11.42
N TYR B 237 -3.47 -13.85 10.55
CA TYR B 237 -4.82 -14.25 10.17
C TYR B 237 -5.01 -14.20 8.67
N GLN B 238 -5.95 -15.00 8.20
CA GLN B 238 -6.35 -15.05 6.80
C GLN B 238 -7.86 -15.22 6.71
N SER B 239 -8.49 -14.45 5.82
CA SER B 239 -9.90 -14.65 5.51
C SER B 239 -10.03 -15.77 4.49
N MET B 240 -11.06 -16.59 4.65
CA MET B 240 -11.19 -17.80 3.86
C MET B 240 -12.65 -18.08 3.53
N THR B 241 -12.87 -18.71 2.39
CA THR B 241 -14.16 -19.28 2.03
C THR B 241 -14.08 -20.78 1.79
N LYS B 242 -13.08 -21.25 1.05
CA LYS B 242 -12.91 -22.67 0.79
C LYS B 242 -11.53 -23.17 1.17
N LYS B 243 -10.51 -22.32 1.03
CA LYS B 243 -9.14 -22.75 1.26
C LYS B 243 -8.39 -21.72 2.08
N ALA B 244 -7.47 -22.20 2.91
CA ALA B 244 -6.56 -21.33 3.65
C ALA B 244 -5.28 -22.11 3.93
N ALA B 245 -4.16 -21.40 3.95
CA ALA B 245 -2.86 -22.02 4.20
C ALA B 245 -1.94 -21.00 4.84
N ILE B 246 -1.36 -21.36 5.99
CA ILE B 246 -0.50 -20.46 6.76
C ILE B 246 0.80 -21.19 7.08
N THR B 247 1.92 -20.52 6.84
CA THR B 247 3.24 -21.08 7.12
C THR B 247 3.79 -20.46 8.40
N LEU B 248 4.32 -21.30 9.28
CA LEU B 248 4.81 -20.85 10.58
C LEU B 248 6.18 -21.45 10.87
N GLN B 249 7.01 -20.67 11.54
CA GLN B 249 8.34 -21.07 11.97
C GLN B 249 8.40 -21.17 13.49
N LYS B 250 9.11 -22.18 13.97
CA LYS B 250 9.12 -22.46 15.40
C LYS B 250 9.73 -21.32 16.20
N LYS B 251 10.79 -20.70 15.68
CA LYS B 251 11.57 -19.74 16.48
C LYS B 251 10.76 -18.51 16.87
N ASP B 252 9.62 -18.26 16.26
CA ASP B 252 8.81 -17.09 16.57
C ASP B 252 7.85 -17.32 17.72
N PHE B 253 7.78 -18.53 18.27
CA PHE B 253 6.81 -18.87 19.30
C PHE B 253 7.50 -19.35 20.57
N PRO B 254 7.58 -18.54 21.63
CA PRO B 254 8.10 -19.05 22.89
C PRO B 254 7.23 -20.18 23.41
N GLY B 255 7.89 -21.21 23.94
CA GLY B 255 7.20 -22.41 24.38
C GLY B 255 6.94 -23.42 23.29
N GLU B 256 7.07 -23.04 22.03
CA GLU B 256 6.91 -23.97 20.91
C GLU B 256 5.49 -24.52 20.84
N GLN B 257 4.50 -23.64 20.95
CA GLN B 257 3.10 -24.04 20.84
C GLN B 257 2.27 -22.82 20.47
N PHE B 258 1.08 -23.07 19.94
CA PHE B 258 0.24 -21.96 19.53
C PHE B 258 -1.22 -22.39 19.49
N PHE B 259 -2.09 -21.37 19.48
CA PHE B 259 -3.53 -21.54 19.35
C PHE B 259 -3.97 -21.21 17.93
N VAL B 260 -4.84 -22.05 17.38
CA VAL B 260 -5.45 -21.83 16.07
C VAL B 260 -6.92 -21.54 16.31
N VAL B 261 -7.39 -20.39 15.83
CA VAL B 261 -8.72 -19.89 16.11
C VAL B 261 -9.50 -19.77 14.80
N PHE B 262 -10.74 -20.21 14.81
CA PHE B 262 -11.64 -20.13 13.66
C PHE B 262 -12.88 -19.35 14.07
N VAL B 263 -13.17 -18.28 13.33
CA VAL B 263 -14.29 -17.39 13.63
C VAL B 263 -15.12 -17.20 12.36
N ILE B 264 -16.42 -17.37 12.46
CA ILE B 264 -17.29 -17.19 11.30
C ILE B 264 -17.89 -15.80 11.34
N LYS B 265 -18.31 -15.30 10.16
CA LYS B 265 -18.77 -13.92 10.05
C LYS B 265 -20.27 -13.86 9.79
N PRO B 266 -20.93 -12.78 10.23
CA PRO B 266 -22.38 -12.67 10.03
C PRO B 266 -22.80 -12.35 8.61
N GLU B 267 -21.87 -11.88 7.76
CA GLU B 267 -22.21 -11.51 6.40
C GLU B 267 -21.03 -11.82 5.49
N ASP B 268 -21.33 -11.95 4.20
CA ASP B 268 -20.33 -12.33 3.20
C ASP B 268 -19.84 -11.16 2.36
N TYR B 269 -20.12 -9.92 2.79
CA TYR B 269 -19.69 -8.77 2.01
C TYR B 269 -18.18 -8.71 1.85
N ALA B 270 -17.45 -8.98 2.93
CA ALA B 270 -15.99 -8.85 2.88
C ALA B 270 -15.36 -9.89 1.97
N CYS B 271 -16.03 -11.01 1.75
CA CYS B 271 -15.46 -12.13 1.00
C CYS B 271 -16.10 -12.27 -0.39
N GLY B 272 -16.60 -11.18 -0.95
CA GLY B 272 -17.15 -11.20 -2.29
C GLY B 272 -18.60 -11.64 -2.38
N GLY B 273 -19.29 -11.80 -1.25
CA GLY B 273 -20.66 -12.25 -1.26
C GLY B 273 -21.65 -11.14 -0.93
N SER B 274 -22.93 -11.49 -1.04
CA SER B 274 -24.02 -10.59 -0.72
C SER B 274 -24.42 -10.77 0.74
N PHE B 275 -25.55 -10.20 1.14
CA PHE B 275 -26.05 -10.35 2.48
C PHE B 275 -26.21 -11.83 2.85
N PHE B 276 -26.43 -12.07 4.14
CA PHE B 276 -26.54 -13.43 4.66
C PHE B 276 -27.57 -14.21 3.85
N ILE B 277 -27.12 -15.28 3.21
CA ILE B 277 -28.00 -16.12 2.40
C ILE B 277 -28.75 -17.06 3.34
N GLN B 278 -30.07 -16.90 3.40
CA GLN B 278 -30.89 -17.69 4.30
C GLN B 278 -31.23 -19.04 3.67
N GLU B 279 -31.09 -20.10 4.45
CA GLU B 279 -31.44 -21.44 4.01
C GLU B 279 -32.78 -21.86 4.62
N LYS B 280 -33.24 -23.07 4.26
CA LYS B 280 -34.47 -23.59 4.84
C LYS B 280 -34.35 -23.74 6.35
N GLU B 281 -33.22 -24.29 6.82
CA GLU B 281 -32.99 -24.39 8.25
C GLU B 281 -32.87 -23.02 8.90
N ASN B 282 -32.26 -22.07 8.20
CA ASN B 282 -32.07 -20.73 8.74
C ASN B 282 -33.36 -19.92 8.66
N ASN B 286 -35.00 -19.65 12.89
CA ASN B 286 -33.86 -20.46 13.29
C ASN B 286 -32.59 -19.99 12.60
N LEU B 287 -32.09 -18.82 13.01
CA LEU B 287 -30.88 -18.27 12.41
C LEU B 287 -29.66 -19.08 12.83
N GLN B 288 -28.94 -19.59 11.83
CA GLN B 288 -27.67 -20.26 12.07
C GLN B 288 -26.94 -20.48 10.75
N ARG B 289 -25.67 -20.06 10.68
CA ARG B 289 -24.85 -20.26 9.50
C ARG B 289 -23.70 -21.17 9.92
N LYS B 290 -23.95 -22.48 9.87
CA LYS B 290 -22.95 -23.46 10.28
C LYS B 290 -21.98 -23.73 9.15
N LYS B 291 -20.70 -23.82 9.48
CA LYS B 291 -19.64 -24.07 8.52
C LYS B 291 -18.85 -25.29 8.95
N ASN B 292 -18.79 -26.29 8.07
CA ASN B 292 -18.00 -27.49 8.32
C ASN B 292 -16.60 -27.29 7.77
N LEU B 293 -15.60 -27.54 8.61
CA LEU B 293 -14.21 -27.29 8.23
C LEU B 293 -13.36 -28.52 8.56
N GLU B 294 -12.30 -28.69 7.76
CA GLU B 294 -11.30 -29.71 8.02
C GLU B 294 -9.92 -29.04 8.05
N VAL B 295 -9.11 -29.41 9.02
CA VAL B 295 -7.83 -28.75 9.25
C VAL B 295 -6.74 -29.81 9.34
N THR B 296 -5.60 -29.53 8.71
CA THR B 296 -4.43 -30.38 8.78
C THR B 296 -3.20 -29.53 9.03
N ILE B 297 -2.21 -30.12 9.70
CA ILE B 297 -0.93 -29.46 9.97
C ILE B 297 0.17 -30.36 9.45
N VAL B 298 0.97 -29.84 8.53
CA VAL B 298 1.97 -30.66 7.85
C VAL B 298 3.36 -30.02 7.98
N PRO B 299 4.40 -30.81 8.25
CA PRO B 299 5.75 -30.25 8.29
C PRO B 299 6.18 -29.73 6.93
N SER B 300 7.10 -28.77 6.95
CA SER B 300 7.57 -28.14 5.72
C SER B 300 8.83 -28.82 5.21
N ILE B 301 9.23 -28.44 4.00
CA ILE B 301 10.35 -29.08 3.30
C ILE B 301 11.67 -28.71 3.96
N LYS B 302 12.73 -29.41 3.59
CA LYS B 302 14.06 -29.19 4.13
C LYS B 302 14.93 -28.41 3.14
N GLU B 303 16.04 -27.87 3.65
CA GLU B 303 16.92 -27.03 2.84
C GLU B 303 17.54 -27.76 1.67
N SER B 304 17.65 -29.09 1.73
CA SER B 304 18.18 -29.83 0.59
C SER B 304 17.38 -29.55 -0.66
N VAL B 305 16.06 -29.37 -0.51
CA VAL B 305 15.23 -29.01 -1.65
C VAL B 305 15.63 -27.65 -2.19
N TYR B 306 15.91 -26.69 -1.29
CA TYR B 306 16.41 -25.39 -1.73
C TYR B 306 17.65 -25.54 -2.58
N VAL B 307 18.62 -26.31 -2.09
CA VAL B 307 19.89 -26.46 -2.79
C VAL B 307 19.66 -27.10 -4.16
N LYS B 308 18.88 -28.19 -4.19
CA LYS B 308 18.64 -28.87 -5.45
C LYS B 308 17.95 -27.96 -6.45
N SER B 309 16.94 -27.23 -6.02
CA SER B 309 16.21 -26.35 -6.93
C SER B 309 17.11 -25.25 -7.47
N SER B 310 17.92 -24.63 -6.60
CA SER B 310 18.81 -23.57 -7.07
C SER B 310 19.81 -24.11 -8.09
N LEU B 311 20.43 -25.26 -7.79
CA LEU B 311 21.42 -25.81 -8.71
C LEU B 311 20.78 -26.16 -10.04
N PHE B 312 19.60 -26.79 -10.02
CA PHE B 312 18.92 -27.12 -11.26
C PHE B 312 18.60 -25.88 -12.07
N SER B 313 18.08 -24.84 -11.41
CA SER B 313 17.72 -23.62 -12.12
C SER B 313 18.94 -22.99 -12.77
N VAL B 314 20.07 -22.96 -12.06
CA VAL B 314 21.27 -22.34 -12.64
C VAL B 314 21.78 -23.16 -13.82
N PHE B 315 21.87 -24.48 -13.65
CA PHE B 315 22.51 -25.31 -14.67
C PHE B 315 21.65 -25.43 -15.93
N ILE B 316 20.33 -25.52 -15.79
CA ILE B 316 19.47 -25.69 -16.95
C ILE B 316 19.67 -24.56 -17.94
N PHE B 317 20.09 -23.38 -17.46
CA PHE B 317 20.29 -22.24 -18.33
C PHE B 317 21.76 -21.98 -18.64
N LEU B 318 22.69 -22.39 -17.78
CA LEU B 318 24.09 -22.36 -18.19
C LEU B 318 24.37 -23.37 -19.30
N SER B 319 23.48 -24.36 -19.46
CA SER B 319 23.61 -25.27 -20.59
C SER B 319 23.59 -24.54 -21.93
N PHE B 320 22.79 -23.47 -22.04
CA PHE B 320 22.76 -22.71 -23.28
C PHE B 320 24.11 -22.10 -23.60
N TYR B 321 24.73 -21.47 -22.58
CA TYR B 321 26.06 -20.90 -22.78
C TYR B 321 27.06 -21.98 -23.18
N LEU B 322 27.02 -23.12 -22.49
CA LEU B 322 27.96 -24.19 -22.81
C LEU B 322 27.78 -24.67 -24.24
N GLY B 323 26.53 -24.86 -24.68
CA GLY B 323 26.29 -25.31 -26.03
C GLY B 323 26.74 -24.32 -27.08
N CYS B 324 26.46 -23.03 -26.85
CA CYS B 324 26.93 -22.01 -27.79
C CYS B 324 28.44 -21.99 -27.88
N LEU B 325 29.12 -22.07 -26.73
CA LEU B 325 30.58 -22.08 -26.74
C LEU B 325 31.12 -23.29 -27.47
N LEU B 326 30.52 -24.47 -27.23
CA LEU B 326 30.98 -25.68 -27.91
C LEU B 326 30.79 -25.57 -29.42
N VAL B 327 29.63 -25.05 -29.85
CA VAL B 327 29.38 -24.92 -31.29
C VAL B 327 30.38 -23.95 -31.91
N GLY B 328 30.64 -22.83 -31.25
CA GLY B 328 31.61 -21.88 -31.78
C GLY B 328 33.00 -22.48 -31.88
N PHE B 329 33.41 -23.21 -30.84
CA PHE B 329 34.72 -23.85 -30.87
C PHE B 329 34.83 -24.87 -32.00
N VAL B 330 33.76 -25.67 -32.19
CA VAL B 330 33.78 -26.65 -33.27
C VAL B 330 33.87 -25.97 -34.61
N HIS B 331 33.10 -24.90 -34.82
CA HIS B 331 33.15 -24.18 -36.08
C HIS B 331 34.54 -23.62 -36.33
N TYR B 332 35.15 -23.02 -35.31
CA TYR B 332 36.49 -22.47 -35.47
C TYR B 332 37.49 -23.58 -35.80
N LEU B 333 37.40 -24.72 -35.13
CA LEU B 333 38.33 -25.81 -35.39
C LEU B 333 38.19 -26.36 -36.80
N ARG B 334 36.94 -26.54 -37.27
CA ARG B 334 36.70 -27.19 -38.54
C ARG B 334 36.57 -26.21 -39.70
N PHE B 335 35.61 -25.29 -39.62
CA PHE B 335 35.38 -24.39 -40.76
C PHE B 335 36.56 -23.47 -41.00
N GLN B 336 37.12 -22.89 -39.93
CA GLN B 336 38.26 -22.00 -40.10
C GLN B 336 39.46 -22.74 -40.68
N ARG B 337 39.74 -23.94 -40.19
CA ARG B 337 40.86 -24.72 -40.73
C ARG B 337 40.61 -25.10 -42.18
N LYS B 338 39.39 -25.48 -42.51
CA LYS B 338 39.05 -25.85 -43.88
C LYS B 338 37.86 -25.06 -44.40
N LYS B 440 27.89 4.66 -33.42
CA LYS B 440 26.60 5.09 -33.97
C LYS B 440 25.46 4.63 -33.08
N TYR B 441 25.52 3.38 -32.64
CA TYR B 441 24.49 2.79 -31.77
C TYR B 441 24.78 3.01 -30.30
N LYS B 442 25.93 3.58 -29.94
CA LYS B 442 26.26 3.76 -28.53
C LYS B 442 25.24 4.68 -27.84
N ILE B 443 24.87 5.77 -28.50
CA ILE B 443 23.87 6.67 -27.94
C ILE B 443 22.55 5.94 -27.75
N TYR B 444 22.12 5.19 -28.76
CA TYR B 444 20.86 4.46 -28.72
C TYR B 444 20.89 3.32 -27.71
N PHE B 445 22.07 2.96 -27.20
CA PHE B 445 22.20 1.95 -26.16
C PHE B 445 22.20 2.58 -24.77
N TRP B 446 22.97 3.67 -24.60
CA TRP B 446 23.02 4.31 -23.30
C TRP B 446 21.70 4.99 -22.94
N ASN B 447 20.97 5.51 -23.93
CA ASN B 447 19.65 6.05 -23.64
C ASN B 447 18.74 4.97 -23.05
N ILE B 448 18.74 3.79 -23.66
CA ILE B 448 17.93 2.68 -23.16
C ILE B 448 18.38 2.28 -21.77
N ILE B 449 19.70 2.23 -21.54
CA ILE B 449 20.19 1.84 -20.22
C ILE B 449 19.70 2.81 -19.16
N THR B 450 19.81 4.11 -19.44
CA THR B 450 19.38 5.12 -18.48
C THR B 450 17.89 4.99 -18.20
N ILE B 451 17.08 4.85 -19.25
CA ILE B 451 15.65 4.72 -19.07
C ILE B 451 15.33 3.50 -18.21
N ALA B 452 15.98 2.37 -18.50
CA ALA B 452 15.71 1.15 -17.74
C ALA B 452 16.03 1.33 -16.27
N VAL B 453 17.21 1.88 -15.96
CA VAL B 453 17.62 1.99 -14.56
C VAL B 453 16.67 2.91 -13.80
N PHE B 454 16.38 4.07 -14.37
CA PHE B 454 15.57 5.06 -13.66
C PHE B 454 14.08 4.75 -13.73
N TYR B 455 13.67 3.75 -14.50
CA TYR B 455 12.35 3.18 -14.37
C TYR B 455 12.31 2.08 -13.31
N ALA B 456 13.39 1.31 -13.18
CA ALA B 456 13.38 0.15 -12.29
C ALA B 456 13.48 0.54 -10.83
N LEU B 457 14.29 1.55 -10.48
CA LEU B 457 14.57 1.80 -9.07
C LEU B 457 13.31 1.99 -8.21
N PRO B 458 12.39 2.90 -8.56
CA PRO B 458 11.24 3.15 -7.67
C PRO B 458 10.39 1.93 -7.40
N VAL B 459 10.21 1.05 -8.40
CA VAL B 459 9.42 -0.15 -8.19
C VAL B 459 10.09 -1.05 -7.16
N ILE B 460 11.42 -1.13 -7.21
CA ILE B 460 12.15 -1.90 -6.20
C ILE B 460 11.87 -1.35 -4.82
N GLN B 461 11.96 -0.03 -4.66
CA GLN B 461 11.69 0.55 -3.35
C GLN B 461 10.26 0.25 -2.89
N LEU B 462 9.30 0.39 -3.79
CA LEU B 462 7.90 0.14 -3.44
C LEU B 462 7.68 -1.30 -2.98
N VAL B 463 8.24 -2.25 -3.71
CA VAL B 463 8.05 -3.65 -3.34
C VAL B 463 8.74 -3.95 -2.02
N ILE B 464 9.90 -3.33 -1.76
CA ILE B 464 10.54 -3.51 -0.46
C ILE B 464 9.63 -3.05 0.65
N THR B 465 9.01 -1.87 0.46
CA THR B 465 8.09 -1.37 1.48
C THR B 465 6.91 -2.31 1.68
N TYR B 466 6.35 -2.82 0.60
CA TYR B 466 5.23 -3.76 0.71
C TYR B 466 5.63 -4.98 1.52
N GLN B 467 6.77 -5.57 1.21
CA GLN B 467 7.20 -6.77 1.91
C GLN B 467 7.42 -6.50 3.39
N THR B 468 8.05 -5.36 3.72
CA THR B 468 8.25 -5.03 5.12
C THR B 468 6.93 -4.88 5.85
N VAL B 469 5.96 -4.20 5.23
CA VAL B 469 4.67 -4.01 5.89
C VAL B 469 3.99 -5.35 6.12
N VAL B 470 4.02 -6.23 5.12
CA VAL B 470 3.36 -7.53 5.27
C VAL B 470 4.05 -8.34 6.36
N ASN B 471 5.38 -8.27 6.45
CA ASN B 471 6.09 -8.99 7.50
C ASN B 471 5.71 -8.47 8.88
N VAL B 472 5.58 -7.15 9.03
CA VAL B 472 5.37 -6.58 10.36
C VAL B 472 3.92 -6.79 10.81
N THR B 473 2.96 -6.33 10.00
CA THR B 473 1.58 -6.29 10.47
C THR B 473 0.98 -7.68 10.67
N GLY B 474 1.42 -8.66 9.88
CA GLY B 474 0.83 -9.98 9.96
C GLY B 474 -0.45 -10.15 9.18
N ASN B 475 -0.89 -9.13 8.45
CA ASN B 475 -2.08 -9.22 7.62
C ASN B 475 -1.71 -9.87 6.30
N GLN B 476 -2.13 -11.12 6.11
CA GLN B 476 -1.78 -11.90 4.93
C GLN B 476 -2.84 -11.82 3.83
N ASP B 477 -3.59 -10.72 3.79
CA ASP B 477 -4.53 -10.45 2.72
C ASP B 477 -4.03 -9.37 1.76
N ILE B 478 -2.77 -8.98 1.87
CA ILE B 478 -2.22 -7.92 1.05
C ILE B 478 -1.59 -8.45 -0.23
N CYS B 479 -0.87 -9.57 -0.14
CA CYS B 479 -0.19 -10.15 -1.28
C CYS B 479 -0.96 -11.38 -1.77
N TYR B 480 -1.12 -11.48 -3.08
CA TYR B 480 -1.88 -12.57 -3.69
C TYR B 480 -0.95 -13.71 -4.11
N TYR B 481 -0.24 -14.26 -3.13
CA TYR B 481 0.63 -15.39 -3.40
C TYR B 481 -0.19 -16.63 -3.76
N ASN B 482 0.53 -17.68 -4.16
CA ASN B 482 -0.02 -19.03 -4.23
C ASN B 482 0.42 -19.71 -2.94
N PHE B 483 -0.40 -19.57 -1.90
CA PHE B 483 0.03 -19.90 -0.54
C PHE B 483 0.37 -21.37 -0.36
N LEU B 484 -0.06 -22.24 -1.26
CA LEU B 484 0.24 -23.66 -1.12
C LEU B 484 1.67 -24.01 -1.54
N CYS B 485 2.31 -23.18 -2.35
CA CYS B 485 3.72 -23.36 -2.72
C CYS B 485 4.48 -22.06 -2.62
N ALA B 486 4.34 -21.37 -1.49
CA ALA B 486 5.14 -20.19 -1.19
C ALA B 486 6.19 -20.60 -0.17
N HIS B 487 7.44 -20.68 -0.61
CA HIS B 487 8.53 -21.15 0.25
C HIS B 487 9.39 -19.97 0.65
N PRO B 488 9.41 -19.61 1.93
CA PRO B 488 10.13 -18.40 2.35
C PRO B 488 11.63 -18.63 2.44
N LEU B 489 12.36 -17.50 2.46
CA LEU B 489 13.79 -17.50 2.70
C LEU B 489 14.18 -16.11 3.19
N GLY B 490 14.71 -16.03 4.41
CA GLY B 490 15.01 -14.73 4.97
C GLY B 490 13.75 -13.92 5.17
N VAL B 491 13.74 -12.71 4.63
CA VAL B 491 12.59 -11.82 4.75
C VAL B 491 11.72 -11.95 3.49
N LEU B 492 11.99 -12.97 2.69
CA LEU B 492 11.25 -13.21 1.45
C LEU B 492 10.16 -14.24 1.71
N SER B 493 8.93 -13.93 1.28
CA SER B 493 7.80 -14.80 1.52
C SER B 493 7.67 -15.91 0.48
N ALA B 494 7.93 -15.58 -0.79
CA ALA B 494 7.85 -16.55 -1.89
C ALA B 494 9.17 -16.50 -2.65
N PHE B 495 10.13 -17.30 -2.19
CA PHE B 495 11.45 -17.30 -2.82
C PHE B 495 11.43 -17.96 -4.19
N ASN B 496 10.63 -19.02 -4.35
CA ASN B 496 10.61 -19.73 -5.63
C ASN B 496 10.08 -18.84 -6.75
N ASN B 497 9.04 -18.05 -6.48
CA ASN B 497 8.44 -17.21 -7.51
C ASN B 497 9.42 -16.19 -8.06
N ILE B 498 10.48 -15.88 -7.31
CA ILE B 498 11.49 -14.93 -7.75
C ILE B 498 12.67 -15.64 -8.41
N LEU B 499 13.12 -16.75 -7.83
CA LEU B 499 14.20 -17.51 -8.43
C LEU B 499 13.79 -18.12 -9.77
N SER B 500 12.49 -18.22 -10.04
CA SER B 500 12.05 -18.73 -11.33
C SER B 500 12.23 -17.72 -12.47
N ASN B 501 12.84 -16.56 -12.21
CA ASN B 501 13.02 -15.53 -13.23
C ASN B 501 14.45 -15.44 -13.73
N LEU B 502 15.30 -16.40 -13.39
CA LEU B 502 16.68 -16.37 -13.86
C LEU B 502 16.79 -16.52 -15.37
N GLY B 503 15.83 -17.23 -15.98
CA GLY B 503 15.90 -17.47 -17.40
C GLY B 503 15.85 -16.21 -18.23
N HIS B 504 14.93 -15.30 -17.89
CA HIS B 504 14.84 -14.04 -18.61
C HIS B 504 16.18 -13.33 -18.64
N VAL B 505 16.78 -13.15 -17.45
CA VAL B 505 18.02 -12.39 -17.35
C VAL B 505 19.13 -13.08 -18.14
N LEU B 506 19.32 -14.38 -17.92
CA LEU B 506 20.42 -15.08 -18.55
C LEU B 506 20.28 -15.11 -20.07
N LEU B 507 19.08 -15.39 -20.56
CA LEU B 507 18.88 -15.45 -22.01
C LEU B 507 19.01 -14.08 -22.64
N GLY B 508 18.53 -13.03 -21.96
CA GLY B 508 18.73 -11.68 -22.48
C GLY B 508 20.20 -11.34 -22.59
N PHE B 509 20.98 -11.69 -21.56
CA PHE B 509 22.42 -11.41 -21.61
C PHE B 509 23.07 -12.18 -22.75
N LEU B 510 22.68 -13.45 -22.94
CA LEU B 510 23.27 -14.24 -24.03
C LEU B 510 22.91 -13.64 -25.39
N PHE B 511 21.67 -13.20 -25.56
CA PHE B 511 21.27 -12.57 -26.82
C PHE B 511 22.07 -11.29 -27.06
N LEU B 512 22.26 -10.49 -26.02
CA LEU B 512 23.07 -9.28 -26.17
C LEU B 512 24.49 -9.63 -26.58
N LEU B 513 25.07 -10.67 -25.98
CA LEU B 513 26.41 -11.09 -26.35
C LEU B 513 26.48 -11.51 -27.81
N ILE B 514 25.49 -12.28 -28.27
CA ILE B 514 25.48 -12.72 -29.66
C ILE B 514 25.40 -11.52 -30.61
N VAL B 515 24.49 -10.59 -30.31
CA VAL B 515 24.34 -9.43 -31.16
C VAL B 515 25.62 -8.59 -31.19
N LEU B 516 26.26 -8.44 -30.03
CA LEU B 516 27.50 -7.68 -29.98
C LEU B 516 28.59 -8.36 -30.80
N ARG B 517 28.68 -9.68 -30.72
CA ARG B 517 29.67 -10.40 -31.53
C ARG B 517 29.42 -10.16 -33.01
N ARG B 518 28.16 -10.26 -33.44
CA ARG B 518 27.85 -10.05 -34.85
C ARG B 518 28.18 -8.62 -35.28
N ASP B 519 27.86 -7.64 -34.44
CA ASP B 519 28.17 -6.26 -34.77
C ASP B 519 29.66 -6.03 -34.88
N ILE B 520 30.44 -6.59 -33.96
CA ILE B 520 31.89 -6.44 -34.02
C ILE B 520 32.44 -7.06 -35.29
N LEU B 521 31.97 -8.27 -35.63
CA LEU B 521 32.45 -8.90 -36.85
C LEU B 521 32.11 -8.07 -38.08
N HIS B 522 30.88 -7.56 -38.15
CA HIS B 522 30.49 -6.75 -39.31
C HIS B 522 31.33 -5.49 -39.40
N ARG B 523 31.53 -4.81 -38.28
CA ARG B 523 32.32 -3.58 -38.30
C ARG B 523 33.76 -3.86 -38.73
N ARG B 524 34.36 -4.94 -38.21
CA ARG B 524 35.72 -5.27 -38.59
C ARG B 524 35.81 -5.61 -40.08
N ALA B 525 34.84 -6.37 -40.59
CA ALA B 525 34.86 -6.71 -42.01
C ALA B 525 34.72 -5.47 -42.88
N LEU B 526 33.81 -4.57 -42.51
CA LEU B 526 33.62 -3.36 -43.31
C LEU B 526 34.87 -2.50 -43.31
N GLU B 527 35.53 -2.36 -42.17
CA GLU B 527 36.74 -1.53 -42.07
C GLU B 527 37.99 -2.40 -42.19
N PRO B 539 22.53 -6.15 -41.76
CA PRO B 539 23.13 -5.58 -40.56
C PRO B 539 22.98 -4.06 -40.50
N LYS B 540 21.78 -3.58 -40.22
CA LYS B 540 21.52 -2.15 -40.15
C LYS B 540 20.79 -1.77 -38.88
N HIS B 541 19.98 -2.70 -38.35
CA HIS B 541 19.13 -2.43 -37.18
C HIS B 541 19.66 -3.09 -35.92
N PHE B 542 20.99 -3.12 -35.74
CA PHE B 542 21.54 -3.75 -34.55
C PHE B 542 21.07 -3.06 -33.27
N GLY B 543 20.76 -1.77 -33.35
CA GLY B 543 20.16 -1.09 -32.21
C GLY B 543 18.82 -1.70 -31.83
N LEU B 544 18.05 -2.14 -32.83
CA LEU B 544 16.78 -2.81 -32.54
C LEU B 544 17.00 -4.07 -31.72
N PHE B 545 18.00 -4.87 -32.08
CA PHE B 545 18.26 -6.10 -31.34
C PHE B 545 18.85 -5.81 -29.95
N TYR B 546 19.66 -4.76 -29.83
CA TYR B 546 20.11 -4.35 -28.51
C TYR B 546 18.92 -3.99 -27.63
N ALA B 547 17.97 -3.24 -28.18
CA ALA B 547 16.76 -2.90 -27.45
C ALA B 547 15.97 -4.15 -27.09
N MET B 548 15.93 -5.13 -28.00
CA MET B 548 15.22 -6.37 -27.72
C MET B 548 15.82 -7.09 -26.52
N GLY B 549 17.14 -7.23 -26.50
CA GLY B 549 17.79 -7.87 -25.37
C GLY B 549 17.58 -7.11 -24.08
N ILE B 550 17.72 -5.79 -24.13
CA ILE B 550 17.49 -4.98 -22.93
C ILE B 550 16.07 -5.16 -22.43
N ALA B 551 15.11 -5.22 -23.35
CA ALA B 551 13.71 -5.39 -22.97
C ALA B 551 13.48 -6.74 -22.32
N LEU B 552 14.11 -7.79 -22.84
CA LEU B 552 13.98 -9.11 -22.22
C LEU B 552 14.51 -9.08 -20.79
N MET B 553 15.71 -8.54 -20.60
CA MET B 553 16.29 -8.49 -19.26
C MET B 553 15.42 -7.66 -18.32
N MET B 554 14.93 -6.51 -18.80
CA MET B 554 14.10 -5.66 -17.96
C MET B 554 12.77 -6.32 -17.62
N GLU B 555 12.19 -7.07 -18.56
CA GLU B 555 10.97 -7.81 -18.25
C GLU B 555 11.23 -8.83 -17.16
N GLY B 556 12.35 -9.55 -17.24
CA GLY B 556 12.68 -10.47 -16.18
C GLY B 556 12.79 -9.77 -14.82
N VAL B 557 13.50 -8.64 -14.80
CA VAL B 557 13.70 -7.92 -13.55
C VAL B 557 12.37 -7.42 -12.99
N LEU B 558 11.53 -6.86 -13.85
CA LEU B 558 10.26 -6.31 -13.40
C LEU B 558 9.30 -7.40 -12.93
N SER B 559 9.31 -8.56 -13.59
CA SER B 559 8.51 -9.68 -13.10
C SER B 559 8.98 -10.13 -11.73
N ALA B 560 10.30 -10.21 -11.54
CA ALA B 560 10.82 -10.56 -10.22
C ALA B 560 10.37 -9.55 -9.18
N CYS B 561 10.42 -8.25 -9.51
CA CYS B 561 9.96 -7.23 -8.58
C CYS B 561 8.47 -7.38 -8.27
N TYR B 562 7.66 -7.64 -9.30
CA TYR B 562 6.22 -7.74 -9.11
C TYR B 562 5.86 -8.93 -8.22
N HIS B 563 6.58 -10.04 -8.36
CA HIS B 563 6.23 -11.23 -7.61
C HIS B 563 6.61 -11.17 -6.14
N VAL B 564 7.24 -10.08 -5.68
CA VAL B 564 7.54 -9.95 -4.26
C VAL B 564 6.25 -9.84 -3.45
N CYS B 565 5.29 -9.07 -3.94
CA CYS B 565 3.98 -8.96 -3.30
C CYS B 565 2.96 -8.58 -4.36
N PRO B 566 2.36 -9.56 -5.02
CA PRO B 566 1.40 -9.27 -6.10
C PRO B 566 0.06 -8.83 -5.54
N ASN B 567 -0.45 -7.71 -6.05
CA ASN B 567 -1.79 -7.24 -5.72
C ASN B 567 -2.25 -6.31 -6.85
N TYR B 568 -3.35 -5.61 -6.62
CA TYR B 568 -3.94 -4.76 -7.65
C TYR B 568 -3.29 -3.39 -7.70
N SER B 569 -1.96 -3.35 -7.70
CA SER B 569 -1.25 -2.10 -7.89
C SER B 569 0.05 -2.21 -8.67
N ASN B 570 0.43 -3.40 -9.16
CA ASN B 570 1.80 -3.63 -9.63
C ASN B 570 1.91 -4.08 -11.07
N PHE B 571 0.89 -4.73 -11.63
CA PHE B 571 1.01 -5.24 -13.00
C PHE B 571 1.25 -4.12 -14.00
N GLN B 572 0.76 -2.92 -13.70
CA GLN B 572 0.83 -1.82 -14.65
C GLN B 572 2.26 -1.48 -15.02
N PHE B 573 3.20 -1.58 -14.08
CA PHE B 573 4.57 -1.18 -14.37
C PHE B 573 5.19 -2.06 -15.45
N ASP B 574 5.13 -3.37 -15.25
CA ASP B 574 5.67 -4.29 -16.25
C ASP B 574 4.90 -4.20 -17.56
N THR B 575 3.58 -4.01 -17.49
CA THR B 575 2.81 -3.85 -18.73
C THR B 575 3.25 -2.61 -19.50
N SER B 576 3.50 -1.51 -18.81
CA SER B 576 3.77 -0.23 -19.46
C SER B 576 5.20 -0.11 -19.97
N PHE B 577 6.17 -0.74 -19.31
CA PHE B 577 7.54 -0.63 -19.79
C PHE B 577 7.66 -1.19 -21.21
N MET B 578 6.99 -2.32 -21.47
CA MET B 578 7.02 -2.90 -22.81
C MET B 578 6.38 -1.98 -23.83
N TYR B 579 5.27 -1.33 -23.46
CA TYR B 579 4.65 -0.36 -24.36
C TYR B 579 5.62 0.77 -24.70
N MET B 580 6.31 1.29 -23.69
CA MET B 580 7.25 2.38 -23.92
C MET B 580 8.36 1.92 -24.86
N ILE B 581 8.91 0.73 -24.62
CA ILE B 581 10.00 0.23 -25.46
C ILE B 581 9.52 0.03 -26.90
N ALA B 582 8.34 -0.55 -27.06
CA ALA B 582 7.81 -0.77 -28.41
C ALA B 582 7.60 0.55 -29.13
N GLY B 583 7.06 1.55 -28.43
CA GLY B 583 6.87 2.85 -29.06
C GLY B 583 8.17 3.48 -29.49
N LEU B 584 9.18 3.44 -28.62
CA LEU B 584 10.48 4.00 -28.98
C LEU B 584 11.07 3.29 -30.20
N CYS B 585 11.00 1.95 -30.20
CA CYS B 585 11.56 1.20 -31.32
C CYS B 585 10.83 1.52 -32.62
N MET B 586 9.49 1.58 -32.58
CA MET B 586 8.73 1.89 -33.77
C MET B 586 9.07 3.29 -34.29
N LEU B 587 9.14 4.27 -33.39
CA LEU B 587 9.46 5.62 -33.82
C LEU B 587 10.84 5.71 -34.44
N LYS B 588 11.83 5.06 -33.81
CA LYS B 588 13.17 5.08 -34.36
C LYS B 588 13.22 4.41 -35.73
N LEU B 589 12.54 3.27 -35.87
CA LEU B 589 12.53 2.58 -37.15
C LEU B 589 11.90 3.44 -38.23
N TYR B 590 10.77 4.06 -37.93
CA TYR B 590 10.11 4.89 -38.94
C TYR B 590 10.96 6.10 -39.31
N GLN B 591 11.60 6.73 -38.32
CA GLN B 591 12.46 7.87 -38.62
C GLN B 591 13.64 7.46 -39.49
N THR B 592 14.29 6.34 -39.15
CA THR B 592 15.44 5.89 -39.93
C THR B 592 15.02 5.54 -41.35
N ARG B 593 13.91 4.83 -41.51
CA ARG B 593 13.44 4.49 -42.85
C ARG B 593 13.06 5.71 -43.66
N HIS B 594 12.71 6.82 -42.99
CA HIS B 594 12.37 8.07 -43.65
C HIS B 594 11.06 7.94 -44.43
N PRO B 595 10.39 9.06 -44.72
CA PRO B 595 9.17 8.97 -45.53
C PRO B 595 9.41 8.44 -46.94
N ASP B 596 10.49 8.86 -47.59
CA ASP B 596 10.76 8.46 -48.96
C ASP B 596 9.52 8.65 -49.84
N ILE B 597 8.70 7.61 -49.95
CA ILE B 597 7.52 7.69 -50.79
C ILE B 597 6.34 8.29 -50.01
N ASN B 598 6.03 7.73 -48.85
CA ASN B 598 5.02 8.31 -47.97
C ASN B 598 5.58 8.69 -46.60
N ALA B 599 6.19 7.74 -45.88
CA ALA B 599 6.35 6.34 -46.24
C ALA B 599 5.16 5.50 -45.77
N SER B 600 4.81 4.48 -46.56
CA SER B 600 3.70 3.58 -46.25
C SER B 600 2.43 4.42 -46.16
N ALA B 601 1.69 4.38 -45.05
CA ALA B 601 0.49 5.20 -44.91
C ALA B 601 0.35 5.78 -43.51
N TYR B 602 1.43 5.83 -42.74
CA TYR B 602 1.40 6.33 -41.37
C TYR B 602 0.39 5.56 -40.52
N SER B 603 0.29 4.26 -40.76
CA SER B 603 -0.64 3.42 -40.00
C SER B 603 -0.12 3.12 -38.59
N ALA B 604 1.20 2.95 -38.44
CA ALA B 604 1.75 2.58 -37.15
C ALA B 604 1.50 3.65 -36.09
N TYR B 605 1.69 4.93 -36.45
CA TYR B 605 1.49 6.00 -35.48
C TYR B 605 0.03 6.09 -35.06
N ALA B 606 -0.90 5.94 -36.02
CA ALA B 606 -2.31 5.94 -35.67
C ALA B 606 -2.66 4.77 -34.77
N SER B 607 -2.11 3.59 -35.05
CA SER B 607 -2.36 2.43 -34.22
C SER B 607 -1.84 2.65 -32.80
N PHE B 608 -0.65 3.23 -32.68
CA PHE B 608 -0.11 3.50 -31.34
C PHE B 608 -0.96 4.52 -30.59
N ALA B 609 -1.42 5.56 -31.28
CA ALA B 609 -2.33 6.51 -30.64
C ALA B 609 -3.58 5.80 -30.16
N VAL B 610 -4.16 4.96 -31.02
CA VAL B 610 -5.37 4.21 -30.65
C VAL B 610 -5.11 3.39 -29.39
N VAL B 611 -3.95 2.73 -29.32
CA VAL B 611 -3.57 2.03 -28.11
C VAL B 611 -3.55 2.97 -26.92
N ILE B 612 -3.05 4.20 -27.14
CA ILE B 612 -2.96 5.18 -26.06
C ILE B 612 -4.34 5.42 -25.45
N MET B 613 -5.30 5.88 -26.28
CA MET B 613 -6.57 6.15 -25.61
C MET B 613 -7.35 4.88 -25.26
N VAL B 614 -7.01 3.72 -25.84
CA VAL B 614 -7.61 2.48 -25.38
C VAL B 614 -7.19 2.21 -23.93
N THR B 615 -5.90 2.36 -23.65
CA THR B 615 -5.42 2.21 -22.28
C THR B 615 -6.04 3.27 -21.37
N VAL B 616 -6.16 4.50 -21.86
CA VAL B 616 -6.74 5.57 -21.05
C VAL B 616 -8.18 5.22 -20.70
N LEU B 617 -8.96 4.77 -21.68
CA LEU B 617 -10.35 4.40 -21.43
C LEU B 617 -10.44 3.22 -20.46
N GLY B 618 -9.57 2.23 -20.63
CA GLY B 618 -9.55 1.12 -19.70
C GLY B 618 -9.29 1.58 -18.27
N VAL B 619 -8.40 2.56 -18.12
CA VAL B 619 -8.15 3.13 -16.80
C VAL B 619 -9.40 3.87 -16.31
N VAL B 620 -10.13 4.51 -17.21
CA VAL B 620 -11.29 5.31 -16.81
C VAL B 620 -12.47 4.42 -16.49
N PHE B 621 -12.94 3.65 -17.47
CA PHE B 621 -14.13 2.82 -17.33
C PHE B 621 -13.70 1.38 -17.08
N GLY B 622 -14.12 0.83 -15.94
CA GLY B 622 -13.86 -0.57 -15.64
C GLY B 622 -15.11 -1.42 -15.73
N LYS B 623 -15.23 -2.19 -16.80
CA LYS B 623 -16.40 -3.05 -17.01
C LYS B 623 -17.69 -2.26 -16.88
N ASN B 624 -17.70 -1.07 -17.47
CA ASN B 624 -18.84 -0.16 -17.37
C ASN B 624 -19.83 -0.46 -18.49
N ASP B 625 -20.94 -1.10 -18.14
CA ASP B 625 -22.04 -1.41 -19.06
C ASP B 625 -21.55 -1.76 -20.46
N VAL B 626 -22.04 -1.05 -21.47
CA VAL B 626 -21.70 -1.35 -22.85
C VAL B 626 -20.33 -0.82 -23.26
N TRP B 627 -19.70 -0.02 -22.41
CA TRP B 627 -18.37 0.51 -22.74
C TRP B 627 -17.35 -0.63 -22.88
N PHE B 628 -17.46 -1.65 -22.03
CA PHE B 628 -16.57 -2.79 -22.13
C PHE B 628 -16.63 -3.42 -23.52
N TRP B 629 -17.85 -3.74 -23.98
CA TRP B 629 -18.01 -4.35 -25.28
C TRP B 629 -17.56 -3.41 -26.39
N VAL B 630 -17.88 -2.12 -26.26
CA VAL B 630 -17.51 -1.15 -27.29
C VAL B 630 -16.01 -1.11 -27.45
N ILE B 631 -15.27 -0.99 -26.34
CA ILE B 631 -13.82 -0.90 -26.41
C ILE B 631 -13.23 -2.20 -26.92
N PHE B 632 -13.75 -3.34 -26.46
CA PHE B 632 -13.24 -4.63 -26.93
C PHE B 632 -13.37 -4.74 -28.45
N SER B 633 -14.57 -4.46 -28.97
CA SER B 633 -14.79 -4.55 -30.41
C SER B 633 -13.93 -3.54 -31.16
N ALA B 634 -13.82 -2.32 -30.63
CA ALA B 634 -13.02 -1.31 -31.31
C ALA B 634 -11.56 -1.74 -31.41
N ILE B 635 -11.00 -2.25 -30.32
CA ILE B 635 -9.61 -2.68 -30.35
C ILE B 635 -9.41 -3.84 -31.32
N HIS B 636 -10.35 -4.80 -31.31
CA HIS B 636 -10.19 -5.93 -32.23
C HIS B 636 -10.28 -5.49 -33.68
N VAL B 637 -11.22 -4.60 -34.00
CA VAL B 637 -11.35 -4.10 -35.36
C VAL B 637 -10.10 -3.32 -35.77
N LEU B 638 -9.57 -2.51 -34.85
CA LEU B 638 -8.35 -1.76 -35.15
C LEU B 638 -7.19 -2.70 -35.45
N ALA B 639 -7.03 -3.75 -34.63
CA ALA B 639 -5.98 -4.71 -34.91
C ALA B 639 -6.17 -5.37 -36.27
N SER B 640 -7.40 -5.77 -36.59
CA SER B 640 -7.66 -6.44 -37.86
C SER B 640 -7.32 -5.54 -39.03
N LEU B 641 -7.81 -4.29 -39.02
CA LEU B 641 -7.60 -3.43 -40.17
C LEU B 641 -6.15 -2.97 -40.26
N ALA B 642 -5.47 -2.79 -39.12
CA ALA B 642 -4.05 -2.47 -39.17
C ALA B 642 -3.25 -3.60 -39.79
N LEU B 643 -3.55 -4.85 -39.41
CA LEU B 643 -2.87 -5.98 -40.01
C LEU B 643 -3.16 -6.06 -41.51
N SER B 644 -4.41 -5.82 -41.89
CA SER B 644 -4.77 -5.85 -43.31
C SER B 644 -3.97 -4.81 -44.09
N THR B 645 -3.90 -3.59 -43.58
CA THR B 645 -3.15 -2.54 -44.26
C THR B 645 -1.67 -2.89 -44.35
N GLN B 646 -1.10 -3.39 -43.25
CA GLN B 646 0.32 -3.72 -43.25
C GLN B 646 0.63 -4.82 -44.26
N ILE B 647 -0.21 -5.86 -44.32
CA ILE B 647 0.02 -6.93 -45.27
C ILE B 647 -0.14 -6.44 -46.70
N TYR B 648 -1.17 -5.62 -46.95
CA TYR B 648 -1.39 -5.12 -48.31
C TYR B 648 -0.24 -4.25 -48.78
N TYR B 649 0.29 -3.39 -47.91
CA TYR B 649 1.35 -2.48 -48.32
C TYR B 649 2.68 -3.18 -48.56
N MET B 650 2.80 -4.45 -48.21
CA MET B 650 4.03 -5.20 -48.45
C MET B 650 3.74 -6.56 -49.05
N TYR B 685 -0.51 -12.77 -57.94
CA TYR B 685 -0.25 -12.29 -56.59
C TYR B 685 -1.29 -12.81 -55.61
N MET B 686 -2.01 -13.87 -55.99
CA MET B 686 -3.10 -14.36 -55.18
C MET B 686 -2.67 -14.72 -53.76
N ASP B 687 -1.39 -15.03 -53.55
CA ASP B 687 -0.90 -15.28 -52.21
C ASP B 687 -1.19 -14.10 -51.29
N ARG B 688 -1.18 -12.89 -51.83
CA ARG B 688 -1.45 -11.71 -51.00
C ARG B 688 -2.86 -11.75 -50.44
N MET B 689 -3.86 -11.97 -51.29
CA MET B 689 -5.23 -12.07 -50.80
C MET B 689 -5.41 -13.27 -49.88
N VAL B 690 -4.77 -14.40 -50.21
CA VAL B 690 -4.88 -15.57 -49.35
C VAL B 690 -4.38 -15.23 -47.94
N LEU B 691 -3.20 -14.61 -47.85
CA LEU B 691 -2.64 -14.26 -46.55
C LEU B 691 -3.49 -13.23 -45.83
N LEU B 692 -4.03 -12.24 -46.56
CA LEU B 692 -4.88 -11.24 -45.94
C LEU B 692 -6.12 -11.89 -45.34
N VAL B 693 -6.75 -12.80 -46.09
CA VAL B 693 -7.93 -13.50 -45.59
C VAL B 693 -7.58 -14.33 -44.36
N VAL B 694 -6.44 -15.01 -44.40
CA VAL B 694 -6.02 -15.83 -43.26
C VAL B 694 -5.83 -14.95 -42.03
N GLY B 695 -5.17 -13.80 -42.20
CA GLY B 695 -4.97 -12.90 -41.08
C GLY B 695 -6.26 -12.36 -40.51
N ASN B 696 -7.19 -11.98 -41.40
CA ASN B 696 -8.49 -11.50 -40.93
C ASN B 696 -9.24 -12.59 -40.17
N LEU B 697 -9.18 -13.83 -40.67
CA LEU B 697 -9.83 -14.94 -39.97
C LEU B 697 -9.20 -15.17 -38.60
N VAL B 698 -7.88 -15.08 -38.51
CA VAL B 698 -7.22 -15.26 -37.23
C VAL B 698 -7.61 -14.15 -36.25
N ASN B 699 -7.70 -12.92 -36.75
CA ASN B 699 -8.14 -11.82 -35.89
C ASN B 699 -9.56 -12.03 -35.40
N TRP B 700 -10.44 -12.51 -36.29
CA TRP B 700 -11.81 -12.80 -35.87
C TRP B 700 -11.85 -13.92 -34.85
N SER B 701 -10.97 -14.92 -34.98
CA SER B 701 -10.88 -15.97 -33.98
C SER B 701 -10.44 -15.40 -32.63
N PHE B 702 -9.48 -14.48 -32.65
CA PHE B 702 -9.07 -13.81 -31.42
C PHE B 702 -10.25 -13.06 -30.81
N ALA B 703 -11.03 -12.37 -31.64
CA ALA B 703 -12.19 -11.65 -31.14
C ALA B 703 -13.21 -12.60 -30.51
N LEU B 704 -13.44 -13.74 -31.14
CA LEU B 704 -14.36 -14.72 -30.58
C LEU B 704 -13.86 -15.25 -29.25
N PHE B 705 -12.56 -15.55 -29.15
CA PHE B 705 -12.00 -16.01 -27.89
C PHE B 705 -12.16 -14.97 -26.80
N GLY B 706 -11.89 -13.70 -27.13
CA GLY B 706 -12.13 -12.63 -26.17
C GLY B 706 -13.58 -12.52 -25.77
N LEU B 707 -14.50 -12.77 -26.71
CA LEU B 707 -15.92 -12.78 -26.37
C LEU B 707 -16.25 -13.89 -25.38
N ILE B 708 -15.64 -15.06 -25.55
CA ILE B 708 -15.92 -16.19 -24.66
C ILE B 708 -15.59 -15.81 -23.22
N TYR B 709 -14.32 -15.50 -22.95
CA TYR B 709 -13.88 -15.09 -21.63
C TYR B 709 -13.63 -13.59 -21.63
N ARG B 710 -14.24 -12.88 -20.68
CA ARG B 710 -14.05 -11.44 -20.59
C ARG B 710 -12.59 -11.13 -20.26
N PRO B 711 -12.00 -10.13 -20.90
CA PRO B 711 -10.60 -9.77 -20.57
C PRO B 711 -10.55 -8.97 -19.28
N ARG B 712 -9.78 -9.46 -18.31
CA ARG B 712 -9.68 -8.77 -17.03
C ARG B 712 -8.90 -7.47 -17.15
N ASP B 713 -7.82 -7.46 -17.92
CA ASP B 713 -6.97 -6.29 -18.07
C ASP B 713 -6.84 -5.94 -19.55
N PHE B 714 -7.03 -4.66 -19.87
CA PHE B 714 -6.98 -4.24 -21.27
C PHE B 714 -5.56 -4.21 -21.80
N ALA B 715 -4.63 -3.69 -21.02
CA ALA B 715 -3.26 -3.53 -21.50
C ALA B 715 -2.62 -4.88 -21.81
N SER B 716 -2.75 -5.85 -20.91
CA SER B 716 -2.17 -7.16 -21.15
C SER B 716 -2.84 -7.84 -22.33
N TYR B 717 -4.17 -7.69 -22.45
CA TYR B 717 -4.88 -8.26 -23.60
C TYR B 717 -4.34 -7.69 -24.90
N MET B 718 -4.18 -6.37 -24.97
CA MET B 718 -3.66 -5.74 -26.18
C MET B 718 -2.23 -6.19 -26.46
N LEU B 719 -1.40 -6.30 -25.43
CA LEU B 719 -0.03 -6.74 -25.64
C LEU B 719 0.01 -8.17 -26.19
N GLY B 720 -0.82 -9.06 -25.64
CA GLY B 720 -0.86 -10.41 -26.15
C GLY B 720 -1.34 -10.47 -27.59
N ILE B 721 -2.37 -9.68 -27.92
CA ILE B 721 -2.86 -9.65 -29.28
C ILE B 721 -1.77 -9.16 -30.22
N PHE B 722 -1.05 -8.10 -29.83
CA PHE B 722 0.03 -7.58 -30.65
C PHE B 722 1.12 -8.61 -30.85
N ILE B 723 1.49 -9.34 -29.80
CA ILE B 723 2.56 -10.32 -29.91
C ILE B 723 2.15 -11.45 -30.85
N CYS B 724 0.93 -11.97 -30.68
CA CYS B 724 0.49 -13.05 -31.57
C CYS B 724 0.40 -12.58 -33.01
N ASN B 725 -0.08 -11.35 -33.23
CA ASN B 725 -0.11 -10.82 -34.58
C ASN B 725 1.30 -10.69 -35.16
N LEU B 726 2.27 -10.34 -34.33
CA LEU B 726 3.64 -10.26 -34.81
C LEU B 726 4.16 -11.63 -35.25
N LEU B 727 3.93 -12.67 -34.42
CA LEU B 727 4.36 -14.00 -34.84
C LEU B 727 3.63 -14.44 -36.11
N LEU B 728 2.36 -14.08 -36.23
CA LEU B 728 1.57 -14.41 -37.41
C LEU B 728 2.13 -13.75 -38.67
N TYR B 729 2.49 -12.47 -38.56
CA TYR B 729 3.13 -11.77 -39.66
C TYR B 729 4.47 -12.40 -40.02
N LEU B 730 5.27 -12.75 -39.02
CA LEU B 730 6.52 -13.44 -39.28
C LEU B 730 6.24 -14.75 -40.01
N ALA B 731 5.12 -15.39 -39.69
CA ALA B 731 4.73 -16.61 -40.40
C ALA B 731 4.57 -16.36 -41.89
N PHE B 732 3.78 -15.34 -42.27
CA PHE B 732 3.67 -15.07 -43.70
C PHE B 732 5.02 -14.68 -44.30
N TYR B 733 5.82 -13.91 -43.59
CA TYR B 733 7.09 -13.49 -44.17
C TYR B 733 7.96 -14.70 -44.49
N ILE B 734 8.07 -15.64 -43.55
CA ILE B 734 8.88 -16.83 -43.81
C ILE B 734 8.27 -17.66 -44.93
N ILE B 735 6.95 -17.82 -44.94
CA ILE B 735 6.32 -18.63 -45.99
C ILE B 735 6.58 -18.01 -47.37
N MET B 736 6.45 -16.68 -47.48
CA MET B 736 6.72 -16.03 -48.76
C MET B 736 8.18 -16.19 -49.17
N LYS B 737 9.11 -16.04 -48.21
CA LYS B 737 10.51 -16.25 -48.53
C LYS B 737 10.77 -17.69 -48.98
N LEU B 738 9.93 -18.63 -48.56
CA LEU B 738 10.08 -20.03 -48.89
C LEU B 738 9.32 -20.44 -50.15
N ARG B 739 9.09 -19.50 -51.07
CA ARG B 739 8.44 -19.79 -52.35
C ARG B 739 9.45 -20.00 -53.46
N SER B 740 10.62 -20.56 -53.13
CA SER B 740 11.73 -20.81 -54.05
C SER B 740 12.49 -19.54 -54.41
N SER B 741 12.03 -18.37 -53.94
CA SER B 741 12.76 -17.13 -54.21
C SER B 741 14.13 -17.13 -53.55
N GLU B 742 14.20 -17.62 -52.31
CA GLU B 742 15.44 -17.61 -51.55
C GLU B 742 15.57 -18.94 -50.82
N LYS B 743 16.58 -19.04 -49.95
CA LYS B 743 16.87 -20.26 -49.21
C LYS B 743 17.07 -19.92 -47.73
N VAL B 744 16.90 -20.94 -46.89
CA VAL B 744 17.04 -20.81 -45.45
C VAL B 744 18.08 -21.81 -44.96
N LEU B 745 19.02 -21.33 -44.16
CA LEU B 745 20.09 -22.16 -43.61
C LEU B 745 19.56 -22.99 -42.44
N PRO B 746 20.32 -23.99 -42.01
CA PRO B 746 19.83 -24.87 -40.92
C PRO B 746 19.47 -24.12 -39.65
N VAL B 747 20.24 -23.08 -39.30
CA VAL B 747 19.95 -22.33 -38.08
C VAL B 747 18.57 -21.69 -38.15
N PRO B 748 18.22 -20.96 -39.19
CA PRO B 748 16.85 -20.44 -39.32
C PRO B 748 15.75 -21.44 -38.97
N LEU B 749 15.69 -22.57 -39.69
CA LEU B 749 14.55 -23.47 -39.51
C LEU B 749 14.63 -24.23 -38.20
N PHE B 750 15.83 -24.55 -37.72
CA PHE B 750 15.95 -25.11 -36.38
C PHE B 750 15.36 -24.13 -35.35
N CYS B 751 15.70 -22.85 -35.47
CA CYS B 751 15.18 -21.87 -34.54
C CYS B 751 13.66 -21.74 -34.64
N ILE B 752 13.12 -21.79 -35.85
CA ILE B 752 11.67 -21.64 -36.00
C ILE B 752 10.94 -22.84 -35.42
N VAL B 753 11.44 -24.04 -35.65
CA VAL B 753 10.79 -25.22 -35.06
C VAL B 753 10.86 -25.14 -33.54
N ALA B 754 12.02 -24.76 -32.99
CA ALA B 754 12.13 -24.61 -31.55
C ALA B 754 11.15 -23.57 -31.03
N THR B 755 11.01 -22.45 -31.75
CA THR B 755 10.10 -21.39 -31.31
C THR B 755 8.66 -21.90 -31.29
N ALA B 756 8.24 -22.64 -32.32
CA ALA B 756 6.87 -23.15 -32.32
C ALA B 756 6.64 -24.13 -31.17
N VAL B 757 7.58 -25.06 -30.97
CA VAL B 757 7.41 -26.06 -29.92
C VAL B 757 7.33 -25.38 -28.55
N MET B 758 8.29 -24.49 -28.27
CA MET B 758 8.31 -23.81 -26.99
C MET B 758 7.08 -22.93 -26.81
N TRP B 759 6.60 -22.30 -27.87
CA TRP B 759 5.41 -21.48 -27.75
C TRP B 759 4.20 -22.32 -27.37
N ALA B 760 4.03 -23.48 -28.00
CA ALA B 760 2.92 -24.35 -27.60
C ALA B 760 3.06 -24.78 -26.14
N ALA B 761 4.27 -25.21 -25.76
CA ALA B 761 4.48 -25.68 -24.40
C ALA B 761 4.20 -24.60 -23.38
N ALA B 762 4.65 -23.37 -23.64
CA ALA B 762 4.43 -22.28 -22.68
C ALA B 762 2.98 -21.81 -22.69
N LEU B 763 2.33 -21.85 -23.85
CA LEU B 763 0.93 -21.46 -23.93
C LEU B 763 0.05 -22.41 -23.15
N TYR B 764 0.44 -23.68 -23.04
CA TYR B 764 -0.32 -24.57 -22.17
C TYR B 764 -0.32 -24.05 -20.73
N PHE B 765 0.85 -23.77 -20.18
CA PHE B 765 0.95 -23.32 -18.80
C PHE B 765 0.41 -21.91 -18.60
N PHE B 766 0.36 -21.10 -19.65
CA PHE B 766 -0.12 -19.73 -19.49
C PHE B 766 -1.56 -19.69 -19.00
N PHE B 767 -2.34 -20.73 -19.24
CA PHE B 767 -3.76 -20.73 -18.93
C PHE B 767 -4.08 -21.34 -17.56
N GLN B 768 -3.09 -21.78 -16.81
CA GLN B 768 -3.30 -22.27 -15.44
C GLN B 768 -3.08 -21.10 -14.49
N ASN B 769 -4.18 -20.53 -13.99
CA ASN B 769 -4.12 -19.41 -13.07
C ASN B 769 -4.35 -19.91 -11.65
N LEU B 770 -3.33 -19.76 -10.81
CA LEU B 770 -3.41 -20.18 -9.41
C LEU B 770 -3.83 -19.05 -8.48
N SER B 771 -3.97 -17.83 -9.00
CA SER B 771 -4.39 -16.70 -8.18
C SER B 771 -4.88 -15.61 -9.13
N SER B 772 -5.49 -14.58 -8.55
CA SER B 772 -6.03 -13.48 -9.34
C SER B 772 -6.38 -12.33 -8.42
N TRP B 773 -6.04 -11.11 -8.83
CA TRP B 773 -6.37 -9.91 -8.09
C TRP B 773 -7.70 -9.30 -8.52
N GLU B 774 -8.41 -9.92 -9.46
CA GLU B 774 -9.70 -9.39 -9.87
C GLU B 774 -10.71 -9.41 -8.73
N GLY B 775 -10.73 -10.49 -7.95
CA GLY B 775 -11.66 -10.64 -6.85
C GLY B 775 -11.01 -10.41 -5.50
N THR B 776 -11.75 -10.77 -4.46
CA THR B 776 -11.27 -10.61 -3.10
C THR B 776 -10.20 -11.66 -2.78
N PRO B 777 -9.42 -11.43 -1.73
CA PRO B 777 -8.35 -12.39 -1.41
C PRO B 777 -8.84 -13.81 -1.20
N ALA B 778 -10.02 -14.00 -0.63
CA ALA B 778 -10.55 -15.35 -0.44
C ALA B 778 -10.85 -16.03 -1.78
N GLU B 779 -11.45 -15.29 -2.71
CA GLU B 779 -11.72 -15.86 -4.02
C GLU B 779 -10.43 -16.26 -4.72
N SER B 780 -9.40 -15.42 -4.63
CA SER B 780 -8.10 -15.78 -5.20
C SER B 780 -7.52 -17.01 -4.51
N ARG B 781 -7.60 -17.08 -3.19
CA ARG B 781 -7.10 -18.23 -2.46
C ARG B 781 -7.84 -19.50 -2.84
N GLU B 782 -9.08 -19.40 -3.31
CA GLU B 782 -9.81 -20.58 -3.73
C GLU B 782 -9.10 -21.32 -4.87
N LYS B 783 -8.23 -20.64 -5.62
CA LYS B 783 -7.60 -21.22 -6.79
C LYS B 783 -6.21 -21.78 -6.53
N ASN B 784 -5.69 -21.65 -5.31
CA ASN B 784 -4.33 -22.08 -5.05
C ASN B 784 -4.16 -23.56 -5.36
N ARG B 785 -2.90 -23.97 -5.52
CA ARG B 785 -2.56 -25.33 -5.90
C ARG B 785 -1.18 -25.67 -5.36
N GLU B 786 -0.96 -26.95 -5.10
CA GLU B 786 0.38 -27.42 -4.79
C GLU B 786 1.23 -27.42 -6.04
N CYS B 787 2.55 -27.43 -5.85
CA CYS B 787 3.49 -27.33 -6.94
C CYS B 787 4.13 -28.67 -7.24
N ILE B 788 4.50 -28.88 -8.49
CA ILE B 788 4.76 -30.21 -9.03
C ILE B 788 6.24 -30.50 -9.18
N LEU B 789 6.99 -29.62 -9.85
CA LEU B 789 8.36 -29.91 -10.22
C LEU B 789 9.27 -29.83 -9.00
N LEU B 790 9.80 -30.97 -8.58
CA LEU B 790 10.82 -31.04 -7.53
C LEU B 790 10.30 -30.50 -6.20
N ASP B 791 8.98 -30.46 -6.03
CA ASP B 791 8.35 -29.97 -4.81
C ASP B 791 8.60 -28.49 -4.58
N PHE B 792 8.97 -27.75 -5.63
CA PHE B 792 9.37 -26.36 -5.45
C PHE B 792 8.65 -25.41 -6.42
N PHE B 793 8.31 -25.89 -7.61
CA PHE B 793 7.82 -25.02 -8.67
C PHE B 793 6.39 -25.38 -9.04
N ASP B 794 5.53 -24.36 -9.11
CA ASP B 794 4.15 -24.51 -9.55
C ASP B 794 4.06 -24.25 -11.04
N ASP B 795 2.83 -24.08 -11.55
CA ASP B 795 2.62 -23.84 -12.97
C ASP B 795 3.27 -22.53 -13.42
N HIS B 796 3.16 -21.48 -12.61
CA HIS B 796 3.62 -20.17 -13.04
C HIS B 796 5.13 -20.14 -13.26
N ASP B 797 5.90 -20.85 -12.44
CA ASP B 797 7.34 -20.90 -12.65
C ASP B 797 7.66 -21.58 -13.98
N ILE B 798 6.96 -22.67 -14.29
CA ILE B 798 7.15 -23.32 -15.59
C ILE B 798 6.80 -22.35 -16.70
N TRP B 799 5.75 -21.54 -16.51
CA TRP B 799 5.39 -20.55 -17.50
C TRP B 799 6.52 -19.54 -17.70
N HIS B 800 7.13 -19.09 -16.62
CA HIS B 800 8.26 -18.17 -16.72
C HIS B 800 9.37 -18.78 -17.56
N PHE B 801 9.77 -20.02 -17.21
CA PHE B 801 10.85 -20.68 -17.95
C PHE B 801 10.51 -20.79 -19.44
N LEU B 802 9.32 -21.31 -19.74
CA LEU B 802 8.94 -21.56 -21.12
C LEU B 802 8.84 -20.28 -21.91
N SER B 803 8.26 -19.23 -21.32
CA SER B 803 8.15 -17.96 -22.02
C SER B 803 9.52 -17.38 -22.31
N ALA B 804 10.44 -17.45 -21.34
CA ALA B 804 11.79 -16.96 -21.60
C ALA B 804 12.42 -17.70 -22.78
N THR B 805 12.34 -19.03 -22.77
CA THR B 805 12.94 -19.80 -23.85
C THR B 805 12.32 -19.47 -25.20
N ALA B 806 10.98 -19.40 -25.25
CA ALA B 806 10.30 -19.13 -26.50
C ALA B 806 10.64 -17.75 -27.05
N LEU B 807 10.68 -16.75 -26.18
CA LEU B 807 11.04 -15.41 -26.63
C LEU B 807 12.47 -15.38 -27.15
N PHE B 808 13.38 -16.05 -26.45
CA PHE B 808 14.77 -16.10 -26.92
C PHE B 808 14.86 -16.70 -28.30
N PHE B 809 14.18 -17.84 -28.52
CA PHE B 809 14.27 -18.47 -29.83
C PHE B 809 13.57 -17.66 -30.91
N SER B 810 12.49 -16.98 -30.57
CA SER B 810 11.85 -16.10 -31.55
C SER B 810 12.79 -14.97 -31.96
N PHE B 811 13.47 -14.36 -30.99
CA PHE B 811 14.43 -13.31 -31.31
C PHE B 811 15.56 -13.85 -32.18
N LEU B 812 16.05 -15.05 -31.87
CA LEU B 812 17.09 -15.65 -32.70
C LEU B 812 16.61 -15.90 -34.11
N VAL B 813 15.37 -16.35 -34.29
CA VAL B 813 14.81 -16.52 -35.62
C VAL B 813 14.78 -15.19 -36.34
N LEU B 814 14.35 -14.14 -35.65
CA LEU B 814 14.27 -12.82 -36.28
C LEU B 814 15.63 -12.33 -36.73
N LEU B 815 16.67 -12.53 -35.91
CA LEU B 815 17.98 -11.97 -36.22
C LEU B 815 18.61 -12.64 -37.43
N THR B 816 18.54 -13.98 -37.49
CA THR B 816 19.28 -14.74 -38.48
C THR B 816 18.39 -15.29 -39.59
N LEU B 817 17.22 -14.70 -39.81
CA LEU B 817 16.35 -15.17 -40.89
C LEU B 817 16.99 -14.95 -42.25
N ASP B 818 17.64 -13.81 -42.45
CA ASP B 818 18.20 -13.44 -43.76
C ASP B 818 19.71 -13.66 -43.71
N ASP B 819 20.13 -14.88 -44.06
CA ASP B 819 21.54 -15.21 -44.20
C ASP B 819 21.91 -15.70 -45.59
N ASP B 820 20.98 -16.33 -46.31
CA ASP B 820 21.25 -16.72 -47.69
C ASP B 820 21.51 -15.51 -48.57
N LEU B 821 20.81 -14.41 -48.33
CA LEU B 821 21.00 -13.19 -49.12
C LEU B 821 22.43 -12.66 -49.04
N ASP B 822 23.25 -13.20 -48.15
CA ASP B 822 24.66 -12.81 -48.11
C ASP B 822 25.40 -13.26 -49.35
N VAL B 823 24.87 -14.24 -50.09
CA VAL B 823 25.54 -14.69 -51.31
C VAL B 823 25.68 -13.54 -52.30
N VAL B 824 24.63 -12.75 -52.47
CA VAL B 824 24.70 -11.57 -53.32
C VAL B 824 25.59 -10.54 -52.64
N ARG B 825 26.78 -10.34 -53.16
CA ARG B 825 27.76 -9.44 -52.56
C ARG B 825 27.44 -8.00 -52.96
N ARG B 826 28.42 -7.11 -52.79
CA ARG B 826 28.29 -5.70 -53.17
C ARG B 826 27.11 -5.05 -52.45
N ASP B 827 27.22 -5.03 -51.12
CA ASP B 827 26.25 -4.36 -50.26
C ASP B 827 24.88 -5.03 -50.35
N GLN B 828 24.84 -6.26 -49.84
CA GLN B 828 23.61 -7.03 -49.79
C GLN B 828 22.63 -6.42 -48.79
N ILE B 829 21.49 -7.06 -48.64
CA ILE B 829 20.41 -6.50 -47.81
C ILE B 829 20.94 -6.27 -46.39
N PRO B 830 20.73 -5.08 -45.80
CA PRO B 830 21.16 -4.75 -44.45
C PRO B 830 20.16 -5.16 -43.38
C1 NAG C . -13.28 -15.55 54.06
C2 NAG C . -14.40 -14.67 54.59
C3 NAG C . -14.86 -15.17 55.95
C4 NAG C . -15.19 -16.66 55.90
C5 NAG C . -14.04 -17.45 55.27
C6 NAG C . -14.39 -18.89 55.03
C7 NAG C . -14.85 -12.26 54.81
C8 NAG C . -14.24 -10.89 54.87
N2 NAG C . -13.99 -13.28 54.66
O3 NAG C . -16.01 -14.44 56.37
O4 NAG C . -15.40 -17.15 57.22
O5 NAG C . -13.71 -16.89 53.98
O6 NAG C . -14.23 -19.26 53.67
O7 NAG C . -16.06 -12.44 54.87
C1 NAG C . -16.80 -17.12 57.55
C2 NAG C . -16.95 -16.55 58.95
C3 NAG C . -18.42 -16.47 59.33
C4 NAG C . -19.20 -15.69 58.28
C5 NAG C . -18.95 -16.29 56.90
C6 NAG C . -19.60 -15.50 55.79
C7 NAG C . -15.46 -16.81 60.89
C8 NAG C . -14.77 -17.77 61.80
N2 NAG C . -16.21 -17.35 59.92
O3 NAG C . -18.55 -15.82 60.60
O4 NAG C . -20.60 -15.75 58.57
O5 NAG C . -17.55 -16.32 56.62
O6 NAG C . -19.53 -14.11 56.03
O7 NAG C . -15.34 -15.60 61.03
C1 NAG D . -8.69 5.14 44.19
C2 NAG D . -9.47 6.05 45.10
C3 NAG D . -9.37 7.48 44.61
C4 NAG D . -7.91 7.89 44.46
C5 NAG D . -7.14 6.87 43.62
C6 NAG D . -5.65 7.12 43.61
C7 NAG D . -11.62 5.32 44.16
C8 NAG D . -13.02 4.90 44.46
N2 NAG D . -10.86 5.63 45.22
O3 NAG D . -10.03 8.35 45.53
O4 NAG D . -7.83 9.16 43.81
O5 NAG D . -7.32 5.55 44.15
O6 NAG D . -5.01 6.48 44.69
O7 NAG D . -11.18 5.36 43.01
C1 NAG D . -7.71 10.20 44.80
C2 NAG D . -6.77 11.28 44.25
C3 NAG D . -6.65 12.43 45.23
C4 NAG D . -8.03 12.97 45.60
C5 NAG D . -8.91 11.83 46.09
C6 NAG D . -10.33 12.26 46.37
C7 NAG D . -4.94 10.69 42.72
C8 NAG D . -5.79 11.28 41.63
N2 NAG D . -5.46 10.72 43.95
O3 NAG D . -5.87 13.47 44.64
O4 NAG D . -7.92 13.95 46.62
O5 NAG D . -8.98 10.79 45.11
O6 NAG D . -11.03 11.31 47.16
O7 NAG D . -3.83 10.22 42.49
C1 NAG E . -40.57 -14.13 38.75
C2 NAG E . -40.12 -15.41 39.44
C3 NAG E . -41.11 -15.77 40.55
C4 NAG E . -41.31 -14.59 41.49
C5 NAG E . -41.65 -13.32 40.70
C6 NAG E . -41.70 -12.08 41.57
C7 NAG E . -39.46 -17.68 38.79
C8 NAG E . -39.44 -18.69 37.68
N2 NAG E . -40.01 -16.50 38.49
O3 NAG E . -40.60 -16.88 41.29
O4 NAG E . -42.40 -14.87 42.37
O5 NAG E . -40.65 -13.07 39.70
O6 NAG E . -40.81 -11.09 41.11
O7 NAG E . -39.03 -17.94 39.91
C1 NAG E . -41.91 -15.39 43.63
C2 NAG E . -42.82 -16.52 44.05
C3 NAG E . -42.32 -17.14 45.36
C4 NAG E . -40.87 -17.54 45.24
C5 NAG E . -40.03 -16.36 44.76
C6 NAG E . -38.58 -16.73 44.50
C7 NAG E . -45.25 -16.82 43.81
C8 NAG E . -46.59 -16.19 44.03
N2 NAG E . -44.20 -16.08 44.19
O3 NAG E . -43.12 -18.27 45.68
O4 NAG E . -40.37 -17.98 46.50
O5 NAG E . -40.56 -15.86 43.52
O6 NAG E . -38.36 -18.11 44.69
O7 NAG E . -45.11 -17.94 43.33
C1 NAG F . -29.73 -26.22 22.04
C2 NAG F . -29.81 -27.61 22.65
C3 NAG F . -29.09 -28.61 21.76
C4 NAG F . -29.64 -28.54 20.33
C5 NAG F . -29.64 -27.10 19.82
C6 NAG F . -30.34 -26.95 18.49
C7 NAG F . -28.11 -27.08 24.33
C8 NAG F . -27.71 -27.20 25.77
N2 NAG F . -29.28 -27.63 23.99
O3 NAG F . -29.26 -29.92 22.28
O4 NAG F . -28.84 -29.34 19.47
O5 NAG F . -30.31 -26.23 20.74
O6 NAG F . -31.70 -26.58 18.67
O7 NAG F . -27.40 -26.52 23.51
C1 NAG F . -29.42 -30.64 19.32
C2 NAG F . -29.21 -31.09 17.88
C3 NAG F . -29.77 -32.50 17.68
C4 NAG F . -29.18 -33.45 18.71
C5 NAG F . -29.39 -32.91 20.11
C6 NAG F . -28.73 -33.75 21.17
C7 NAG F . -29.13 -29.47 16.04
C8 NAG F . -27.65 -29.70 16.03
N2 NAG F . -29.83 -30.16 16.95
O3 NAG F . -29.45 -32.95 16.37
O4 NAG F . -29.80 -34.73 18.60
O5 NAG F . -28.83 -31.59 20.22
O6 NAG F . -29.18 -33.40 22.48
O7 NAG F . -29.67 -28.69 15.26
ZN ZN G . 4.81 19.11 -2.79
CA CA H . -20.85 1.44 18.22
C1 NAG I . -36.39 2.62 41.53
C2 NAG I . -37.20 1.49 42.15
C3 NAG I . -38.68 1.68 41.89
C4 NAG I . -39.12 3.06 42.37
C5 NAG I . -38.24 4.14 41.75
C6 NAG I . -38.54 5.53 42.28
C7 NAG I . -36.69 -0.90 42.38
C8 NAG I . -36.21 -2.15 41.68
N2 NAG I . -36.76 0.19 41.63
O3 NAG I . -39.42 0.67 42.57
O4 NAG I . -40.47 3.30 42.02
O5 NAG I . -36.86 3.88 42.04
O6 NAG I . -39.38 5.47 43.43
O7 NAG I . -36.99 -0.91 43.56
C1 NAG J . -40.40 15.80 22.32
C2 NAG J . -39.68 16.80 21.42
C3 NAG J . -39.30 18.04 22.21
C4 NAG J . -40.53 18.63 22.90
C5 NAG J . -41.23 17.56 23.73
C6 NAG J . -42.52 18.05 24.34
C7 NAG J . -38.01 16.57 19.63
C8 NAG J . -36.79 15.84 19.16
N2 NAG J . -38.50 16.19 20.82
O3 NAG J . -38.73 19.01 21.33
O4 NAG J . -40.13 19.70 23.75
O5 NAG J . -41.55 16.44 22.91
O6 NAG J . -42.69 19.45 24.16
O7 NAG J . -38.53 17.45 18.96
C1 CLR K . 3.28 39.53 -18.19
C2 CLR K . 2.52 40.18 -17.03
C3 CLR K . 2.93 39.57 -15.71
C4 CLR K . 4.44 39.72 -15.52
C5 CLR K . 5.20 39.16 -16.68
C6 CLR K . 6.22 38.32 -16.48
C7 CLR K . 7.14 37.82 -17.53
C8 CLR K . 6.96 38.52 -18.86
C9 CLR K . 5.46 38.72 -19.14
C10 CLR K . 4.81 39.64 -18.07
C11 CLR K . 5.20 39.19 -20.57
C12 CLR K . 5.90 38.33 -21.64
C13 CLR K . 7.40 38.29 -21.40
C14 CLR K . 7.59 37.72 -19.99
C15 CLR K . 9.08 37.42 -19.89
C16 CLR K . 9.46 36.97 -21.31
C17 CLR K . 8.21 37.23 -22.21
C18 CLR K . 8.03 39.67 -21.56
C19 CLR K . 5.24 41.09 -18.22
C20 CLR K . 8.62 37.51 -23.66
C21 CLR K . 7.46 37.87 -24.56
C22 CLR K . 9.37 36.28 -24.20
C23 CLR K . 10.66 36.57 -24.97
C24 CLR K . 10.47 36.39 -26.48
C25 CLR K . 11.76 36.44 -27.30
C26 CLR K . 11.45 36.16 -28.77
C27 CLR K . 12.47 37.79 -27.17
O1 CLR K . 2.21 40.20 -14.67
C1 CLR L . -11.77 21.72 -11.87
C2 CLR L . -10.49 21.73 -12.70
C3 CLR L . -10.50 22.84 -13.73
C4 CLR L . -10.77 24.20 -13.05
C5 CLR L . -11.99 24.16 -12.18
C6 CLR L . -13.00 24.99 -12.40
C7 CLR L . -14.18 25.13 -11.49
C8 CLR L . -14.00 24.39 -10.18
C9 CLR L . -13.42 22.99 -10.46
C10 CLR L . -12.03 23.06 -11.14
C11 CLR L . -13.44 22.12 -9.20
C12 CLR L . -14.79 22.09 -8.48
C13 CLR L . -15.26 23.49 -8.12
C14 CLR L . -15.32 24.27 -9.44
C15 CLR L . -16.07 25.54 -9.09
C16 CLR L . -17.06 25.11 -7.99
C17 CLR L . -16.74 23.63 -7.67
C18 CLR L . -14.33 24.14 -7.10
C19 CLR L . -10.91 23.31 -10.12
C20 CLR L . -17.12 23.25 -6.23
C21 CLR L . -16.98 21.75 -5.95
C22 CLR L . -18.55 23.72 -5.94
C23 CLR L . -19.18 23.19 -4.66
C24 CLR L . -19.96 21.90 -4.89
C25 CLR L . -20.32 21.11 -3.62
C26 CLR L . -21.18 19.90 -3.97
C27 CLR L . -19.08 20.68 -2.84
O1 CLR L . -9.27 22.84 -14.41
C1 CLR M . 13.77 32.59 7.01
C2 CLR M . 13.41 32.45 8.49
C3 CLR M . 13.74 31.08 9.01
C4 CLR M . 15.20 30.74 8.74
C5 CLR M . 15.59 30.96 7.30
C6 CLR M . 16.11 29.96 6.59
C7 CLR M . 16.63 30.10 5.20
C8 CLR M . 16.75 31.56 4.78
C9 CLR M . 15.46 32.30 5.17
C10 CLR M . 15.24 32.31 6.71
C11 CLR M . 15.40 33.71 4.56
C12 CLR M . 15.75 33.77 3.07
C13 CLR M . 17.10 33.12 2.78
C14 CLR M . 16.95 31.67 3.28
C15 CLR M . 18.14 30.94 2.67
C16 CLR M . 18.25 31.56 1.27
C17 CLR M . 17.46 32.90 1.28
C18 CLR M . 18.23 33.86 3.50
C19 CLR M . 16.12 33.37 7.40
C20 CLR M . 18.22 33.99 0.52
C21 CLR M . 17.68 35.40 0.79
C22 CLR M . 18.20 33.68 -0.98
C23 CLR M . 19.07 34.56 -1.85
C24 CLR M . 19.07 34.10 -3.30
C25 CLR M . 19.46 32.63 -3.51
C26 CLR M . 19.16 32.20 -4.94
C27 CLR M . 20.92 32.37 -3.18
O1 CLR M . 13.43 31.02 10.38
C1 CLR N . 11.47 36.76 2.86
C2 CLR N . 12.49 37.42 1.95
C3 CLR N . 11.85 37.90 0.66
C4 CLR N . 10.64 38.79 0.94
C5 CLR N . 9.68 38.17 1.92
C6 CLR N . 8.42 37.92 1.57
C7 CLR N . 7.36 37.45 2.51
C8 CLR N . 7.83 37.51 3.95
C9 CLR N . 9.25 36.90 4.06
C10 CLR N . 10.29 37.69 3.23
C11 CLR N . 9.67 36.71 5.52
C12 CLR N . 8.61 36.04 6.41
C13 CLR N . 7.28 36.78 6.35
C14 CLR N . 6.88 36.76 4.86
C15 CLR N . 5.41 37.16 4.86
C16 CLR N . 4.85 36.48 6.11
C17 CLR N . 6.07 36.08 7.00
C18 CLR N . 7.41 38.20 6.89
C19 CLR N . 10.81 38.91 3.99
C20 CLR N . 5.77 36.33 8.50
C21 CLR N . 6.93 35.93 9.40
C22 CLR N . 4.49 35.59 8.91
C23 CLR N . 3.83 36.09 10.19
C24 CLR N . 4.49 35.48 11.44
C25 CLR N . 4.04 36.10 12.77
C26 CLR N . 2.53 36.30 12.78
C27 CLR N . 4.47 35.26 13.96
O1 CLR N . 12.83 38.58 -0.10
C1 CLR O . -9.45 11.43 -9.40
C2 CLR O . -10.19 10.66 -8.30
C3 CLR O . -9.43 9.40 -7.93
C4 CLR O . -8.02 9.77 -7.47
C5 CLR O . -7.29 10.58 -8.50
C6 CLR O . -6.04 10.26 -8.85
C7 CLR O . -5.19 11.04 -9.79
C8 CLR O . -5.77 12.41 -10.16
C9 CLR O . -7.30 12.31 -10.32
C10 CLR O . -8.00 11.81 -9.03
C11 CLR O . -7.87 13.62 -10.86
C12 CLR O . -7.21 14.09 -12.15
C13 CLR O . -5.69 14.23 -11.99
C14 CLR O . -5.17 12.89 -11.47
C15 CLR O . -3.65 13.03 -11.56
C16 CLR O . -3.44 13.89 -12.83
C17 CLR O . -4.86 14.35 -13.29
C18 CLR O . -5.35 15.39 -11.05
C19 CLR O . -8.01 12.88 -7.93
C20 CLR O . -4.82 15.67 -14.06
C21 CLR O . -6.13 16.00 -14.76
C22 CLR O . -3.67 15.64 -15.07
C23 CLR O . -3.69 16.74 -16.13
C24 CLR O . -2.49 16.66 -17.08
C25 CLR O . -2.39 17.80 -18.09
C26 CLR O . -1.15 17.61 -18.97
C27 CLR O . -3.64 17.92 -18.95
O1 CLR O . -10.16 8.71 -6.92
C1 CLR P . 19.93 27.51 -0.12
C2 CLR P . 20.65 28.85 -0.21
C3 CLR P . 21.77 28.93 0.80
C4 CLR P . 22.73 27.76 0.61
C5 CLR P . 22.03 26.43 0.62
C6 CLR P . 22.39 25.49 1.49
C7 CLR P . 21.80 24.13 1.56
C8 CLR P . 20.94 23.80 0.34
C9 CLR P . 20.04 25.00 -0.01
C10 CLR P . 20.85 26.29 -0.32
C11 CLR P . 19.04 24.64 -1.12
C12 CLR P . 18.27 23.34 -0.87
C13 CLR P . 19.21 22.16 -0.59
C14 CLR P . 20.05 22.61 0.61
C15 CLR P . 20.67 21.33 1.14
C16 CLR P . 19.48 20.36 1.08
C17 CLR P . 18.55 20.85 -0.06
C18 CLR P . 20.08 21.86 -1.82
C19 CLR P . 21.38 26.29 -1.77
C20 CLR P . 18.24 19.73 -1.06
C21 CLR P . 17.27 20.14 -2.16
C22 CLR P . 17.70 18.50 -0.31
C23 CLR P . 16.20 18.51 -0.06
C24 CLR P . 15.62 17.10 0.07
C25 CLR P . 16.12 16.29 1.25
C26 CLR P . 16.47 17.20 2.42
C27 CLR P . 15.10 15.24 1.70
O1 CLR P . 22.43 30.18 0.65
C1 OLA Q . -16.87 14.85 -8.07
O1 OLA Q . -18.08 14.61 -7.84
O2 OLA Q . -16.54 15.99 -8.48
C2 OLA Q . -15.82 13.77 -7.88
C3 OLA Q . -14.54 14.21 -8.57
C4 OLA Q . -13.44 14.48 -7.54
C5 OLA Q . -12.36 15.39 -8.14
C6 OLA Q . -12.32 15.23 -9.65
C7 OLA Q . -12.72 16.53 -10.35
C8 OLA Q . -11.58 17.54 -10.29
C9 OLA Q . -10.26 16.81 -10.34
C10 OLA Q . -9.01 17.56 -10.22
C11 OLA Q . -8.85 18.87 -10.94
C12 OLA Q . -7.44 19.39 -10.77
C13 OLA Q . -7.23 20.71 -11.51
C14 OLA Q . -5.90 20.71 -12.24
C15 OLA Q . -4.84 19.99 -11.43
C16 OLA Q . -3.52 19.95 -12.18
C17 OLA Q . -2.61 18.86 -11.61
C18 OLA Q . -1.28 18.83 -12.35
C1 SPL R . 10.98 19.71 -4.58
O1 SPL R . 9.78 18.98 -4.54
C2 SPL R . 11.70 19.41 -5.89
N2 SPL R . 13.07 18.98 -5.65
C3 SPL R . 11.64 20.58 -6.90
O3 SPL R . 10.43 20.55 -7.61
C4 SPL R . 12.86 20.63 -7.78
C5 SPL R . 12.94 20.58 -9.10
C6 SPL R . 11.78 20.45 -10.04
C7 SPL R . 12.21 19.91 -11.40
C8 SPL R . 12.66 21.00 -12.36
C9 SPL R . 13.74 20.56 -13.33
C10 SPL R . 15.08 20.34 -12.65
C11 SPL R . 16.25 20.17 -13.62
C12 SPL R . 16.16 18.91 -14.46
C13 SPL R . 15.31 19.07 -15.71
C14 SPL R . 15.89 20.09 -16.68
C15 SPL R . 17.28 19.72 -17.19
C16 SPL R . 17.93 20.84 -17.99
C17 SPL R . 19.30 20.47 -18.55
C18 SPL R . 20.27 20.00 -17.47
C19 SPL R . 14.07 19.67 -5.06
O19 SPL R . 15.20 19.20 -4.92
C20 SPL R . 13.74 21.08 -4.62
C21 SPL R . 14.43 22.17 -5.43
C22 SPL R . 15.81 22.51 -4.89
C23 SPL R . 16.19 23.97 -5.16
C24 SPL R . 17.59 24.34 -4.68
C25 SPL R . 17.84 25.83 -4.65
C26 SPL R . 17.46 26.54 -5.94
C1 CLR S . 17.29 -6.13 1.86
C2 CLR S . 17.25 -6.34 3.38
C3 CLR S . 17.99 -7.60 3.78
C4 CLR S . 19.41 -7.58 3.25
C5 CLR S . 19.48 -7.28 1.77
C6 CLR S . 20.16 -8.07 0.94
C7 CLR S . 20.42 -7.77 -0.50
C8 CLR S . 20.02 -6.35 -0.88
C9 CLR S . 18.66 -6.02 -0.25
C10 CLR S . 18.72 -6.05 1.29
C11 CLR S . 18.08 -4.71 -0.80
C12 CLR S . 18.11 -4.60 -2.33
C13 CLR S . 19.53 -4.80 -2.86
C14 CLR S . 19.97 -6.19 -2.39
C15 CLR S . 21.21 -6.51 -3.20
C16 CLR S . 20.97 -5.80 -4.54
C17 CLR S . 19.69 -4.94 -4.39
C18 CLR S . 20.47 -3.70 -2.34
C19 CLR S . 19.43 -4.81 1.87
C20 CLR S . 19.74 -3.68 -5.26
C21 CLR S . 18.43 -2.89 -5.24
C22 CLR S . 20.11 -4.04 -6.70
C23 CLR S . 19.73 -2.99 -7.74
C24 CLR S . 20.28 -3.33 -9.13
C25 CLR S . 19.95 -2.32 -10.22
C26 CLR S . 20.74 -2.63 -11.49
C27 CLR S . 18.46 -2.28 -10.53
O1 CLR S . 17.95 -7.69 5.19
ZN ZN T . 4.60 -14.02 -13.45
CA CA U . -3.27 -14.68 23.31
C1 NAG V . -13.57 -30.08 44.53
C2 NAG V . -13.90 -29.57 45.93
C3 NAG V . -12.87 -30.06 46.94
C4 NAG V . -12.72 -31.58 46.87
C5 NAG V . -12.42 -32.00 45.43
C6 NAG V . -12.39 -33.50 45.26
C7 NAG V . -14.99 -27.46 46.54
C8 NAG V . -14.93 -25.97 46.46
N2 NAG V . -14.00 -28.12 45.95
O3 NAG V . -13.26 -29.67 48.25
O4 NAG V . -11.66 -31.99 47.71
O5 NAG V . -13.45 -31.51 44.56
O6 NAG V . -12.61 -34.17 46.50
O7 NAG V . -15.91 -28.04 47.12
C1 NAG W . 7.55 -33.92 34.29
C2 NAG W . 8.15 -34.18 32.91
C3 NAG W . 7.65 -35.53 32.37
C4 NAG W . 7.92 -36.63 33.38
C5 NAG W . 7.34 -36.27 34.74
C6 NAG W . 7.68 -37.27 35.82
C7 NAG W . 8.63 -32.75 30.98
C8 NAG W . 8.14 -31.61 30.12
N2 NAG W . 7.83 -33.11 31.98
O3 NAG W . 8.30 -35.81 31.14
O4 NAG W . 7.33 -37.85 32.93
O5 NAG W . 7.87 -35.00 35.17
O6 NAG W . 8.32 -38.42 35.27
O7 NAG W . 9.71 -33.30 30.78
C1 CLR X . -12.29 8.89 -10.56
C2 CLR X . -13.53 8.38 -9.83
C3 CLR X . -14.58 9.47 -9.72
C4 CLR X . -14.90 10.05 -11.10
C5 CLR X . -13.66 10.46 -11.86
C6 CLR X . -13.56 11.68 -12.40
C7 CLR X . -12.46 12.13 -13.30
C8 CLR X . -11.57 10.97 -13.75
C9 CLR X . -11.27 10.06 -12.54
C10 CLR X . -12.56 9.42 -11.97
C11 CLR X . -10.17 9.03 -12.85
C12 CLR X . -8.93 9.62 -13.52
C13 CLR X . -9.30 10.38 -14.80
C14 CLR X . -10.28 11.48 -14.35
C15 CLR X . -10.36 12.43 -15.54
C16 CLR X . -8.96 12.35 -16.18
C17 CLR X . -8.18 11.22 -15.45
C18 CLR X . -9.94 9.44 -15.84
C19 CLR X . -13.07 8.27 -12.86
C20 CLR X . -7.18 10.52 -16.37
C21 CLR X . -6.29 9.51 -15.65
C22 CLR X . -6.31 11.56 -17.10
C23 CLR X . -5.01 11.02 -17.66
C24 CLR X . -4.27 12.06 -18.51
C25 CLR X . -2.95 11.58 -19.12
C26 CLR X . -2.43 12.62 -20.12
C27 CLR X . -1.90 11.29 -18.07
O1 CLR X . -15.73 8.92 -9.11
C1 CLR Y . -4.98 -2.36 1.16
C2 CLR Y . -5.77 -3.47 0.49
C3 CLR Y . -5.48 -3.54 -1.00
C4 CLR Y . -3.99 -3.56 -1.30
C5 CLR Y . -3.20 -2.55 -0.51
C6 CLR Y . -2.42 -1.66 -1.12
C7 CLR Y . -1.45 -0.77 -0.43
C8 CLR Y . -1.31 -1.12 1.05
C9 CLR Y . -2.72 -1.31 1.64
C10 CLR Y . -3.46 -2.51 1.00
C11 CLR Y . -2.73 -1.32 3.17
C12 CLR Y . -1.88 -0.23 3.82
C13 CLR Y . -0.44 -0.27 3.32
C14 CLR Y . -0.56 -0.05 1.81
C15 CLR Y . 0.86 0.29 1.36
C16 CLR Y . 1.42 1.12 2.52
C17 CLR Y . 0.48 0.91 3.75
C18 CLR Y . 0.23 -1.60 3.66
C19 CLR Y . -3.01 -3.84 1.60
C20 CLR Y . 1.28 0.80 5.06
C21 CLR Y . 0.40 0.48 6.26
C22 CLR Y . 2.08 2.09 5.29
C23 CLR Y . 2.35 2.44 6.76
C24 CLR Y . 3.57 3.34 6.97
C25 CLR Y . 4.18 3.21 8.36
C26 CLR Y . 5.52 3.94 8.44
C27 CLR Y . 3.23 3.70 9.44
O1 CLR Y . -6.12 -4.70 -1.51
C1 SPL Z . 3.03 -12.23 -19.36
O1 SPL Z . 3.31 -11.85 -18.03
C2 SPL Z . 3.58 -11.17 -20.30
N2 SPL Z . 2.52 -10.55 -21.06
C3 SPL Z . 4.72 -11.69 -21.21
O3 SPL Z . 5.94 -11.68 -20.53
C4 SPL Z . 4.74 -10.97 -22.54
C5 SPL Z . 5.76 -10.34 -23.12
C6 SPL Z . 7.14 -10.20 -22.56
C7 SPL Z . 7.90 -9.02 -23.17
C8 SPL Z . 8.66 -9.41 -24.42
C9 SPL Z . 8.77 -8.30 -25.46
C10 SPL Z . 7.45 -8.01 -26.15
C11 SPL Z . 7.57 -7.14 -27.39
C12 SPL Z . 8.03 -5.72 -27.08
C13 SPL Z . 9.55 -5.57 -26.98
C14 SPL Z . 10.26 -5.92 -28.28
C15 SPL Z . 9.86 -5.02 -29.46
C16 SPL Z . 10.40 -5.51 -30.79
C17 SPL Z . 10.02 -4.61 -31.96
C18 SPL Z . 8.52 -4.36 -32.05
C19 SPL Z . 1.68 -11.12 -21.96
O19 SPL Z . 0.80 -10.50 -22.54
C20 SPL Z . 1.87 -12.60 -22.19
C21 SPL Z . 2.43 -12.94 -23.57
C22 SPL Z . 1.33 -13.17 -24.61
C23 SPL Z . 1.72 -14.22 -25.63
C24 SPL Z . 0.68 -14.40 -26.74
C25 SPL Z . 0.92 -15.65 -27.59
C26 SPL Z . 2.35 -15.75 -28.10
C1 CLR AA . 23.18 -24.90 -27.50
C2 CLR AA . 22.82 -26.18 -26.73
C3 CLR AA . 21.38 -26.13 -26.28
C4 CLR AA . 20.47 -25.94 -27.50
C5 CLR AA . 20.85 -24.74 -28.31
C6 CLR AA . 19.93 -23.85 -28.68
C7 CLR AA . 20.17 -22.71 -29.62
C8 CLR AA . 21.54 -22.78 -30.28
C9 CLR AA . 22.60 -23.21 -29.27
C10 CLR AA . 22.30 -24.64 -28.73
C11 CLR AA . 24.02 -23.03 -29.80
C12 CLR AA . 24.29 -21.65 -30.39
C13 CLR AA . 23.29 -21.32 -31.51
C14 CLR AA . 21.90 -21.43 -30.87
C15 CLR AA . 20.96 -20.84 -31.92
C16 CLR AA . 21.79 -19.70 -32.54
C17 CLR AA . 23.25 -19.84 -31.99
C18 CLR AA . 23.46 -22.27 -32.70
C19 CLR AA . 22.57 -25.71 -29.80
C20 CLR AA . 24.26 -19.32 -33.01
C21 CLR AA . 25.71 -19.52 -32.57
C22 CLR AA . 23.99 -17.84 -33.28
C23 CLR AA . 24.07 -17.39 -34.73
C24 CLR AA . 25.41 -16.75 -35.06
C25 CLR AA . 25.45 -15.94 -36.36
C26 CLR AA . 26.84 -15.35 -36.58
C27 CLR AA . 25.03 -16.76 -37.57
O1 CLR AA . 21.08 -27.33 -25.59
C1 CLR BA . 21.44 -16.41 -4.79
C2 CLR BA . 21.42 -15.71 -6.15
C3 CLR BA . 22.52 -16.23 -7.06
C4 CLR BA . 22.44 -17.74 -7.19
C5 CLR BA . 22.39 -18.43 -5.84
C6 CLR BA . 23.32 -19.32 -5.50
C7 CLR BA . 23.27 -20.16 -4.26
C8 CLR BA . 21.92 -20.03 -3.56
C9 CLR BA . 21.50 -18.56 -3.48
C10 CLR BA . 21.32 -17.94 -4.90
C11 CLR BA . 20.29 -18.36 -2.58
C12 CLR BA . 20.43 -19.01 -1.19
C13 CLR BA . 20.73 -20.51 -1.32
C14 CLR BA . 22.01 -20.62 -2.15
C15 CLR BA . 22.44 -22.07 -1.99
C16 CLR BA . 21.99 -22.44 -0.57
C17 CLR BA . 21.18 -21.23 -0.02
C18 CLR BA . 19.55 -21.25 -1.96
C19 CLR BA . 19.95 -18.31 -5.49
C20 CLR BA . 20.13 -21.65 1.01
C21 CLR BA . 19.42 -20.46 1.66
C22 CLR BA . 20.79 -22.54 2.08
C23 CLR BA . 19.95 -22.78 3.34
C24 CLR BA . 20.24 -21.76 4.43
C25 CLR BA . 19.25 -21.75 5.59
C26 CLR BA . 19.70 -20.76 6.66
C27 CLR BA . 17.83 -21.41 5.13
O1 CLR BA . 22.41 -15.58 -8.31
C1 CLR CA . -4.50 -27.59 -22.88
C2 CLR CA . -5.53 -28.23 -21.97
C3 CLR CA . -6.50 -27.20 -21.42
C4 CLR CA . -7.15 -26.42 -22.56
C5 CLR CA . -6.14 -25.85 -23.52
C6 CLR CA . -6.08 -24.55 -23.77
C7 CLR CA . -5.21 -23.92 -24.80
C8 CLR CA . -4.56 -24.95 -25.70
C9 CLR CA . -4.00 -26.10 -24.85
C10 CLR CA . -5.12 -26.84 -24.08
C11 CLR CA . -3.13 -27.05 -25.67
C12 CLR CA . -2.10 -26.36 -26.57
C13 CLR CA . -2.76 -25.32 -27.48
C14 CLR CA . -3.45 -24.34 -26.52
C15 CLR CA . -3.78 -23.12 -27.38
C16 CLR CA . -2.58 -23.03 -28.35
C17 CLR CA . -1.81 -24.37 -28.26
C18 CLR CA . -3.76 -25.98 -28.43
C19 CLR CA . -5.88 -27.84 -24.97
C20 CLR CA . -1.27 -24.79 -29.64
C21 CLR CA . -0.89 -26.27 -29.70
C22 CLR CA . -0.07 -23.91 -30.02
C23 CLR CA . 0.30 -23.92 -31.49
C24 CLR CA . 1.35 -22.85 -31.80
C25 CLR CA . 0.91 -21.41 -31.49
C26 CLR CA . 2.11 -20.47 -31.58
C27 CLR CA . -0.20 -20.93 -32.41
O1 CLR CA . -7.47 -27.85 -20.62
C1 CLR DA . 1.10 -29.93 -24.50
C2 CLR DA . 1.44 -29.85 -25.98
C3 CLR DA . 2.94 -29.88 -26.21
C4 CLR DA . 3.57 -31.09 -25.53
C5 CLR DA . 3.15 -31.23 -24.09
C6 CLR DA . 4.06 -31.20 -23.12
C7 CLR DA . 3.75 -31.47 -21.68
C8 CLR DA . 2.33 -32.01 -21.50
C9 CLR DA . 1.35 -31.16 -22.30
C10 CLR DA . 1.66 -31.21 -23.83
C11 CLR DA . -0.10 -31.49 -21.97
C12 CLR DA . -0.41 -31.59 -20.47
C13 CLR DA . 0.54 -32.56 -19.76
C14 CLR DA . 1.95 -32.01 -20.03
C15 CLR DA . 2.83 -32.74 -19.04
C16 CLR DA . 1.96 -32.83 -17.78
C17 CLR DA . 0.49 -32.56 -18.21
C18 CLR DA . 0.35 -33.97 -20.30
C19 CLR DA . 1.02 -32.45 -24.48
C20 CLR DA . -0.48 -33.51 -17.49
C21 CLR DA . -1.94 -33.30 -17.91
C22 CLR DA . -0.32 -33.38 -15.98
C23 CLR DA . -0.86 -34.53 -15.15
C24 CLR DA . -2.36 -34.41 -14.90
C25 CLR DA . -3.02 -35.64 -14.26
C26 CLR DA . -2.13 -36.20 -13.15
C27 CLR DA . -4.40 -35.32 -13.70
O1 CLR DA . 3.18 -29.88 -27.60
C1 CLR EA . 15.54 -8.15 -1.06
C2 CLR EA . 14.86 -8.16 0.31
C3 CLR EA . 13.83 -7.06 0.39
C4 CLR EA . 12.80 -7.23 -0.72
C5 CLR EA . 13.45 -7.27 -2.08
C6 CLR EA . 12.98 -6.54 -3.09
C7 CLR EA . 13.49 -6.57 -4.49
C8 CLR EA . 14.45 -7.72 -4.76
C9 CLR EA . 15.37 -7.96 -3.55
C10 CLR EA . 14.57 -8.27 -2.26
C11 CLR EA . 16.44 -8.99 -3.88
C12 CLR EA . 17.26 -8.65 -5.13
C13 CLR EA . 16.35 -8.47 -6.34
C14 CLR EA . 15.31 -7.41 -5.98
C15 CLR EA . 14.61 -7.10 -7.29
C16 CLR EA . 15.74 -7.22 -8.33
C17 CLR EA . 16.98 -7.77 -7.58
C18 CLR EA . 15.71 -9.79 -6.76
C19 CLR EA . 13.98 -9.68 -2.28
C20 CLR EA . 17.92 -8.56 -8.51
C21 CLR EA . 19.26 -8.88 -7.86
C22 CLR EA . 18.12 -7.79 -9.81
C23 CLR EA . 19.28 -8.28 -10.69
C24 CLR EA . 19.38 -7.49 -11.99
C25 CLR EA . 20.43 -8.00 -12.97
C26 CLR EA . 20.44 -7.13 -14.23
C27 CLR EA . 21.83 -8.04 -12.36
O1 CLR EA . 13.22 -7.09 1.68
C1 CLR FA . -3.42 -18.48 -28.27
C2 CLR FA . -3.37 -19.39 -29.49
C3 CLR FA . -4.77 -19.62 -30.04
C4 CLR FA . -5.44 -18.29 -30.36
C5 CLR FA . -5.41 -17.34 -29.19
C6 CLR FA . -6.55 -16.84 -28.71
C7 CLR FA . -6.64 -15.85 -27.60
C8 CLR FA . -5.29 -15.26 -27.24
C9 CLR FA . -4.22 -16.35 -27.19
C10 CLR FA . -4.06 -17.10 -28.54
C11 CLR FA . -2.89 -15.80 -26.65
C12 CLR FA . -3.02 -14.99 -25.35
C13 CLR FA . -4.05 -13.87 -25.48
C14 CLR FA . -5.35 -14.57 -25.89
C15 CLR FA . -6.44 -13.54 -25.63
C16 CLR FA . -6.01 -12.98 -24.27
C17 CLR FA . -4.46 -13.15 -24.17
C18 CLR FA . -3.60 -12.84 -26.52
C19 CLR FA . -3.19 -16.32 -29.52
C20 CLR FA . -3.78 -11.82 -23.80
C21 CLR FA . -2.26 -11.95 -23.63
C22 CLR FA . -4.41 -11.24 -22.53
C23 CLR FA . -3.86 -11.80 -21.22
C24 CLR FA . -3.95 -10.80 -20.07
C25 CLR FA . -5.36 -10.41 -19.66
C26 CLR FA . -6.35 -11.55 -19.93
C27 CLR FA . -5.45 -10.01 -18.19
O1 CLR FA . -4.66 -20.44 -31.18
C1 OLA GA . 19.28 -13.56 3.90
O1 OLA GA . 19.67 -13.75 5.07
O2 OLA GA . 19.73 -14.29 2.98
C2 OLA GA . 18.29 -12.46 3.60
C3 OLA GA . 18.27 -12.22 2.09
C4 OLA GA . 16.94 -12.63 1.48
C5 OLA GA . 17.09 -12.87 -0.02
C6 OLA GA . 18.25 -12.05 -0.58
C7 OLA GA . 19.35 -12.96 -1.10
C8 OLA GA . 18.96 -13.57 -2.44
C9 OLA GA . 18.11 -12.59 -3.20
C10 OLA GA . 17.55 -12.97 -4.50
C11 OLA GA . 18.40 -13.73 -5.49
C12 OLA GA . 17.62 -13.89 -6.79
C13 OLA GA . 18.46 -14.64 -7.82
C14 OLA GA . 18.35 -13.97 -9.19
C15 OLA GA . 16.94 -13.44 -9.40
C16 OLA GA . 16.82 -12.73 -10.75
C17 OLA GA . 15.61 -11.82 -10.77
C18 OLA GA . 15.49 -11.11 -12.11
#